data_2YZC
#
_entry.id   2YZC
#
_cell.length_a   85.498
_cell.length_b   122.942
_cell.length_c   284.784
_cell.angle_alpha   90.00
_cell.angle_beta   90.00
_cell.angle_gamma   90.00
#
_symmetry.space_group_name_H-M   'P 21 21 21'
#
loop_
_entity.id
_entity.type
_entity.pdbx_description
1 polymer Uricase
2 non-polymer 'ALLANTOATE ION'
3 water water
#
_entity_poly.entity_id   1
_entity_poly.type   'polypeptide(L)'
_entity_poly.pdbx_seq_one_letter_code
;MTATAETSTGTKVVLGQNQYGKAEVRLVKVTRNTARHEIQDLNVTSQLRGDFEAAHTAGDNAHVVATDTQKNTVYAFARD
GFATTEEFLLRLGKHFTEGFDWVTGGRWAAQQFFWDRINDHDHAFSRNKSEVRTAVLEISGSEQAIVAGIEGLTVLKSTG
SEFHGFPRDKYTTLQETTDRILATDVSARWRYNTVEVDFDAVYASVRGLLLKAFAETHSLALQQTMYEMGRAVIETHPEI
DEIKMSLPNKHHFLVDLQPFGQDNPNEVFYAADRPYGLIEATIQREGSRADHPIWSNIAGFC
;
_entity_poly.pdbx_strand_id   A,B,C,D,E,F,G,H
#
# COMPACT_ATOMS: atom_id res chain seq x y z
N THR A 11 36.09 -45.85 -6.76
CA THR A 11 34.88 -46.64 -6.37
C THR A 11 34.21 -47.24 -7.60
N LYS A 12 33.35 -48.22 -7.38
CA LYS A 12 32.65 -48.88 -8.46
C LYS A 12 31.34 -48.18 -8.79
N VAL A 13 30.84 -48.43 -10.00
CA VAL A 13 29.57 -47.85 -10.45
C VAL A 13 28.52 -48.96 -10.39
N VAL A 14 27.33 -48.63 -9.90
CA VAL A 14 26.26 -49.61 -9.77
C VAL A 14 24.96 -49.15 -10.41
N LEU A 15 24.25 -50.08 -11.05
CA LEU A 15 22.97 -49.77 -11.68
C LEU A 15 21.94 -49.76 -10.57
N GLY A 16 21.23 -48.65 -10.41
CA GLY A 16 20.21 -48.56 -9.37
C GLY A 16 18.82 -48.79 -9.93
N GLN A 17 17.86 -48.03 -9.44
CA GLN A 17 16.48 -48.15 -9.92
C GLN A 17 16.45 -47.89 -11.43
N ASN A 18 15.61 -48.62 -12.14
CA ASN A 18 15.51 -48.44 -13.58
C ASN A 18 14.20 -49.01 -14.11
N GLN A 19 13.77 -48.49 -15.25
CA GLN A 19 12.54 -48.92 -15.89
C GLN A 19 12.54 -48.44 -17.33
N TYR A 20 11.78 -49.10 -18.19
CA TYR A 20 11.74 -48.70 -19.59
C TYR A 20 10.47 -49.23 -20.24
N GLY A 21 10.07 -48.58 -21.33
CA GLY A 21 8.88 -49.03 -22.03
C GLY A 21 8.48 -48.05 -23.09
N LYS A 22 7.22 -48.14 -23.53
CA LYS A 22 6.71 -47.23 -24.55
C LYS A 22 5.83 -46.19 -23.88
N ALA A 23 6.10 -44.93 -24.18
CA ALA A 23 5.32 -43.85 -23.59
C ALA A 23 4.40 -43.18 -24.61
N GLU A 24 3.29 -42.66 -24.10
CA GLU A 24 2.29 -41.96 -24.88
C GLU A 24 1.76 -42.66 -26.12
N VAL A 25 1.17 -43.84 -25.91
CA VAL A 25 0.57 -44.61 -26.98
C VAL A 25 -0.87 -44.09 -27.03
N ARG A 26 -1.20 -43.36 -28.10
CA ARG A 26 -2.53 -42.79 -28.24
C ARG A 26 -3.52 -43.81 -28.80
N LEU A 27 -4.54 -44.10 -28.00
CA LEU A 27 -5.54 -45.08 -28.36
C LEU A 27 -6.96 -44.55 -28.33
N VAL A 28 -7.72 -44.90 -29.35
CA VAL A 28 -9.13 -44.54 -29.39
C VAL A 28 -9.85 -45.85 -29.63
N LYS A 29 -10.71 -46.23 -28.68
CA LYS A 29 -11.49 -47.46 -28.79
C LYS A 29 -12.95 -47.11 -29.03
N VAL A 30 -13.47 -47.54 -30.17
CA VAL A 30 -14.86 -47.27 -30.49
C VAL A 30 -15.69 -48.51 -30.20
N THR A 31 -16.78 -48.34 -29.48
CA THR A 31 -17.68 -49.45 -29.18
C THR A 31 -18.83 -49.26 -30.16
N ARG A 32 -19.02 -50.19 -31.07
CA ARG A 32 -20.09 -50.08 -32.03
C ARG A 32 -20.89 -51.36 -32.24
N ASN A 33 -21.34 -51.96 -31.14
CA ASN A 33 -22.13 -53.18 -31.21
C ASN A 33 -23.48 -52.80 -31.78
N THR A 34 -23.98 -51.64 -31.33
CA THR A 34 -25.25 -51.11 -31.79
C THR A 34 -24.98 -49.81 -32.53
N ALA A 35 -26.02 -49.19 -33.06
CA ALA A 35 -25.87 -47.94 -33.79
C ALA A 35 -25.44 -46.81 -32.85
N ARG A 36 -25.60 -47.02 -31.55
CA ARG A 36 -25.24 -46.04 -30.53
C ARG A 36 -23.78 -46.24 -30.15
N HIS A 37 -22.87 -45.58 -30.87
CA HIS A 37 -21.43 -45.71 -30.61
C HIS A 37 -20.95 -45.06 -29.32
N GLU A 38 -19.90 -45.63 -28.75
CA GLU A 38 -19.27 -45.09 -27.55
C GLU A 38 -17.80 -44.87 -27.89
N ILE A 39 -17.20 -43.87 -27.25
CA ILE A 39 -15.80 -43.53 -27.49
C ILE A 39 -14.97 -43.52 -26.20
N GLN A 40 -13.82 -44.18 -26.24
CA GLN A 40 -12.89 -44.19 -25.11
C GLN A 40 -11.59 -43.69 -25.73
N ASP A 41 -11.02 -42.63 -25.16
CA ASP A 41 -9.82 -42.00 -25.70
C ASP A 41 -8.73 -41.95 -24.63
N LEU A 42 -7.63 -42.65 -24.84
CA LEU A 42 -6.53 -42.71 -23.88
C LEU A 42 -5.14 -42.42 -24.43
N ASN A 43 -4.25 -41.98 -23.53
CA ASN A 43 -2.83 -41.74 -23.84
C ASN A 43 -2.16 -42.68 -22.83
N VAL A 44 -1.69 -43.83 -23.32
CA VAL A 44 -1.09 -44.86 -22.46
C VAL A 44 0.42 -44.98 -22.43
N THR A 45 0.96 -45.22 -21.24
CA THR A 45 2.39 -45.38 -21.06
C THR A 45 2.63 -46.68 -20.30
N SER A 46 3.57 -47.48 -20.79
CA SER A 46 3.91 -48.76 -20.19
C SER A 46 5.41 -48.86 -19.92
N GLN A 47 5.77 -49.21 -18.70
CA GLN A 47 7.19 -49.36 -18.34
C GLN A 47 7.38 -50.56 -17.42
N LEU A 48 8.39 -51.36 -17.74
CA LEU A 48 8.66 -52.56 -16.97
C LEU A 48 9.83 -52.41 -16.01
N ARG A 49 9.78 -53.21 -14.95
CA ARG A 49 10.82 -53.23 -13.94
C ARG A 49 11.18 -54.69 -13.69
N GLY A 50 12.45 -54.95 -13.42
CA GLY A 50 12.89 -56.30 -13.17
C GLY A 50 14.39 -56.41 -13.31
N ASP A 51 14.86 -57.56 -13.78
CA ASP A 51 16.28 -57.77 -13.95
C ASP A 51 16.74 -57.36 -15.34
N PHE A 52 17.22 -56.13 -15.45
CA PHE A 52 17.70 -55.59 -16.72
C PHE A 52 19.16 -55.18 -16.62
N GLU A 53 19.87 -55.82 -15.71
CA GLU A 53 21.29 -55.56 -15.48
C GLU A 53 22.14 -55.69 -16.74
N ALA A 54 22.06 -56.84 -17.39
CA ALA A 54 22.85 -57.10 -18.61
C ALA A 54 22.52 -56.15 -19.76
N ALA A 55 21.27 -55.74 -19.86
CA ALA A 55 20.86 -54.83 -20.93
C ALA A 55 21.64 -53.52 -20.78
N HIS A 56 21.85 -53.10 -19.53
CA HIS A 56 22.57 -51.86 -19.26
C HIS A 56 24.09 -51.99 -19.31
N THR A 57 24.63 -53.04 -18.68
CA THR A 57 26.09 -53.21 -18.64
C THR A 57 26.74 -53.84 -19.87
N ALA A 58 25.99 -54.58 -20.67
CA ALA A 58 26.58 -55.23 -21.83
C ALA A 58 25.74 -55.11 -23.10
N GLY A 59 24.60 -54.44 -23.03
CA GLY A 59 23.75 -54.31 -24.20
C GLY A 59 23.12 -55.62 -24.61
N ASP A 60 23.03 -56.56 -23.68
CA ASP A 60 22.42 -57.87 -23.92
C ASP A 60 20.91 -57.69 -23.81
N ASN A 61 20.20 -57.83 -24.92
CA ASN A 61 18.75 -57.62 -24.93
C ASN A 61 17.84 -58.83 -24.73
N ALA A 62 18.39 -59.94 -24.25
CA ALA A 62 17.59 -61.14 -24.01
C ALA A 62 16.37 -60.90 -23.12
N HIS A 63 16.51 -60.04 -22.11
CA HIS A 63 15.42 -59.73 -21.20
C HIS A 63 14.58 -58.54 -21.62
N VAL A 64 15.00 -57.84 -22.66
CA VAL A 64 14.30 -56.63 -23.08
C VAL A 64 13.10 -56.80 -24.01
N VAL A 65 11.91 -56.90 -23.41
CA VAL A 65 10.68 -56.98 -24.17
C VAL A 65 10.61 -55.63 -24.89
N ALA A 66 10.76 -55.66 -26.21
CA ALA A 66 10.76 -54.44 -27.00
C ALA A 66 9.65 -53.44 -26.64
N THR A 67 9.99 -52.15 -26.65
CA THR A 67 8.97 -51.16 -26.33
C THR A 67 7.92 -51.27 -27.44
N ASP A 68 8.36 -51.62 -28.66
CA ASP A 68 7.42 -51.77 -29.77
C ASP A 68 6.40 -52.86 -29.44
N THR A 69 6.87 -53.92 -28.78
CA THR A 69 5.99 -55.02 -28.41
C THR A 69 4.99 -54.57 -27.35
N GLN A 70 5.45 -53.73 -26.42
CA GLN A 70 4.59 -53.21 -25.39
C GLN A 70 3.48 -52.40 -26.03
N LYS A 71 3.84 -51.62 -27.05
CA LYS A 71 2.86 -50.81 -27.76
C LYS A 71 1.82 -51.71 -28.45
N ASN A 72 2.28 -52.76 -29.11
CA ASN A 72 1.37 -53.67 -29.80
C ASN A 72 0.40 -54.32 -28.81
N THR A 73 0.90 -54.65 -27.62
CA THR A 73 0.08 -55.29 -26.60
C THR A 73 -1.07 -54.40 -26.16
N VAL A 74 -0.81 -53.09 -26.07
CA VAL A 74 -1.84 -52.12 -25.70
C VAL A 74 -3.00 -52.17 -26.70
N TYR A 75 -2.67 -52.12 -28.00
CA TYR A 75 -3.71 -52.15 -29.02
C TYR A 75 -4.42 -53.51 -29.07
N ALA A 76 -3.66 -54.59 -28.93
CA ALA A 76 -4.26 -55.93 -28.97
C ALA A 76 -5.25 -56.08 -27.81
N PHE A 77 -4.87 -55.60 -26.64
CA PHE A 77 -5.77 -55.71 -25.49
C PHE A 77 -6.99 -54.82 -25.63
N ALA A 78 -6.82 -53.67 -26.29
CA ALA A 78 -7.93 -52.73 -26.47
C ALA A 78 -9.05 -53.36 -27.29
N ARG A 79 -8.69 -54.26 -28.19
CA ARG A 79 -9.66 -54.94 -29.04
C ARG A 79 -10.76 -55.66 -28.25
N ASP A 80 -10.41 -56.20 -27.09
CA ASP A 80 -11.39 -56.91 -26.26
C ASP A 80 -12.27 -55.96 -25.47
N GLY A 81 -11.92 -54.69 -25.48
CA GLY A 81 -12.70 -53.71 -24.74
C GLY A 81 -12.33 -53.70 -23.27
N PHE A 82 -12.67 -52.61 -22.58
CA PHE A 82 -12.36 -52.47 -21.18
C PHE A 82 -13.40 -51.58 -20.52
N ALA A 83 -13.82 -51.94 -19.32
CA ALA A 83 -14.84 -51.21 -18.58
C ALA A 83 -14.37 -49.82 -18.16
N THR A 84 -13.16 -49.74 -17.62
CA THR A 84 -12.61 -48.48 -17.18
C THR A 84 -11.13 -48.42 -17.52
N THR A 85 -10.55 -47.24 -17.41
CA THR A 85 -9.13 -47.04 -17.69
C THR A 85 -8.29 -47.83 -16.69
N GLU A 86 -8.67 -47.78 -15.42
CA GLU A 86 -7.92 -48.51 -14.40
C GLU A 86 -7.92 -50.02 -14.67
N GLU A 87 -9.05 -50.57 -15.09
CA GLU A 87 -9.13 -51.99 -15.36
C GLU A 87 -8.30 -52.36 -16.60
N PHE A 88 -8.19 -51.43 -17.53
CA PHE A 88 -7.39 -51.67 -18.73
C PHE A 88 -5.92 -51.77 -18.30
N LEU A 89 -5.50 -50.84 -17.44
CA LEU A 89 -4.11 -50.85 -16.98
C LEU A 89 -3.81 -52.10 -16.17
N LEU A 90 -4.77 -52.54 -15.36
CA LEU A 90 -4.59 -53.75 -14.55
C LEU A 90 -4.34 -54.97 -15.43
N ARG A 91 -5.05 -55.05 -16.55
CA ARG A 91 -4.86 -56.17 -17.44
C ARG A 91 -3.44 -56.15 -18.02
N LEU A 92 -3.01 -54.97 -18.46
CA LEU A 92 -1.67 -54.81 -19.02
C LEU A 92 -0.59 -55.17 -18.00
N GLY A 93 -0.70 -54.59 -16.82
CA GLY A 93 0.28 -54.86 -15.77
C GLY A 93 0.42 -56.32 -15.41
N LYS A 94 -0.71 -57.00 -15.23
CA LYS A 94 -0.68 -58.42 -14.89
C LYS A 94 -0.06 -59.22 -16.02
N HIS A 95 -0.36 -58.84 -17.26
CA HIS A 95 0.17 -59.53 -18.43
C HIS A 95 1.69 -59.55 -18.46
N PHE A 96 2.30 -58.39 -18.36
CA PHE A 96 3.76 -58.31 -18.40
C PHE A 96 4.45 -58.94 -17.20
N THR A 97 3.93 -58.69 -16.00
CA THR A 97 4.54 -59.25 -14.80
C THR A 97 4.43 -60.76 -14.76
N GLU A 98 3.27 -61.28 -15.13
CA GLU A 98 3.05 -62.73 -15.13
C GLU A 98 3.63 -63.43 -16.36
N GLY A 99 3.77 -62.68 -17.46
CA GLY A 99 4.28 -63.28 -18.68
C GLY A 99 5.78 -63.46 -18.80
N PHE A 100 6.55 -62.72 -18.01
CA PHE A 100 8.00 -62.82 -18.06
C PHE A 100 8.58 -62.95 -16.66
N ASP A 101 9.33 -64.03 -16.43
CA ASP A 101 9.90 -64.27 -15.11
C ASP A 101 10.82 -63.18 -14.59
N TRP A 102 11.56 -62.53 -15.48
CA TRP A 102 12.48 -61.48 -15.05
C TRP A 102 11.79 -60.12 -14.84
N VAL A 103 10.53 -60.02 -15.27
CA VAL A 103 9.76 -58.79 -15.08
C VAL A 103 9.02 -58.96 -13.76
N THR A 104 9.46 -58.22 -12.74
CA THR A 104 8.88 -58.31 -11.41
C THR A 104 7.81 -57.27 -11.09
N GLY A 105 7.68 -56.28 -11.96
CA GLY A 105 6.69 -55.25 -11.73
C GLY A 105 6.75 -54.21 -12.83
N GLY A 106 6.22 -53.02 -12.55
CA GLY A 106 6.23 -51.99 -13.56
C GLY A 106 5.32 -50.83 -13.20
N ARG A 107 5.13 -49.93 -14.15
CA ARG A 107 4.29 -48.76 -13.96
C ARG A 107 3.53 -48.53 -15.25
N TRP A 108 2.20 -48.56 -15.16
CA TRP A 108 1.36 -48.33 -16.32
C TRP A 108 0.49 -47.13 -15.99
N ALA A 109 0.46 -46.17 -16.91
CA ALA A 109 -0.32 -44.97 -16.68
C ALA A 109 -1.11 -44.54 -17.89
N ALA A 110 -2.11 -43.71 -17.66
CA ALA A 110 -2.94 -43.24 -18.76
C ALA A 110 -3.66 -41.96 -18.43
N GLN A 111 -3.88 -41.18 -19.48
CA GLN A 111 -4.64 -39.96 -19.39
C GLN A 111 -5.90 -40.36 -20.15
N GLN A 112 -7.06 -39.93 -19.65
CA GLN A 112 -8.33 -40.24 -20.30
C GLN A 112 -8.92 -38.91 -20.73
N PHE A 113 -9.30 -38.82 -22.00
CA PHE A 113 -9.89 -37.61 -22.56
C PHE A 113 -11.39 -37.81 -22.73
N PHE A 114 -12.16 -36.81 -22.31
CA PHE A 114 -13.61 -36.90 -22.39
C PHE A 114 -14.22 -36.33 -23.67
N TRP A 115 -15.31 -36.96 -24.09
CA TRP A 115 -16.04 -36.57 -25.28
C TRP A 115 -17.53 -36.48 -24.96
N ASP A 116 -18.22 -35.54 -25.60
CA ASP A 116 -19.65 -35.36 -25.43
C ASP A 116 -20.28 -35.58 -26.80
N ARG A 117 -21.49 -36.10 -26.83
CA ARG A 117 -22.18 -36.30 -28.10
C ARG A 117 -22.63 -34.94 -28.61
N ILE A 118 -22.69 -34.80 -29.93
CA ILE A 118 -23.16 -33.56 -30.53
C ILE A 118 -24.67 -33.72 -30.67
N ASN A 119 -25.44 -32.92 -29.93
CA ASN A 119 -26.89 -32.99 -29.97
C ASN A 119 -27.39 -34.43 -29.82
N ASP A 120 -26.80 -35.17 -28.90
CA ASP A 120 -27.18 -36.56 -28.63
C ASP A 120 -27.03 -37.50 -29.84
N HIS A 121 -26.19 -37.12 -30.80
CA HIS A 121 -25.97 -37.92 -32.01
C HIS A 121 -25.41 -39.30 -31.66
N ASP A 122 -25.76 -40.30 -32.47
CA ASP A 122 -25.31 -41.67 -32.25
C ASP A 122 -23.81 -41.89 -32.49
N HIS A 123 -23.21 -41.11 -33.39
CA HIS A 123 -21.79 -41.29 -33.67
C HIS A 123 -21.00 -40.03 -34.03
N ALA A 124 -21.40 -38.89 -33.46
CA ALA A 124 -20.70 -37.63 -33.69
C ALA A 124 -20.47 -37.02 -32.32
N PHE A 125 -19.22 -36.70 -32.01
CA PHE A 125 -18.88 -36.16 -30.69
C PHE A 125 -17.97 -34.93 -30.73
N SER A 126 -17.89 -34.24 -29.60
CA SER A 126 -17.02 -33.07 -29.48
C SER A 126 -16.22 -33.27 -28.19
N ARG A 127 -14.96 -32.83 -28.19
CA ARG A 127 -14.12 -33.01 -27.02
C ARG A 127 -14.44 -32.05 -25.88
N ASN A 128 -14.47 -32.60 -24.67
CA ASN A 128 -14.70 -31.80 -23.45
C ASN A 128 -13.27 -31.67 -22.95
N LYS A 129 -12.67 -30.49 -23.15
CA LYS A 129 -11.29 -30.26 -22.76
C LYS A 129 -11.12 -29.61 -21.40
N SER A 130 -12.20 -29.48 -20.64
CA SER A 130 -12.14 -28.81 -19.35
C SER A 130 -11.41 -29.54 -18.23
N GLU A 131 -11.09 -30.81 -18.45
CA GLU A 131 -10.35 -31.59 -17.45
C GLU A 131 -9.83 -32.85 -18.11
N VAL A 132 -8.80 -33.43 -17.52
CA VAL A 132 -8.20 -34.65 -17.99
C VAL A 132 -8.10 -35.58 -16.78
N ARG A 133 -8.54 -36.82 -16.97
CA ARG A 133 -8.51 -37.82 -15.91
C ARG A 133 -7.24 -38.67 -16.06
N THR A 134 -6.63 -39.01 -14.93
CA THR A 134 -5.42 -39.80 -14.96
C THR A 134 -5.51 -41.04 -14.07
N ALA A 135 -4.69 -42.03 -14.38
CA ALA A 135 -4.63 -43.26 -13.60
C ALA A 135 -3.22 -43.80 -13.72
N VAL A 136 -2.68 -44.28 -12.60
CA VAL A 136 -1.34 -44.84 -12.58
C VAL A 136 -1.42 -46.12 -11.77
N LEU A 137 -0.88 -47.19 -12.33
CA LEU A 137 -0.85 -48.48 -11.66
C LEU A 137 0.60 -48.87 -11.50
N GLU A 138 0.98 -49.32 -10.31
CA GLU A 138 2.33 -49.81 -10.10
C GLU A 138 2.19 -51.18 -9.49
N ILE A 139 2.92 -52.15 -10.05
CA ILE A 139 2.90 -53.51 -9.55
C ILE A 139 4.27 -53.81 -8.97
N SER A 140 4.27 -54.39 -7.77
CA SER A 140 5.49 -54.77 -7.09
C SER A 140 5.16 -56.13 -6.51
N GLY A 141 5.61 -57.18 -7.18
CA GLY A 141 5.31 -58.52 -6.70
C GLY A 141 3.82 -58.75 -6.89
N SER A 142 3.13 -59.11 -5.81
CA SER A 142 1.70 -59.34 -5.89
C SER A 142 0.91 -58.09 -5.52
N GLU A 143 1.62 -57.03 -5.11
CA GLU A 143 0.96 -55.79 -4.74
C GLU A 143 0.60 -54.94 -5.95
N GLN A 144 -0.66 -54.51 -6.00
CA GLN A 144 -1.15 -53.67 -7.07
C GLN A 144 -1.64 -52.36 -6.45
N ALA A 145 -0.95 -51.26 -6.79
CA ALA A 145 -1.30 -49.94 -6.23
C ALA A 145 -1.80 -49.04 -7.35
N ILE A 146 -2.93 -48.38 -7.10
CA ILE A 146 -3.53 -47.48 -8.09
C ILE A 146 -3.77 -46.07 -7.55
N VAL A 147 -3.36 -45.09 -8.36
CA VAL A 147 -3.54 -43.67 -8.06
C VAL A 147 -4.32 -43.05 -9.21
N ALA A 148 -5.50 -42.51 -8.89
CA ALA A 148 -6.31 -41.86 -9.92
C ALA A 148 -6.17 -40.35 -9.69
N GLY A 149 -6.49 -39.55 -10.69
CA GLY A 149 -6.36 -38.13 -10.50
C GLY A 149 -7.09 -37.31 -11.53
N ILE A 150 -7.01 -35.99 -11.36
CA ILE A 150 -7.63 -35.06 -12.27
C ILE A 150 -6.66 -33.91 -12.46
N GLU A 151 -6.65 -33.33 -13.65
CA GLU A 151 -5.75 -32.21 -13.91
C GLU A 151 -6.37 -31.32 -14.97
N GLY A 152 -5.83 -30.11 -15.10
CA GLY A 152 -6.32 -29.18 -16.10
C GLY A 152 -7.68 -28.59 -15.84
N LEU A 153 -8.17 -28.75 -14.62
CA LEU A 153 -9.49 -28.21 -14.25
C LEU A 153 -9.31 -26.86 -13.55
N THR A 154 -9.48 -25.79 -14.32
CA THR A 154 -9.32 -24.44 -13.80
C THR A 154 -10.58 -23.91 -13.11
N VAL A 155 -10.42 -23.40 -11.90
CA VAL A 155 -11.55 -22.89 -11.15
C VAL A 155 -11.26 -21.49 -10.61
N LEU A 156 -12.33 -20.76 -10.30
CA LEU A 156 -12.18 -19.40 -9.80
C LEU A 156 -13.38 -18.94 -8.96
N LYS A 157 -13.06 -18.24 -7.88
CA LYS A 157 -14.07 -17.66 -7.00
C LYS A 157 -13.85 -16.15 -7.14
N SER A 158 -14.92 -15.42 -7.46
CA SER A 158 -14.81 -13.97 -7.63
C SER A 158 -14.85 -13.23 -6.29
N THR A 159 -15.25 -13.94 -5.24
CA THR A 159 -15.28 -13.38 -3.89
C THR A 159 -15.30 -14.57 -2.94
N GLY A 160 -15.36 -14.31 -1.63
CA GLY A 160 -15.36 -15.42 -0.70
C GLY A 160 -13.94 -15.92 -0.46
N SER A 161 -13.00 -15.02 -0.58
CA SER A 161 -11.58 -15.34 -0.37
C SER A 161 -10.90 -14.13 0.27
N GLU A 162 -10.13 -14.40 1.33
CA GLU A 162 -9.40 -13.37 2.06
C GLU A 162 -7.98 -13.85 2.31
N PHE A 163 -7.12 -12.93 2.69
CA PHE A 163 -5.75 -13.29 3.05
C PHE A 163 -5.15 -12.17 3.89
N HIS A 164 -5.08 -12.43 5.19
CA HIS A 164 -4.56 -11.48 6.14
C HIS A 164 -3.97 -12.20 7.34
N GLY A 165 -3.34 -11.46 8.24
CA GLY A 165 -2.75 -12.07 9.42
C GLY A 165 -1.41 -12.73 9.18
N PHE A 166 -0.80 -12.51 8.01
CA PHE A 166 0.50 -13.09 7.73
C PHE A 166 1.60 -12.21 8.32
N PRO A 167 2.75 -12.80 8.66
CA PRO A 167 3.83 -11.98 9.23
C PRO A 167 4.38 -10.99 8.21
N ARG A 168 4.74 -9.79 8.68
CA ARG A 168 5.28 -8.78 7.79
C ARG A 168 6.77 -8.61 8.06
N ASP A 169 7.61 -9.35 7.35
CA ASP A 169 9.04 -9.27 7.54
C ASP A 169 9.63 -8.08 6.78
N LYS A 170 10.95 -7.92 6.83
CA LYS A 170 11.58 -6.78 6.18
C LYS A 170 11.41 -6.69 4.66
N TYR A 171 10.95 -7.78 4.04
CA TYR A 171 10.75 -7.78 2.58
C TYR A 171 9.28 -7.90 2.21
N THR A 172 8.39 -7.78 3.18
CA THR A 172 6.96 -7.92 2.92
C THR A 172 6.29 -6.61 2.53
N THR A 173 5.67 -6.61 1.34
CA THR A 173 4.98 -5.43 0.85
C THR A 173 3.50 -5.72 0.60
N LEU A 174 3.13 -7.01 0.57
CA LEU A 174 1.75 -7.42 0.34
C LEU A 174 0.83 -6.88 1.41
N GLN A 175 -0.30 -6.31 0.99
CA GLN A 175 -1.28 -5.75 1.91
C GLN A 175 -2.36 -6.77 2.26
N GLU A 176 -2.89 -6.66 3.47
CA GLU A 176 -3.95 -7.55 3.91
C GLU A 176 -5.21 -7.27 3.11
N THR A 177 -6.06 -8.30 2.93
CA THR A 177 -7.30 -8.10 2.19
C THR A 177 -8.38 -9.06 2.65
N THR A 178 -9.63 -8.60 2.59
CA THR A 178 -10.77 -9.42 2.99
C THR A 178 -11.64 -9.75 1.79
N ASP A 179 -11.17 -9.41 0.60
CA ASP A 179 -11.93 -9.69 -0.63
C ASP A 179 -10.96 -9.75 -1.82
N ARG A 180 -10.72 -10.95 -2.32
CA ARG A 180 -9.85 -11.14 -3.47
C ARG A 180 -10.36 -12.31 -4.30
N ILE A 181 -9.85 -12.42 -5.51
CA ILE A 181 -10.22 -13.54 -6.37
C ILE A 181 -9.30 -14.70 -5.97
N LEU A 182 -9.81 -15.92 -6.08
CA LEU A 182 -9.00 -17.10 -5.79
C LEU A 182 -9.20 -17.99 -7.00
N ALA A 183 -8.16 -18.09 -7.83
CA ALA A 183 -8.21 -18.91 -9.04
C ALA A 183 -7.07 -19.92 -9.01
N THR A 184 -7.35 -21.14 -9.43
CA THR A 184 -6.33 -22.17 -9.43
C THR A 184 -6.63 -23.24 -10.47
N ASP A 185 -5.65 -24.12 -10.69
CA ASP A 185 -5.82 -25.24 -11.61
C ASP A 185 -5.83 -26.44 -10.68
N VAL A 186 -6.95 -27.15 -10.63
CA VAL A 186 -7.01 -28.30 -9.75
C VAL A 186 -6.25 -29.49 -10.30
N SER A 187 -5.23 -29.89 -9.55
CA SER A 187 -4.40 -31.04 -9.88
C SER A 187 -4.45 -31.87 -8.61
N ALA A 188 -5.12 -33.01 -8.65
CA ALA A 188 -5.22 -33.85 -7.47
C ALA A 188 -5.01 -35.30 -7.84
N ARG A 189 -4.40 -36.04 -6.93
CA ARG A 189 -4.16 -37.46 -7.14
C ARG A 189 -4.43 -38.18 -5.83
N TRP A 190 -5.19 -39.26 -5.91
CA TRP A 190 -5.54 -40.03 -4.72
C TRP A 190 -5.21 -41.52 -4.89
N ARG A 191 -4.69 -42.11 -3.82
CA ARG A 191 -4.30 -43.51 -3.84
C ARG A 191 -5.35 -44.41 -3.19
N TYR A 192 -5.76 -45.44 -3.91
CA TYR A 192 -6.75 -46.38 -3.41
C TYR A 192 -6.04 -47.43 -2.56
N ASN A 193 -6.70 -47.90 -1.51
CA ASN A 193 -6.10 -48.92 -0.66
C ASN A 193 -6.56 -50.31 -1.07
N THR A 194 -7.27 -50.37 -2.20
CA THR A 194 -7.79 -51.63 -2.74
C THR A 194 -8.11 -51.44 -4.22
N VAL A 195 -8.05 -52.52 -4.99
CA VAL A 195 -8.35 -52.43 -6.42
C VAL A 195 -9.83 -52.70 -6.72
N GLU A 196 -10.61 -53.04 -5.69
CA GLU A 196 -12.03 -53.28 -5.94
C GLU A 196 -12.80 -51.98 -5.69
N VAL A 197 -12.77 -51.12 -6.70
CA VAL A 197 -13.40 -49.82 -6.66
C VAL A 197 -14.27 -49.63 -7.90
N ASP A 198 -15.33 -48.82 -7.77
CA ASP A 198 -16.18 -48.51 -8.92
C ASP A 198 -15.45 -47.27 -9.41
N PHE A 199 -14.37 -47.48 -10.16
CA PHE A 199 -13.53 -46.39 -10.63
C PHE A 199 -14.24 -45.16 -11.22
N ASP A 200 -15.19 -45.36 -12.12
CA ASP A 200 -15.90 -44.24 -12.71
C ASP A 200 -16.74 -43.49 -11.67
N ALA A 201 -17.45 -44.23 -10.82
CA ALA A 201 -18.29 -43.60 -9.81
C ALA A 201 -17.49 -42.80 -8.79
N VAL A 202 -16.35 -43.36 -8.37
CA VAL A 202 -15.51 -42.65 -7.39
C VAL A 202 -14.88 -41.42 -8.03
N TYR A 203 -14.41 -41.54 -9.28
CA TYR A 203 -13.82 -40.37 -9.93
C TYR A 203 -14.85 -39.24 -9.97
N ALA A 204 -16.08 -39.56 -10.36
CA ALA A 204 -17.13 -38.55 -10.44
C ALA A 204 -17.41 -37.94 -9.07
N SER A 205 -17.47 -38.79 -8.05
CA SER A 205 -17.72 -38.31 -6.70
C SER A 205 -16.60 -37.40 -6.21
N VAL A 206 -15.36 -37.85 -6.42
CA VAL A 206 -14.20 -37.08 -5.97
C VAL A 206 -14.18 -35.72 -6.66
N ARG A 207 -14.39 -35.70 -7.98
CA ARG A 207 -14.42 -34.44 -8.72
C ARG A 207 -15.44 -33.50 -8.09
N GLY A 208 -16.64 -34.02 -7.84
CA GLY A 208 -17.69 -33.20 -7.24
C GLY A 208 -17.35 -32.70 -5.85
N LEU A 209 -16.71 -33.53 -5.04
CA LEU A 209 -16.34 -33.14 -3.68
C LEU A 209 -15.29 -32.04 -3.67
N LEU A 210 -14.34 -32.13 -4.60
CA LEU A 210 -13.29 -31.13 -4.72
C LEU A 210 -13.88 -29.79 -5.15
N LEU A 211 -14.74 -29.83 -6.16
CA LEU A 211 -15.37 -28.62 -6.67
C LEU A 211 -16.24 -27.98 -5.59
N LYS A 212 -16.97 -28.81 -4.85
CA LYS A 212 -17.85 -28.35 -3.79
C LYS A 212 -17.09 -27.67 -2.66
N ALA A 213 -16.01 -28.30 -2.20
CA ALA A 213 -15.21 -27.74 -1.12
C ALA A 213 -14.54 -26.45 -1.57
N PHE A 214 -14.06 -26.43 -2.81
CA PHE A 214 -13.41 -25.23 -3.32
C PHE A 214 -14.41 -24.06 -3.34
N ALA A 215 -15.60 -24.32 -3.87
CA ALA A 215 -16.62 -23.28 -3.99
C ALA A 215 -17.32 -22.82 -2.71
N GLU A 216 -17.61 -23.74 -1.80
CA GLU A 216 -18.33 -23.40 -0.59
C GLU A 216 -17.50 -23.03 0.64
N THR A 217 -16.20 -23.29 0.61
CA THR A 217 -15.34 -22.94 1.72
C THR A 217 -14.99 -21.45 1.66
N HIS A 218 -15.30 -20.70 2.71
CA HIS A 218 -14.93 -19.30 2.73
C HIS A 218 -13.44 -19.35 3.03
N SER A 219 -12.64 -19.09 2.00
CA SER A 219 -11.19 -19.19 2.11
C SER A 219 -10.44 -18.07 2.81
N LEU A 220 -9.67 -18.45 3.84
CA LEU A 220 -8.85 -17.51 4.59
C LEU A 220 -7.41 -17.75 4.14
N ALA A 221 -7.22 -18.78 3.32
CA ALA A 221 -5.92 -19.15 2.79
C ALA A 221 -6.11 -20.29 1.78
N LEU A 222 -5.26 -20.33 0.76
CA LEU A 222 -5.36 -21.39 -0.23
C LEU A 222 -5.11 -22.72 0.48
N GLN A 223 -4.24 -22.70 1.49
CA GLN A 223 -3.91 -23.90 2.26
C GLN A 223 -5.16 -24.48 2.94
N GLN A 224 -6.03 -23.60 3.43
CA GLN A 224 -7.25 -24.03 4.11
C GLN A 224 -8.23 -24.62 3.11
N THR A 225 -8.37 -23.96 1.96
CA THR A 225 -9.26 -24.43 0.93
C THR A 225 -8.82 -25.82 0.47
N MET A 226 -7.50 -26.01 0.36
CA MET A 226 -6.96 -27.29 -0.07
C MET A 226 -7.20 -28.37 0.99
N TYR A 227 -7.04 -28.01 2.26
CA TYR A 227 -7.25 -28.98 3.33
C TYR A 227 -8.70 -29.45 3.32
N GLU A 228 -9.65 -28.51 3.19
CA GLU A 228 -11.07 -28.86 3.16
C GLU A 228 -11.40 -29.76 1.97
N MET A 229 -10.79 -29.49 0.82
CA MET A 229 -11.02 -30.30 -0.37
C MET A 229 -10.56 -31.74 -0.10
N GLY A 230 -9.35 -31.88 0.46
CA GLY A 230 -8.82 -33.20 0.75
C GLY A 230 -9.60 -33.96 1.83
N ARG A 231 -10.00 -33.26 2.87
CA ARG A 231 -10.75 -33.88 3.97
C ARG A 231 -12.08 -34.45 3.48
N ALA A 232 -12.78 -33.69 2.64
CA ALA A 232 -14.06 -34.15 2.11
C ALA A 232 -13.92 -35.46 1.37
N VAL A 233 -12.82 -35.62 0.63
CA VAL A 233 -12.58 -36.84 -0.12
C VAL A 233 -12.33 -38.04 0.79
N ILE A 234 -11.38 -37.90 1.71
CA ILE A 234 -11.05 -38.98 2.63
C ILE A 234 -12.23 -39.38 3.51
N GLU A 235 -12.99 -38.40 3.98
CA GLU A 235 -14.14 -38.67 4.83
C GLU A 235 -15.26 -39.38 4.09
N THR A 236 -15.34 -39.16 2.78
CA THR A 236 -16.39 -39.76 1.98
C THR A 236 -16.05 -41.14 1.38
N HIS A 237 -14.77 -41.36 1.09
CA HIS A 237 -14.38 -42.63 0.46
C HIS A 237 -13.40 -43.49 1.24
N PRO A 238 -13.90 -44.57 1.87
CA PRO A 238 -13.10 -45.51 2.64
C PRO A 238 -11.97 -46.15 1.83
N GLU A 239 -12.18 -46.28 0.52
CA GLU A 239 -11.18 -46.89 -0.34
C GLU A 239 -9.99 -45.99 -0.65
N ILE A 240 -10.04 -44.74 -0.20
CA ILE A 240 -8.94 -43.82 -0.44
C ILE A 240 -8.10 -43.62 0.82
N ASP A 241 -6.79 -43.84 0.72
CA ASP A 241 -5.90 -43.66 1.87
C ASP A 241 -5.30 -42.27 1.96
N GLU A 242 -5.16 -41.61 0.82
CA GLU A 242 -4.57 -40.29 0.80
C GLU A 242 -4.81 -39.58 -0.52
N ILE A 243 -4.77 -38.26 -0.47
CA ILE A 243 -4.95 -37.47 -1.66
C ILE A 243 -3.92 -36.36 -1.60
N LYS A 244 -3.27 -36.12 -2.73
CA LYS A 244 -2.25 -35.10 -2.81
C LYS A 244 -2.73 -34.06 -3.80
N MET A 245 -2.52 -32.79 -3.48
CA MET A 245 -2.93 -31.72 -4.38
C MET A 245 -1.80 -30.73 -4.59
N SER A 246 -1.78 -30.16 -5.78
CA SER A 246 -0.80 -29.17 -6.17
C SER A 246 -1.66 -28.06 -6.77
N LEU A 247 -1.80 -26.96 -6.03
CA LEU A 247 -2.64 -25.86 -6.47
C LEU A 247 -1.93 -24.54 -6.65
N PRO A 248 -1.88 -24.03 -7.89
CA PRO A 248 -1.22 -22.75 -8.08
C PRO A 248 -2.19 -21.64 -7.69
N ASN A 249 -1.67 -20.53 -7.20
CA ASN A 249 -2.54 -19.41 -6.88
C ASN A 249 -2.30 -18.49 -8.07
N LYS A 250 -3.17 -18.60 -9.07
CA LYS A 250 -3.04 -17.80 -10.29
C LYS A 250 -3.58 -16.41 -10.03
N HIS A 251 -2.66 -15.50 -9.82
CA HIS A 251 -2.99 -14.12 -9.47
C HIS A 251 -3.76 -13.29 -10.46
N HIS A 252 -4.85 -12.72 -9.96
CA HIS A 252 -5.70 -11.82 -10.73
C HIS A 252 -5.58 -10.54 -9.93
N PHE A 253 -4.68 -9.66 -10.38
CA PHE A 253 -4.44 -8.40 -9.69
C PHE A 253 -5.52 -7.36 -9.97
N LEU A 254 -6.05 -6.78 -8.90
CA LEU A 254 -7.07 -5.75 -9.03
C LEU A 254 -6.32 -4.55 -9.60
N VAL A 255 -6.66 -4.13 -10.80
CA VAL A 255 -5.99 -3.02 -11.44
C VAL A 255 -6.24 -1.68 -10.75
N ASP A 256 -5.18 -0.90 -10.60
CA ASP A 256 -5.29 0.41 -9.96
C ASP A 256 -5.65 1.42 -11.03
N LEU A 257 -6.90 1.88 -10.99
CA LEU A 257 -7.41 2.85 -11.96
C LEU A 257 -7.47 4.26 -11.39
N GLN A 258 -7.07 4.42 -10.14
CA GLN A 258 -7.11 5.75 -9.51
C GLN A 258 -6.32 6.79 -10.31
N PRO A 259 -5.20 6.40 -10.92
CA PRO A 259 -4.44 7.39 -11.68
C PRO A 259 -5.25 7.91 -12.88
N PHE A 260 -6.33 7.20 -13.21
CA PHE A 260 -7.18 7.60 -14.33
C PHE A 260 -8.49 8.21 -13.82
N GLY A 261 -8.54 8.48 -12.50
CA GLY A 261 -9.71 9.08 -11.89
C GLY A 261 -10.91 8.16 -11.70
N GLN A 262 -10.65 6.86 -11.52
CA GLN A 262 -11.73 5.90 -11.34
C GLN A 262 -11.44 4.97 -10.16
N ASP A 263 -12.51 4.40 -9.60
CA ASP A 263 -12.33 3.44 -8.53
C ASP A 263 -12.39 2.10 -9.25
N ASN A 264 -12.23 1.01 -8.51
CA ASN A 264 -12.28 -0.33 -9.10
C ASN A 264 -12.78 -1.22 -7.97
N PRO A 265 -14.11 -1.29 -7.80
CA PRO A 265 -14.74 -2.10 -6.75
C PRO A 265 -14.69 -3.59 -7.03
N ASN A 266 -13.47 -4.14 -7.07
CA ASN A 266 -13.28 -5.57 -7.30
C ASN A 266 -13.89 -6.04 -8.62
N GLU A 267 -13.74 -5.24 -9.66
CA GLU A 267 -14.29 -5.57 -10.97
C GLU A 267 -13.32 -5.81 -12.12
N VAL A 268 -12.25 -5.02 -12.20
CA VAL A 268 -11.28 -5.14 -13.29
C VAL A 268 -9.96 -5.74 -12.85
N PHE A 269 -9.60 -6.90 -13.43
CA PHE A 269 -8.37 -7.58 -13.05
C PHE A 269 -7.41 -7.92 -14.18
N TYR A 270 -6.13 -8.02 -13.82
CA TYR A 270 -5.07 -8.40 -14.75
C TYR A 270 -4.73 -9.84 -14.33
N ALA A 271 -4.93 -10.80 -15.23
CA ALA A 271 -4.61 -12.19 -14.92
C ALA A 271 -3.17 -12.47 -15.31
N ALA A 272 -2.27 -12.43 -14.33
CA ALA A 272 -0.85 -12.67 -14.57
C ALA A 272 -0.49 -14.14 -14.85
N ASP A 273 0.51 -14.35 -15.69
CA ASP A 273 0.97 -15.69 -16.03
C ASP A 273 1.94 -16.21 -14.98
N ARG A 274 3.05 -15.49 -14.83
CA ARG A 274 4.07 -15.86 -13.85
C ARG A 274 4.60 -14.58 -13.18
N PRO A 275 5.04 -14.67 -11.93
CA PRO A 275 5.07 -15.90 -11.12
C PRO A 275 3.71 -16.22 -10.52
N TYR A 276 3.61 -17.35 -9.83
CA TYR A 276 2.36 -17.74 -9.19
C TYR A 276 2.65 -18.47 -7.89
N GLY A 277 1.73 -18.38 -6.95
CA GLY A 277 1.93 -19.09 -5.71
C GLY A 277 1.69 -20.56 -6.02
N LEU A 278 2.38 -21.45 -5.31
CA LEU A 278 2.20 -22.88 -5.53
C LEU A 278 2.07 -23.51 -4.15
N ILE A 279 0.85 -23.95 -3.83
CA ILE A 279 0.54 -24.56 -2.53
C ILE A 279 0.30 -26.05 -2.75
N GLU A 280 1.00 -26.89 -1.99
CA GLU A 280 0.87 -28.33 -2.15
C GLU A 280 0.80 -29.05 -0.81
N ALA A 281 0.05 -30.16 -0.78
CA ALA A 281 -0.08 -30.92 0.45
C ALA A 281 -0.69 -32.29 0.25
N THR A 282 -0.43 -33.14 1.24
CA THR A 282 -0.94 -34.50 1.26
C THR A 282 -1.89 -34.58 2.44
N ILE A 283 -3.11 -35.03 2.19
CA ILE A 283 -4.10 -35.20 3.25
C ILE A 283 -4.23 -36.72 3.37
N GLN A 284 -3.95 -37.26 4.54
CA GLN A 284 -3.98 -38.71 4.75
C GLN A 284 -4.96 -39.22 5.79
N ARG A 285 -5.33 -40.49 5.65
CA ARG A 285 -6.21 -41.14 6.60
C ARG A 285 -5.25 -41.49 7.74
N GLU A 286 -5.63 -41.15 8.97
CA GLU A 286 -4.74 -41.42 10.10
C GLU A 286 -4.22 -42.85 10.13
N GLY A 287 -2.91 -43.01 10.33
CA GLY A 287 -2.32 -44.32 10.41
C GLY A 287 -1.94 -45.00 9.09
N SER A 288 -2.34 -44.42 7.96
CA SER A 288 -2.02 -45.04 6.68
C SER A 288 -0.54 -44.91 6.33
N ARG A 289 -0.12 -45.64 5.29
CA ARG A 289 1.26 -45.63 4.85
C ARG A 289 1.78 -44.22 4.62
N ALA A 290 2.98 -43.95 5.13
CA ALA A 290 3.60 -42.63 5.03
C ALA A 290 4.13 -42.26 3.65
N ASP A 291 4.92 -43.15 3.05
CA ASP A 291 5.50 -42.85 1.74
C ASP A 291 5.42 -43.99 0.75
N HIS A 292 4.23 -44.26 0.25
CA HIS A 292 4.07 -45.35 -0.71
C HIS A 292 4.99 -45.08 -1.90
N PRO A 293 5.74 -46.10 -2.35
CA PRO A 293 6.66 -46.00 -3.48
C PRO A 293 6.07 -45.49 -4.79
N ILE A 294 4.77 -45.66 -4.98
CA ILE A 294 4.13 -45.21 -6.22
C ILE A 294 4.27 -43.70 -6.43
N TRP A 295 4.46 -42.95 -5.35
CA TRP A 295 4.59 -41.51 -5.46
C TRP A 295 5.94 -41.07 -6.03
N SER A 296 6.93 -41.95 -5.95
CA SER A 296 8.26 -41.62 -6.45
C SER A 296 8.32 -41.61 -7.97
N ASN A 297 7.54 -42.48 -8.61
CA ASN A 297 7.50 -42.56 -10.07
C ASN A 297 8.80 -43.11 -10.67
N THR B 11 19.18 -0.16 -53.22
CA THR B 11 19.67 1.25 -53.16
C THR B 11 18.75 2.11 -52.30
N LYS B 12 17.53 2.33 -52.77
CA LYS B 12 16.57 3.14 -52.01
C LYS B 12 15.56 2.25 -51.29
N VAL B 13 15.35 2.53 -50.01
CA VAL B 13 14.43 1.76 -49.19
C VAL B 13 13.20 2.57 -48.76
N VAL B 14 12.06 1.92 -48.66
CA VAL B 14 10.82 2.58 -48.29
C VAL B 14 10.05 1.85 -47.19
N LEU B 15 9.49 2.61 -46.25
CA LEU B 15 8.71 2.04 -45.16
C LEU B 15 7.35 1.66 -45.75
N GLY B 16 7.00 0.39 -45.63
CA GLY B 16 5.73 -0.07 -46.15
C GLY B 16 4.68 -0.14 -45.06
N GLN B 17 3.81 -1.15 -45.15
CA GLN B 17 2.75 -1.34 -44.16
C GLN B 17 3.41 -1.53 -42.79
N ASN B 18 2.79 -0.99 -41.75
CA ASN B 18 3.31 -1.12 -40.40
C ASN B 18 2.22 -0.87 -39.37
N GLN B 19 2.40 -1.45 -38.19
CA GLN B 19 1.45 -1.30 -37.10
C GLN B 19 2.15 -1.71 -35.81
N TYR B 20 1.70 -1.18 -34.68
CA TYR B 20 2.30 -1.52 -33.40
C TYR B 20 1.30 -1.29 -32.28
N GLY B 21 1.52 -1.96 -31.15
CA GLY B 21 0.63 -1.79 -30.02
C GLY B 21 0.97 -2.80 -28.93
N LYS B 22 0.01 -3.04 -28.03
CA LYS B 22 0.23 -3.99 -26.97
C LYS B 22 -0.54 -5.28 -27.27
N ALA B 23 0.16 -6.41 -27.21
CA ALA B 23 -0.45 -7.69 -27.47
C ALA B 23 -0.69 -8.50 -26.21
N GLU B 24 -1.74 -9.30 -26.26
CA GLU B 24 -2.13 -10.21 -25.18
C GLU B 24 -2.29 -9.62 -23.78
N VAL B 25 -3.21 -8.66 -23.67
CA VAL B 25 -3.52 -8.04 -22.40
C VAL B 25 -4.62 -8.92 -21.81
N ARG B 26 -4.29 -9.64 -20.75
CA ARG B 26 -5.25 -10.53 -20.11
C ARG B 26 -6.12 -9.74 -19.15
N LEU B 27 -7.41 -9.72 -19.44
CA LEU B 27 -8.38 -8.99 -18.67
C LEU B 27 -9.52 -9.87 -18.19
N VAL B 28 -9.87 -9.73 -16.92
CA VAL B 28 -11.00 -10.44 -16.36
C VAL B 28 -11.90 -9.36 -15.75
N LYS B 29 -13.12 -9.28 -16.26
CA LYS B 29 -14.07 -8.30 -15.77
C LYS B 29 -15.16 -9.02 -15.02
N VAL B 30 -15.30 -8.72 -13.74
CA VAL B 30 -16.32 -9.33 -12.92
C VAL B 30 -17.48 -8.36 -12.77
N THR B 31 -18.69 -8.83 -13.00
CA THR B 31 -19.88 -7.99 -12.84
C THR B 31 -20.48 -8.43 -11.51
N ARG B 32 -20.49 -7.52 -10.54
CA ARG B 32 -21.04 -7.86 -9.23
C ARG B 32 -21.94 -6.78 -8.62
N ASN B 33 -22.91 -6.31 -9.40
CA ASN B 33 -23.85 -5.31 -8.91
C ASN B 33 -24.81 -6.05 -7.96
N THR B 34 -24.98 -7.35 -8.19
CA THR B 34 -25.83 -8.19 -7.38
C THR B 34 -24.96 -9.31 -6.82
N ALA B 35 -25.56 -10.21 -6.05
CA ALA B 35 -24.84 -11.33 -5.47
C ALA B 35 -24.54 -12.37 -6.55
N ARG B 36 -25.26 -12.26 -7.66
CA ARG B 36 -25.11 -13.16 -8.80
C ARG B 36 -24.01 -12.62 -9.71
N HIS B 37 -22.77 -13.00 -9.44
CA HIS B 37 -21.62 -12.54 -10.23
C HIS B 37 -21.53 -13.09 -11.65
N GLU B 38 -20.94 -12.29 -12.53
CA GLU B 38 -20.76 -12.67 -13.94
C GLU B 38 -19.28 -12.51 -14.27
N ILE B 39 -18.76 -13.35 -15.15
CA ILE B 39 -17.37 -13.29 -15.53
C ILE B 39 -17.14 -13.13 -17.03
N GLN B 40 -16.29 -12.18 -17.41
CA GLN B 40 -15.91 -11.97 -18.80
C GLN B 40 -14.39 -12.06 -18.75
N ASP B 41 -13.84 -12.99 -19.53
CA ASP B 41 -12.40 -13.24 -19.55
C ASP B 41 -11.88 -13.06 -20.97
N LEU B 42 -10.99 -12.08 -21.17
CA LEU B 42 -10.45 -11.78 -22.50
C LEU B 42 -8.94 -11.68 -22.58
N ASN B 43 -8.43 -11.88 -23.79
CA ASN B 43 -7.00 -11.75 -24.10
C ASN B 43 -7.08 -10.71 -25.22
N VAL B 44 -6.70 -9.47 -24.91
CA VAL B 44 -6.81 -8.37 -25.87
C VAL B 44 -5.52 -7.87 -26.51
N THR B 45 -5.59 -7.57 -27.81
CA THR B 45 -4.45 -7.05 -28.53
C THR B 45 -4.87 -5.76 -29.24
N SER B 46 -4.03 -4.74 -29.13
CA SER B 46 -4.30 -3.44 -29.73
C SER B 46 -3.12 -2.99 -30.56
N GLN B 47 -3.37 -2.66 -31.83
CA GLN B 47 -2.32 -2.17 -32.72
C GLN B 47 -2.84 -1.02 -33.56
N LEU B 48 -2.04 0.03 -33.62
CA LEU B 48 -2.41 1.25 -34.34
C LEU B 48 -1.75 1.36 -35.70
N ARG B 49 -2.42 2.06 -36.61
CA ARG B 49 -1.91 2.29 -37.95
C ARG B 49 -2.05 3.77 -38.23
N GLY B 50 -1.11 4.32 -38.98
CA GLY B 50 -1.18 5.74 -39.29
C GLY B 50 0.16 6.24 -39.75
N ASP B 51 0.45 7.51 -39.48
CA ASP B 51 1.72 8.11 -39.88
C ASP B 51 2.79 7.94 -38.81
N PHE B 52 3.58 6.87 -38.95
CA PHE B 52 4.66 6.58 -38.01
C PHE B 52 5.99 6.56 -38.74
N GLU B 53 6.03 7.29 -39.85
CA GLU B 53 7.24 7.38 -40.68
C GLU B 53 8.46 7.79 -39.87
N ALA B 54 8.36 8.92 -39.16
CA ALA B 54 9.47 9.43 -38.36
C ALA B 54 9.92 8.50 -37.24
N ALA B 55 8.99 7.72 -36.68
CA ALA B 55 9.34 6.79 -35.61
C ALA B 55 10.30 5.73 -36.12
N HIS B 56 10.11 5.30 -37.36
CA HIS B 56 10.96 4.28 -37.95
C HIS B 56 12.28 4.82 -38.51
N THR B 57 12.23 5.91 -39.26
CA THR B 57 13.44 6.47 -39.86
C THR B 57 14.31 7.33 -38.96
N ALA B 58 13.72 7.92 -37.92
CA ALA B 58 14.50 8.79 -37.03
C ALA B 58 14.39 8.42 -35.55
N GLY B 59 13.42 7.60 -35.21
CA GLY B 59 13.25 7.24 -33.81
C GLY B 59 12.53 8.35 -33.07
N ASP B 60 11.84 9.20 -33.84
CA ASP B 60 11.07 10.32 -33.30
C ASP B 60 9.75 9.76 -32.79
N ASN B 61 9.56 9.76 -31.48
CA ASN B 61 8.37 9.19 -30.87
C ASN B 61 7.17 10.10 -30.65
N ALA B 62 7.15 11.26 -31.30
CA ALA B 62 6.04 12.20 -31.14
C ALA B 62 4.67 11.59 -31.45
N HIS B 63 4.61 10.68 -32.41
CA HIS B 63 3.34 10.05 -32.77
C HIS B 63 3.16 8.68 -32.14
N VAL B 64 4.17 8.21 -31.42
CA VAL B 64 4.07 6.88 -30.83
C VAL B 64 3.37 6.79 -29.48
N VAL B 65 2.06 6.53 -29.51
CA VAL B 65 1.29 6.36 -28.29
C VAL B 65 1.86 5.08 -27.67
N ALA B 66 2.50 5.21 -26.51
CA ALA B 66 3.12 4.07 -25.83
C ALA B 66 2.20 2.84 -25.78
N THR B 67 2.77 1.66 -25.98
CA THR B 67 1.95 0.46 -25.93
C THR B 67 1.46 0.31 -24.49
N ASP B 68 2.24 0.82 -23.53
CA ASP B 68 1.86 0.75 -22.13
C ASP B 68 0.58 1.55 -21.95
N THR B 69 0.49 2.68 -22.65
CA THR B 69 -0.71 3.53 -22.58
C THR B 69 -1.89 2.81 -23.19
N GLN B 70 -1.65 2.08 -24.27
CA GLN B 70 -2.73 1.33 -24.92
C GLN B 70 -3.22 0.29 -23.91
N LYS B 71 -2.29 -0.31 -23.20
CA LYS B 71 -2.63 -1.31 -22.20
C LYS B 71 -3.51 -0.70 -21.11
N ASN B 72 -3.09 0.45 -20.56
CA ASN B 72 -3.85 1.11 -19.51
C ASN B 72 -5.26 1.45 -19.96
N THR B 73 -5.41 1.84 -21.22
CA THR B 73 -6.70 2.21 -21.75
C THR B 73 -7.65 1.02 -21.74
N VAL B 74 -7.14 -0.16 -22.09
CA VAL B 74 -7.95 -1.37 -22.08
C VAL B 74 -8.59 -1.57 -20.71
N TYR B 75 -7.78 -1.51 -19.66
CA TYR B 75 -8.28 -1.69 -18.30
C TYR B 75 -9.21 -0.56 -17.87
N ALA B 76 -8.89 0.67 -18.23
CA ALA B 76 -9.71 1.82 -17.87
C ALA B 76 -11.10 1.70 -18.51
N PHE B 77 -11.14 1.29 -19.78
CA PHE B 77 -12.42 1.13 -20.46
C PHE B 77 -13.22 -0.05 -19.90
N ALA B 78 -12.53 -1.11 -19.49
CA ALA B 78 -13.20 -2.29 -18.94
C ALA B 78 -14.03 -1.95 -17.70
N ARG B 79 -13.59 -0.94 -16.95
CA ARG B 79 -14.30 -0.53 -15.74
C ARG B 79 -15.75 -0.18 -16.01
N ASP B 80 -16.04 0.37 -17.18
CA ASP B 80 -17.41 0.73 -17.52
C ASP B 80 -18.24 -0.49 -17.93
N GLY B 81 -17.57 -1.62 -18.12
CA GLY B 81 -18.27 -2.82 -18.52
C GLY B 81 -18.54 -2.82 -20.01
N PHE B 82 -18.91 -3.97 -20.56
CA PHE B 82 -19.20 -4.10 -21.98
C PHE B 82 -20.19 -5.23 -22.23
N ALA B 83 -21.12 -5.00 -23.16
CA ALA B 83 -22.13 -5.98 -23.49
C ALA B 83 -21.52 -7.24 -24.09
N THR B 84 -20.65 -7.05 -25.08
CA THR B 84 -20.00 -8.16 -25.75
C THR B 84 -18.56 -7.78 -26.05
N THR B 85 -17.77 -8.76 -26.47
CA THR B 85 -16.38 -8.53 -26.81
C THR B 85 -16.27 -7.58 -28.01
N GLU B 86 -17.12 -7.77 -29.01
CA GLU B 86 -17.09 -6.91 -30.18
C GLU B 86 -17.38 -5.45 -29.80
N GLU B 87 -18.35 -5.24 -28.92
CA GLU B 87 -18.70 -3.89 -28.48
C GLU B 87 -17.50 -3.22 -27.80
N PHE B 88 -16.72 -4.02 -27.09
CA PHE B 88 -15.54 -3.53 -26.39
C PHE B 88 -14.46 -3.11 -27.39
N LEU B 89 -14.22 -3.95 -28.40
CA LEU B 89 -13.21 -3.61 -29.40
C LEU B 89 -13.62 -2.38 -30.20
N LEU B 90 -14.92 -2.24 -30.44
CA LEU B 90 -15.43 -1.08 -31.18
C LEU B 90 -15.12 0.21 -30.42
N ARG B 91 -15.30 0.19 -29.10
CA ARG B 91 -15.04 1.36 -28.29
C ARG B 91 -13.54 1.71 -28.33
N LEU B 92 -12.69 0.70 -28.21
CA LEU B 92 -11.25 0.92 -28.24
C LEU B 92 -10.79 1.52 -29.56
N GLY B 93 -11.23 0.92 -30.67
CA GLY B 93 -10.84 1.40 -31.97
C GLY B 93 -11.31 2.83 -32.22
N LYS B 94 -12.53 3.13 -31.82
CA LYS B 94 -13.06 4.49 -32.01
C LYS B 94 -12.19 5.47 -31.23
N HIS B 95 -11.89 5.12 -29.99
CA HIS B 95 -11.06 5.96 -29.13
C HIS B 95 -9.72 6.34 -29.73
N PHE B 96 -8.98 5.34 -30.21
CA PHE B 96 -7.66 5.58 -30.77
C PHE B 96 -7.64 6.29 -32.12
N THR B 97 -8.53 5.90 -33.03
CA THR B 97 -8.54 6.53 -34.34
C THR B 97 -8.99 7.99 -34.28
N GLU B 98 -9.96 8.28 -33.42
CA GLU B 98 -10.47 9.64 -33.28
C GLU B 98 -9.68 10.49 -32.28
N GLY B 99 -9.09 9.84 -31.28
CA GLY B 99 -8.35 10.57 -30.28
C GLY B 99 -6.99 11.09 -30.71
N PHE B 100 -6.51 10.60 -31.84
CA PHE B 100 -5.21 11.02 -32.35
C PHE B 100 -5.30 11.24 -33.86
N ASP B 101 -4.92 12.43 -34.30
CA ASP B 101 -4.99 12.80 -35.71
C ASP B 101 -4.13 11.96 -36.64
N TRP B 102 -2.93 11.62 -36.19
CA TRP B 102 -2.02 10.83 -37.03
C TRP B 102 -2.37 9.34 -37.08
N VAL B 103 -3.28 8.90 -36.20
CA VAL B 103 -3.71 7.50 -36.20
C VAL B 103 -4.95 7.43 -37.07
N THR B 104 -4.85 6.74 -38.20
CA THR B 104 -5.96 6.63 -39.15
C THR B 104 -6.68 5.29 -39.11
N GLY B 105 -6.19 4.36 -38.31
CA GLY B 105 -6.82 3.06 -38.23
C GLY B 105 -6.09 2.12 -37.30
N GLY B 106 -6.40 0.84 -37.40
CA GLY B 106 -5.75 -0.14 -36.54
C GLY B 106 -6.45 -1.47 -36.55
N ARG B 107 -5.96 -2.38 -35.72
CA ARG B 107 -6.51 -3.71 -35.61
C ARG B 107 -6.57 -4.04 -34.12
N TRP B 108 -7.76 -4.34 -33.65
CA TRP B 108 -7.99 -4.69 -32.25
C TRP B 108 -8.63 -6.07 -32.26
N ALA B 109 -8.04 -6.99 -31.52
CA ALA B 109 -8.54 -8.35 -31.48
C ALA B 109 -8.60 -8.90 -30.08
N ALA B 110 -9.38 -9.97 -29.91
CA ALA B 110 -9.49 -10.58 -28.61
C ALA B 110 -9.95 -12.01 -28.66
N GLN B 111 -9.50 -12.77 -27.68
CA GLN B 111 -9.89 -14.15 -27.51
C GLN B 111 -10.78 -14.06 -26.27
N GLN B 112 -11.90 -14.79 -26.30
CA GLN B 112 -12.81 -14.79 -25.16
C GLN B 112 -12.85 -16.22 -24.63
N PHE B 113 -12.62 -16.34 -23.33
CA PHE B 113 -12.61 -17.63 -22.66
C PHE B 113 -13.90 -17.81 -21.87
N PHE B 114 -14.47 -19.00 -21.94
CA PHE B 114 -15.72 -19.28 -21.28
C PHE B 114 -15.62 -19.95 -19.92
N TRP B 115 -16.53 -19.57 -19.03
CA TRP B 115 -16.60 -20.10 -17.68
C TRP B 115 -18.01 -20.60 -17.38
N ASP B 116 -18.10 -21.65 -16.57
CA ASP B 116 -19.39 -22.21 -16.15
C ASP B 116 -19.46 -22.11 -14.63
N ARG B 117 -20.66 -21.94 -14.08
CA ARG B 117 -20.80 -21.87 -12.63
C ARG B 117 -20.62 -23.27 -12.06
N ILE B 118 -20.09 -23.35 -10.84
CA ILE B 118 -19.91 -24.64 -10.20
C ILE B 118 -21.23 -24.92 -9.48
N ASN B 119 -21.98 -25.90 -9.97
CA ASN B 119 -23.26 -26.26 -9.38
C ASN B 119 -24.14 -25.02 -9.19
N ASP B 120 -24.17 -24.16 -10.20
CA ASP B 120 -24.97 -22.94 -10.19
C ASP B 120 -24.62 -21.94 -9.07
N HIS B 121 -23.39 -22.00 -8.59
CA HIS B 121 -22.95 -21.10 -7.51
C HIS B 121 -22.94 -19.65 -7.98
N ASP B 122 -23.28 -18.74 -7.07
CA ASP B 122 -23.31 -17.30 -7.38
C ASP B 122 -21.97 -16.69 -7.77
N HIS B 123 -20.87 -17.17 -7.18
CA HIS B 123 -19.56 -16.61 -7.48
C HIS B 123 -18.41 -17.60 -7.54
N ALA B 124 -18.68 -18.82 -7.98
CA ALA B 124 -17.65 -19.85 -8.10
C ALA B 124 -17.81 -20.44 -9.51
N PHE B 125 -16.72 -20.50 -10.26
CA PHE B 125 -16.76 -20.97 -11.64
C PHE B 125 -15.64 -21.93 -12.03
N SER B 126 -15.82 -22.59 -13.17
CA SER B 126 -14.81 -23.50 -13.71
C SER B 126 -14.70 -23.17 -15.19
N ARG B 127 -13.49 -23.23 -15.72
CA ARG B 127 -13.28 -22.92 -17.13
C ARG B 127 -13.84 -23.97 -18.08
N ASN B 128 -14.47 -23.51 -19.15
CA ASN B 128 -14.98 -24.39 -20.20
C ASN B 128 -13.90 -24.18 -21.26
N LYS B 129 -12.99 -25.14 -21.36
CA LYS B 129 -11.86 -25.04 -22.29
C LYS B 129 -12.12 -25.70 -23.64
N SER B 130 -13.35 -26.11 -23.88
CA SER B 130 -13.69 -26.82 -25.12
C SER B 130 -13.73 -25.99 -26.40
N GLU B 131 -13.64 -24.68 -26.27
CA GLU B 131 -13.63 -23.81 -27.44
C GLU B 131 -13.20 -22.40 -27.02
N VAL B 132 -12.68 -21.64 -27.96
CA VAL B 132 -12.27 -20.27 -27.70
C VAL B 132 -12.93 -19.40 -28.76
N ARG B 133 -13.56 -18.32 -28.32
CA ARG B 133 -14.21 -17.39 -29.24
C ARG B 133 -13.25 -16.26 -29.59
N THR B 134 -13.30 -15.80 -30.84
CA THR B 134 -12.42 -14.72 -31.25
C THR B 134 -13.18 -13.59 -31.93
N ALA B 135 -12.59 -12.41 -31.93
CA ALA B 135 -13.18 -11.23 -32.56
C ALA B 135 -12.03 -10.35 -33.00
N VAL B 136 -12.16 -9.76 -34.19
CA VAL B 136 -11.13 -8.88 -34.72
C VAL B 136 -11.82 -7.69 -35.37
N LEU B 137 -11.36 -6.49 -35.03
CA LEU B 137 -11.91 -5.27 -35.60
C LEU B 137 -10.79 -4.54 -36.33
N GLU B 138 -11.04 -4.14 -37.57
CA GLU B 138 -10.05 -3.38 -38.31
C GLU B 138 -10.72 -2.08 -38.72
N ILE B 139 -10.01 -0.98 -38.52
CA ILE B 139 -10.53 0.33 -38.90
C ILE B 139 -9.58 0.90 -39.94
N SER B 140 -10.14 1.42 -41.01
CA SER B 140 -9.37 2.04 -42.09
C SER B 140 -10.11 3.33 -42.43
N GLY B 141 -9.58 4.46 -41.98
CA GLY B 141 -10.24 5.73 -42.24
C GLY B 141 -11.63 5.74 -41.63
N SER B 142 -12.65 5.94 -42.46
CA SER B 142 -14.02 5.97 -41.97
C SER B 142 -14.69 4.62 -42.13
N GLU B 143 -13.91 3.62 -42.52
CA GLU B 143 -14.44 2.27 -42.72
C GLU B 143 -13.97 1.30 -41.63
N GLN B 144 -14.83 0.37 -41.26
CA GLN B 144 -14.49 -0.64 -40.26
C GLN B 144 -15.16 -1.96 -40.60
N ALA B 145 -14.55 -3.06 -40.14
CA ALA B 145 -15.06 -4.39 -40.41
C ALA B 145 -14.78 -5.29 -39.21
N ILE B 146 -15.69 -6.22 -38.97
CA ILE B 146 -15.56 -7.15 -37.86
C ILE B 146 -15.61 -8.60 -38.30
N VAL B 147 -14.67 -9.39 -37.81
CA VAL B 147 -14.61 -10.82 -38.09
C VAL B 147 -14.67 -11.54 -36.74
N ALA B 148 -15.63 -12.44 -36.60
CA ALA B 148 -15.77 -13.21 -35.36
C ALA B 148 -15.35 -14.63 -35.71
N GLY B 149 -15.09 -15.44 -34.69
CA GLY B 149 -14.68 -16.79 -34.98
C GLY B 149 -14.70 -17.72 -33.80
N ILE B 150 -14.35 -18.97 -34.06
CA ILE B 150 -14.30 -19.98 -33.03
C ILE B 150 -13.09 -20.84 -33.36
N GLU B 151 -12.44 -21.38 -32.33
CA GLU B 151 -11.28 -22.22 -32.55
C GLU B 151 -11.15 -23.18 -31.37
N GLY B 152 -10.33 -24.21 -31.54
CA GLY B 152 -10.10 -25.17 -30.47
C GLY B 152 -11.23 -26.16 -30.20
N LEU B 153 -12.24 -26.19 -31.06
CA LEU B 153 -13.37 -27.11 -30.88
C LEU B 153 -13.11 -28.40 -31.64
N THR B 154 -12.72 -29.44 -30.91
CA THR B 154 -12.42 -30.72 -31.53
C THR B 154 -13.65 -31.59 -31.66
N VAL B 155 -13.84 -32.17 -32.85
CA VAL B 155 -14.99 -33.01 -33.11
C VAL B 155 -14.57 -34.30 -33.79
N LEU B 156 -15.42 -35.30 -33.71
CA LEU B 156 -15.12 -36.58 -34.31
C LEU B 156 -16.38 -37.37 -34.63
N LYS B 157 -16.38 -38.02 -35.78
CA LYS B 157 -17.48 -38.89 -36.21
C LYS B 157 -16.83 -40.26 -36.27
N SER B 158 -17.41 -41.24 -35.58
CA SER B 158 -16.82 -42.58 -35.58
C SER B 158 -17.18 -43.37 -36.83
N THR B 159 -18.15 -42.86 -37.59
CA THR B 159 -18.57 -43.48 -38.84
C THR B 159 -19.30 -42.42 -39.67
N GLY B 160 -19.78 -42.80 -40.84
CA GLY B 160 -20.48 -41.84 -41.68
C GLY B 160 -19.49 -40.95 -42.41
N SER B 161 -18.34 -41.52 -42.76
CA SER B 161 -17.31 -40.81 -43.49
C SER B 161 -16.69 -41.79 -44.47
N GLU B 162 -16.53 -41.34 -45.71
CA GLU B 162 -15.97 -42.16 -46.77
C GLU B 162 -14.90 -41.36 -47.51
N PHE B 163 -14.07 -42.06 -48.26
CA PHE B 163 -13.06 -41.42 -49.08
C PHE B 163 -12.59 -42.38 -50.15
N HIS B 164 -13.15 -42.23 -51.34
CA HIS B 164 -12.84 -43.07 -52.48
C HIS B 164 -13.00 -42.27 -53.78
N GLY B 165 -12.49 -42.83 -54.87
CA GLY B 165 -12.62 -42.15 -56.15
C GLY B 165 -11.49 -41.18 -56.45
N PHE B 166 -10.51 -41.06 -55.55
CA PHE B 166 -9.39 -40.16 -55.80
C PHE B 166 -8.44 -40.73 -56.83
N PRO B 167 -7.72 -39.86 -57.56
CA PRO B 167 -6.78 -40.36 -58.57
C PRO B 167 -5.66 -41.18 -57.95
N ARG B 168 -5.09 -42.09 -58.72
CA ARG B 168 -4.01 -42.92 -58.22
C ARG B 168 -2.78 -42.83 -59.12
N ASP B 169 -1.78 -42.09 -58.69
CA ASP B 169 -0.56 -41.94 -59.46
C ASP B 169 0.49 -42.89 -58.87
N LYS B 170 1.72 -42.81 -59.35
CA LYS B 170 2.76 -43.71 -58.85
C LYS B 170 3.11 -43.52 -57.38
N TYR B 171 2.66 -42.42 -56.78
CA TYR B 171 2.95 -42.16 -55.37
C TYR B 171 1.74 -42.40 -54.47
N THR B 172 0.69 -42.99 -55.04
CA THR B 172 -0.53 -43.26 -54.29
C THR B 172 -0.57 -44.68 -53.73
N THR B 173 -0.78 -44.81 -52.43
CA THR B 173 -0.86 -46.12 -51.79
C THR B 173 -2.11 -46.24 -50.92
N LEU B 174 -2.73 -45.11 -50.61
CA LEU B 174 -3.93 -45.07 -49.79
C LEU B 174 -5.06 -45.93 -50.33
N GLN B 175 -5.61 -46.80 -49.50
CA GLN B 175 -6.71 -47.66 -49.92
C GLN B 175 -8.03 -46.88 -49.79
N GLU B 176 -8.95 -47.12 -50.72
CA GLU B 176 -10.23 -46.43 -50.66
C GLU B 176 -11.02 -47.03 -49.49
N THR B 177 -11.95 -46.25 -48.95
CA THR B 177 -12.75 -46.73 -47.83
C THR B 177 -14.14 -46.11 -47.84
N THR B 178 -15.11 -46.85 -47.30
CA THR B 178 -16.48 -46.36 -47.22
C THR B 178 -16.85 -46.19 -45.75
N ASP B 179 -15.87 -46.37 -44.86
CA ASP B 179 -16.10 -46.25 -43.43
C ASP B 179 -14.81 -45.93 -42.67
N ARG B 180 -14.66 -44.67 -42.27
CA ARG B 180 -13.47 -44.26 -41.52
C ARG B 180 -13.88 -43.23 -40.49
N ILE B 181 -12.97 -42.93 -39.57
CA ILE B 181 -13.24 -41.91 -38.56
C ILE B 181 -12.90 -40.57 -39.21
N LEU B 182 -13.66 -39.55 -38.87
CA LEU B 182 -13.41 -38.21 -39.38
C LEU B 182 -13.29 -37.31 -38.15
N ALA B 183 -12.08 -36.87 -37.85
CA ALA B 183 -11.83 -36.01 -36.69
C ALA B 183 -11.12 -34.73 -37.13
N THR B 184 -11.51 -33.61 -36.55
CA THR B 184 -10.89 -32.32 -36.88
C THR B 184 -11.02 -31.31 -35.75
N ASP B 185 -10.37 -30.17 -35.92
CA ASP B 185 -10.43 -29.07 -34.94
C ASP B 185 -11.12 -27.95 -35.70
N VAL B 186 -12.32 -27.57 -35.26
CA VAL B 186 -13.04 -26.53 -35.96
C VAL B 186 -12.48 -25.14 -35.73
N SER B 187 -11.91 -24.57 -36.78
CA SER B 187 -11.38 -23.20 -36.75
C SER B 187 -12.17 -22.52 -37.86
N ALA B 188 -12.97 -21.53 -37.48
CA ALA B 188 -13.78 -20.81 -38.45
C ALA B 188 -13.83 -19.34 -38.10
N ARG B 189 -13.88 -18.50 -39.11
CA ARG B 189 -13.96 -17.05 -38.92
C ARG B 189 -14.92 -16.52 -39.98
N TRP B 190 -15.80 -15.63 -39.58
CA TRP B 190 -16.77 -15.07 -40.50
C TRP B 190 -16.79 -13.55 -40.43
N ARG B 191 -16.95 -12.92 -41.59
CA ARG B 191 -16.97 -11.47 -41.68
C ARG B 191 -18.40 -10.93 -41.75
N TYR B 192 -18.70 -9.95 -40.90
CA TYR B 192 -20.02 -9.33 -40.86
C TYR B 192 -20.08 -8.19 -41.87
N ASN B 193 -21.23 -8.01 -42.50
CA ASN B 193 -21.38 -6.94 -43.47
C ASN B 193 -22.01 -5.71 -42.84
N THR B 194 -22.05 -5.71 -41.51
CA THR B 194 -22.62 -4.61 -40.73
C THR B 194 -22.24 -4.77 -39.27
N VAL B 195 -22.07 -3.65 -38.56
CA VAL B 195 -21.71 -3.72 -37.14
C VAL B 195 -22.94 -3.83 -36.24
N GLU B 196 -24.13 -3.62 -36.81
CA GLU B 196 -25.35 -3.73 -36.01
C GLU B 196 -25.79 -5.19 -35.99
N VAL B 197 -25.14 -5.97 -35.13
CA VAL B 197 -25.41 -7.40 -34.99
C VAL B 197 -25.55 -7.82 -33.53
N ASP B 198 -26.35 -8.86 -33.29
CA ASP B 198 -26.52 -9.41 -31.95
C ASP B 198 -25.37 -10.42 -31.86
N PHE B 199 -24.17 -9.90 -31.67
CA PHE B 199 -22.97 -10.71 -31.62
C PHE B 199 -23.05 -12.01 -30.84
N ASP B 200 -23.57 -11.97 -29.61
CA ASP B 200 -23.66 -13.19 -28.81
C ASP B 200 -24.61 -14.22 -29.42
N ALA B 201 -25.78 -13.76 -29.88
CA ALA B 201 -26.75 -14.68 -30.47
C ALA B 201 -26.23 -15.30 -31.76
N VAL B 202 -25.57 -14.51 -32.59
CA VAL B 202 -25.05 -15.05 -33.85
C VAL B 202 -23.94 -16.06 -33.58
N TYR B 203 -23.06 -15.75 -32.63
CA TYR B 203 -21.99 -16.68 -32.31
C TYR B 203 -22.53 -18.05 -31.89
N ALA B 204 -23.51 -18.05 -31.00
CA ALA B 204 -24.11 -19.31 -30.55
C ALA B 204 -24.78 -20.03 -31.71
N SER B 205 -25.43 -19.26 -32.58
CA SER B 205 -26.10 -19.86 -33.73
C SER B 205 -25.09 -20.48 -34.68
N VAL B 206 -24.08 -19.72 -35.07
CA VAL B 206 -23.07 -20.22 -35.98
C VAL B 206 -22.41 -21.49 -35.42
N ARG B 207 -22.03 -21.44 -34.16
CA ARG B 207 -21.41 -22.60 -33.52
C ARG B 207 -22.29 -23.83 -33.70
N GLY B 208 -23.59 -23.66 -33.43
CA GLY B 208 -24.52 -24.76 -33.56
C GLY B 208 -24.67 -25.27 -34.98
N LEU B 209 -24.70 -24.35 -35.95
CA LEU B 209 -24.84 -24.72 -37.35
C LEU B 209 -23.62 -25.50 -37.83
N LEU B 210 -22.43 -25.09 -37.39
CA LEU B 210 -21.20 -25.76 -37.78
C LEU B 210 -21.18 -27.18 -37.25
N LEU B 211 -21.53 -27.34 -35.97
CA LEU B 211 -21.56 -28.65 -35.33
C LEU B 211 -22.60 -29.57 -36.00
N LYS B 212 -23.77 -29.01 -36.29
CA LYS B 212 -24.86 -29.76 -36.91
C LYS B 212 -24.46 -30.27 -38.30
N ALA B 213 -23.91 -29.38 -39.12
CA ALA B 213 -23.49 -29.74 -40.47
C ALA B 213 -22.38 -30.80 -40.42
N PHE B 214 -21.48 -30.67 -39.45
CA PHE B 214 -20.41 -31.64 -39.34
C PHE B 214 -20.96 -33.02 -39.01
N ALA B 215 -21.85 -33.07 -38.03
CA ALA B 215 -22.43 -34.33 -37.56
C ALA B 215 -23.42 -35.02 -38.51
N GLU B 216 -24.32 -34.25 -39.10
CA GLU B 216 -25.36 -34.83 -39.97
C GLU B 216 -25.00 -35.02 -41.44
N THR B 217 -23.88 -34.49 -41.88
CA THR B 217 -23.49 -34.65 -43.27
C THR B 217 -22.75 -35.95 -43.50
N HIS B 218 -23.26 -36.79 -44.41
CA HIS B 218 -22.58 -38.03 -44.71
C HIS B 218 -21.40 -37.59 -45.56
N SER B 219 -20.22 -37.56 -44.95
CA SER B 219 -19.02 -37.09 -45.61
C SER B 219 -18.37 -37.99 -46.65
N LEU B 220 -18.26 -37.47 -47.88
CA LEU B 220 -17.61 -38.20 -48.95
C LEU B 220 -16.20 -37.62 -49.09
N ALA B 221 -15.97 -36.53 -48.37
CA ALA B 221 -14.67 -35.84 -48.35
C ALA B 221 -14.72 -34.74 -47.29
N LEU B 222 -13.58 -34.41 -46.70
CA LEU B 222 -13.56 -33.35 -45.69
C LEU B 222 -13.98 -32.03 -46.35
N GLN B 223 -13.65 -31.89 -47.64
CA GLN B 223 -13.98 -30.69 -48.39
C GLN B 223 -15.50 -30.48 -48.49
N GLN B 224 -16.23 -31.58 -48.64
CA GLN B 224 -17.68 -31.53 -48.75
C GLN B 224 -18.29 -31.15 -47.40
N THR B 225 -17.80 -31.78 -46.34
CA THR B 225 -18.29 -31.51 -44.98
C THR B 225 -18.11 -30.03 -44.68
N MET B 226 -16.94 -29.49 -45.00
CA MET B 226 -16.65 -28.09 -44.76
C MET B 226 -17.55 -27.19 -45.61
N TYR B 227 -17.78 -27.59 -46.85
CA TYR B 227 -18.65 -26.79 -47.72
C TYR B 227 -20.05 -26.71 -47.11
N GLU B 228 -20.55 -27.84 -46.63
CA GLU B 228 -21.87 -27.88 -46.03
C GLU B 228 -21.96 -27.07 -44.74
N MET B 229 -20.86 -27.03 -43.99
CA MET B 229 -20.82 -26.28 -42.74
C MET B 229 -20.91 -24.79 -43.06
N GLY B 230 -20.17 -24.37 -44.09
CA GLY B 230 -20.16 -22.97 -44.45
C GLY B 230 -21.46 -22.52 -45.11
N ARG B 231 -22.06 -23.42 -45.88
CA ARG B 231 -23.32 -23.11 -46.56
C ARG B 231 -24.40 -22.82 -45.54
N ALA B 232 -24.48 -23.68 -44.51
CA ALA B 232 -25.48 -23.52 -43.46
C ALA B 232 -25.40 -22.14 -42.83
N VAL B 233 -24.19 -21.68 -42.55
CA VAL B 233 -23.99 -20.38 -41.95
C VAL B 233 -24.45 -19.23 -42.86
N ILE B 234 -23.96 -19.21 -44.08
CA ILE B 234 -24.31 -18.16 -45.03
C ILE B 234 -25.82 -18.09 -45.30
N GLU B 235 -26.44 -19.25 -45.44
CA GLU B 235 -27.88 -19.31 -45.70
C GLU B 235 -28.73 -18.93 -44.49
N THR B 236 -28.15 -19.00 -43.30
CA THR B 236 -28.89 -18.68 -42.09
C THR B 236 -28.73 -17.24 -41.62
N HIS B 237 -27.57 -16.65 -41.86
CA HIS B 237 -27.32 -15.29 -41.40
C HIS B 237 -27.04 -14.26 -42.49
N PRO B 238 -27.98 -13.33 -42.72
CA PRO B 238 -27.84 -12.28 -43.72
C PRO B 238 -26.70 -11.30 -43.44
N GLU B 239 -26.35 -11.15 -42.16
CA GLU B 239 -25.28 -10.22 -41.79
C GLU B 239 -23.87 -10.76 -42.02
N ILE B 240 -23.79 -12.01 -42.46
CA ILE B 240 -22.49 -12.62 -42.73
C ILE B 240 -22.25 -12.75 -44.24
N ASP B 241 -21.17 -12.17 -44.73
CA ASP B 241 -20.85 -12.22 -46.15
C ASP B 241 -19.96 -13.38 -46.56
N GLU B 242 -19.15 -13.87 -45.63
CA GLU B 242 -18.25 -14.98 -45.93
C GLU B 242 -17.75 -15.64 -44.65
N ILE B 243 -17.38 -16.90 -44.78
CA ILE B 243 -16.85 -17.64 -43.64
C ILE B 243 -15.69 -18.46 -44.16
N LYS B 244 -14.58 -18.41 -43.43
CA LYS B 244 -13.38 -19.14 -43.79
C LYS B 244 -13.14 -20.21 -42.75
N MET B 245 -12.82 -21.42 -43.20
CA MET B 245 -12.55 -22.51 -42.29
C MET B 245 -11.23 -23.18 -42.62
N SER B 246 -10.57 -23.68 -41.59
CA SER B 246 -9.30 -24.38 -41.71
C SER B 246 -9.50 -25.63 -40.87
N LEU B 247 -9.65 -26.77 -41.54
CA LEU B 247 -9.90 -28.02 -40.85
C LEU B 247 -8.84 -29.09 -41.06
N PRO B 248 -8.17 -29.50 -39.98
CA PRO B 248 -7.16 -30.54 -40.14
C PRO B 248 -7.87 -31.88 -40.16
N ASN B 249 -7.31 -32.85 -40.87
CA ASN B 249 -7.90 -34.17 -40.85
C ASN B 249 -6.96 -34.90 -39.90
N LYS B 250 -7.40 -35.04 -38.64
CA LYS B 250 -6.60 -35.70 -37.62
C LYS B 250 -6.77 -37.20 -37.76
N HIS B 251 -5.82 -37.80 -38.45
CA HIS B 251 -5.87 -39.23 -38.75
C HIS B 251 -5.92 -40.19 -37.56
N HIS B 252 -6.88 -41.08 -37.61
CA HIS B 252 -7.06 -42.14 -36.63
C HIS B 252 -6.90 -43.40 -37.47
N PHE B 253 -5.72 -44.00 -37.39
CA PHE B 253 -5.40 -45.19 -38.16
C PHE B 253 -5.94 -46.48 -37.54
N LEU B 254 -6.63 -47.27 -38.37
CA LEU B 254 -7.16 -48.54 -37.91
C LEU B 254 -5.94 -49.43 -37.72
N VAL B 255 -5.67 -49.85 -36.49
CA VAL B 255 -4.51 -50.67 -36.21
C VAL B 255 -4.63 -52.09 -36.78
N ASP B 256 -3.56 -52.59 -37.37
CA ASP B 256 -3.56 -53.94 -37.91
C ASP B 256 -3.35 -54.92 -36.76
N LEU B 257 -4.38 -55.71 -36.47
CA LEU B 257 -4.31 -56.68 -35.38
C LEU B 257 -4.17 -58.12 -35.88
N GLN B 258 -4.13 -58.29 -37.20
CA GLN B 258 -3.99 -59.63 -37.75
C GLN B 258 -2.76 -60.37 -37.21
N PRO B 259 -1.61 -59.67 -37.06
CA PRO B 259 -0.42 -60.36 -36.55
C PRO B 259 -0.64 -61.02 -35.19
N PHE B 260 -1.66 -60.58 -34.47
CA PHE B 260 -1.94 -61.12 -33.14
C PHE B 260 -3.08 -62.14 -33.16
N GLY B 261 -3.50 -62.53 -34.36
CA GLY B 261 -4.58 -63.50 -34.50
C GLY B 261 -5.95 -62.89 -34.27
N GLN B 262 -6.05 -61.58 -34.42
CA GLN B 262 -7.30 -60.85 -34.21
C GLN B 262 -7.75 -60.15 -35.49
N ASP B 263 -8.89 -59.47 -35.40
CA ASP B 263 -9.41 -58.67 -36.50
C ASP B 263 -9.72 -57.33 -35.86
N ASN B 264 -9.99 -56.31 -36.67
CA ASN B 264 -10.28 -55.00 -36.14
C ASN B 264 -11.44 -54.39 -36.93
N PRO B 265 -12.68 -54.66 -36.49
CA PRO B 265 -13.88 -54.15 -37.14
C PRO B 265 -14.16 -52.67 -36.85
N ASN B 266 -13.24 -51.81 -37.27
CA ASN B 266 -13.34 -50.36 -37.06
C ASN B 266 -13.50 -50.00 -35.59
N GLU B 267 -12.74 -50.68 -34.73
CA GLU B 267 -12.82 -50.44 -33.29
C GLU B 267 -11.57 -49.87 -32.62
N VAL B 268 -10.39 -50.36 -32.99
CA VAL B 268 -9.16 -49.91 -32.37
C VAL B 268 -8.34 -48.99 -33.26
N PHE B 269 -8.10 -47.76 -32.79
CA PHE B 269 -7.37 -46.77 -33.57
C PHE B 269 -6.17 -46.13 -32.88
N TYR B 270 -5.22 -45.73 -33.72
CA TYR B 270 -4.02 -45.04 -33.29
C TYR B 270 -4.23 -43.60 -33.74
N ALA B 271 -4.29 -42.67 -32.79
CA ALA B 271 -4.49 -41.26 -33.12
C ALA B 271 -3.13 -40.60 -33.33
N ALA B 272 -2.75 -40.40 -34.59
CA ALA B 272 -1.47 -39.80 -34.94
C ALA B 272 -1.46 -38.28 -34.77
N ASP B 273 -0.33 -37.76 -34.32
CA ASP B 273 -0.16 -36.32 -34.12
C ASP B 273 0.14 -35.61 -35.44
N ARG B 274 1.21 -36.04 -36.10
CA ARG B 274 1.62 -35.46 -37.38
C ARG B 274 2.13 -36.59 -38.27
N PRO B 275 1.99 -36.45 -39.59
CA PRO B 275 1.38 -35.33 -40.29
C PRO B 275 -0.14 -35.42 -40.25
N TYR B 276 -0.80 -34.39 -40.77
CA TYR B 276 -2.26 -34.38 -40.80
C TYR B 276 -2.72 -33.66 -42.06
N GLY B 277 -3.88 -34.05 -42.56
CA GLY B 277 -4.40 -33.38 -43.73
C GLY B 277 -4.85 -32.01 -43.28
N LEU B 278 -4.78 -31.02 -44.17
CA LEU B 278 -5.22 -29.67 -43.83
C LEU B 278 -6.07 -29.15 -45.00
N ILE B 279 -7.37 -29.07 -44.76
CA ILE B 279 -8.34 -28.64 -45.77
C ILE B 279 -8.84 -27.25 -45.40
N GLU B 280 -8.71 -26.29 -46.31
CA GLU B 280 -9.13 -24.92 -46.03
C GLU B 280 -9.95 -24.33 -47.18
N ALA B 281 -10.91 -23.49 -46.83
CA ALA B 281 -11.75 -22.87 -47.86
C ALA B 281 -12.56 -21.70 -47.35
N THR B 282 -12.96 -20.86 -48.31
CA THR B 282 -13.78 -19.70 -48.03
C THR B 282 -15.11 -19.96 -48.70
N ILE B 283 -16.20 -19.81 -47.95
CA ILE B 283 -17.53 -20.00 -48.49
C ILE B 283 -18.13 -18.61 -48.38
N GLN B 284 -18.64 -18.09 -49.48
CA GLN B 284 -19.19 -16.75 -49.47
C GLN B 284 -20.54 -16.58 -50.15
N ARG B 285 -21.14 -15.43 -49.87
CA ARG B 285 -22.42 -15.05 -50.43
C ARG B 285 -22.14 -14.51 -51.83
N GLU B 286 -22.78 -15.09 -52.83
CA GLU B 286 -22.57 -14.64 -54.20
C GLU B 286 -22.74 -13.14 -54.31
N GLY B 287 -21.73 -12.46 -54.86
CA GLY B 287 -21.80 -11.02 -55.02
C GLY B 287 -20.99 -10.25 -53.99
N SER B 288 -20.65 -10.91 -52.89
CA SER B 288 -19.89 -10.27 -51.82
C SER B 288 -18.44 -10.03 -52.23
N ARG B 289 -17.77 -9.13 -51.50
CA ARG B 289 -16.38 -8.78 -51.79
C ARG B 289 -15.47 -10.00 -51.86
N ALA B 290 -14.52 -9.95 -52.78
CA ALA B 290 -13.59 -11.05 -53.01
C ALA B 290 -12.44 -11.18 -52.00
N ASP B 291 -11.70 -10.10 -51.77
CA ASP B 291 -10.57 -10.16 -50.83
C ASP B 291 -10.48 -8.98 -49.87
N HIS B 292 -11.36 -8.97 -48.87
CA HIS B 292 -11.38 -7.89 -47.89
C HIS B 292 -10.02 -7.80 -47.20
N PRO B 293 -9.53 -6.58 -46.98
CA PRO B 293 -8.24 -6.31 -46.33
C PRO B 293 -8.07 -6.86 -44.92
N ILE B 294 -9.18 -7.06 -44.22
CA ILE B 294 -9.15 -7.57 -42.85
C ILE B 294 -8.53 -8.97 -42.76
N TRP B 295 -8.53 -9.70 -43.87
CA TRP B 295 -7.97 -11.05 -43.88
C TRP B 295 -6.45 -11.08 -43.97
N SER B 296 -5.85 -9.91 -44.21
CA SER B 296 -4.39 -9.82 -44.32
C SER B 296 -3.69 -9.83 -42.97
N ASN B 297 -4.29 -9.18 -41.98
CA ASN B 297 -3.73 -9.13 -40.63
C ASN B 297 -2.40 -8.37 -40.58
N THR C 11 -28.70 -16.43 -49.61
CA THR C 11 -29.27 -16.67 -50.97
C THR C 11 -28.40 -17.65 -51.75
N LYS C 12 -27.54 -17.13 -52.62
CA LYS C 12 -26.65 -17.97 -53.41
C LYS C 12 -25.29 -18.08 -52.75
N VAL C 13 -24.86 -19.32 -52.51
CA VAL C 13 -23.58 -19.58 -51.87
C VAL C 13 -22.56 -20.02 -52.90
N VAL C 14 -21.33 -19.53 -52.77
CA VAL C 14 -20.27 -19.86 -53.71
C VAL C 14 -18.96 -20.24 -53.01
N LEU C 15 -18.22 -21.17 -53.62
CA LEU C 15 -16.94 -21.60 -53.07
C LEU C 15 -15.92 -20.56 -53.49
N GLY C 16 -15.19 -20.00 -52.54
CA GLY C 16 -14.18 -19.01 -52.87
C GLY C 16 -12.80 -19.63 -52.90
N GLN C 17 -11.81 -18.90 -52.42
CA GLN C 17 -10.44 -19.40 -52.39
C GLN C 17 -10.43 -20.66 -51.55
N ASN C 18 -9.62 -21.64 -51.94
CA ASN C 18 -9.52 -22.88 -51.19
C ASN C 18 -8.22 -23.60 -51.52
N GLN C 19 -7.78 -24.44 -50.58
CA GLN C 19 -6.53 -25.19 -50.77
C GLN C 19 -6.53 -26.36 -49.80
N TYR C 20 -5.79 -27.41 -50.13
CA TYR C 20 -5.72 -28.56 -49.24
C TYR C 20 -4.46 -29.37 -49.49
N GLY C 21 -4.05 -30.17 -48.50
CA GLY C 21 -2.88 -30.98 -48.65
C GLY C 21 -2.45 -31.60 -47.33
N LYS C 22 -1.20 -32.01 -47.25
CA LYS C 22 -0.69 -32.60 -46.02
C LYS C 22 0.22 -31.62 -45.31
N ALA C 23 -0.05 -31.39 -44.03
CA ALA C 23 0.74 -30.47 -43.24
C ALA C 23 1.66 -31.18 -42.26
N GLU C 24 2.82 -30.56 -42.03
CA GLU C 24 3.82 -31.02 -41.09
C GLU C 24 4.33 -32.46 -41.27
N VAL C 25 4.91 -32.70 -42.44
CA VAL C 25 5.52 -33.99 -42.75
C VAL C 25 6.95 -33.85 -42.28
N ARG C 26 7.30 -34.55 -41.21
CA ARG C 26 8.63 -34.49 -40.63
C ARG C 26 9.60 -35.41 -41.36
N LEU C 27 10.57 -34.79 -42.03
CA LEU C 27 11.55 -35.50 -42.82
C LEU C 27 12.97 -35.28 -42.31
N VAL C 28 13.74 -36.36 -42.25
CA VAL C 28 15.14 -36.29 -41.87
C VAL C 28 15.85 -37.02 -43.00
N LYS C 29 16.71 -36.31 -43.71
CA LYS C 29 17.45 -36.88 -44.81
C LYS C 29 18.92 -36.99 -44.41
N VAL C 30 19.43 -38.21 -44.40
CA VAL C 30 20.82 -38.43 -44.04
C VAL C 30 21.65 -38.66 -45.30
N THR C 31 22.74 -37.92 -45.42
CA THR C 31 23.63 -38.10 -46.56
C THR C 31 24.79 -38.90 -46.01
N ARG C 32 24.98 -40.12 -46.53
CA ARG C 32 26.05 -40.97 -46.03
C ARG C 32 26.82 -41.71 -47.11
N ASN C 33 27.08 -41.04 -48.23
CA ASN C 33 27.84 -41.67 -49.30
C ASN C 33 29.28 -41.87 -48.79
N THR C 34 29.67 -41.03 -47.84
CA THR C 34 31.00 -41.11 -47.22
C THR C 34 30.79 -41.24 -45.72
N ALA C 35 31.86 -41.56 -44.98
CA ALA C 35 31.78 -41.72 -43.54
C ALA C 35 31.38 -40.41 -42.85
N ARG C 36 31.56 -39.30 -43.56
CA ARG C 36 31.21 -37.99 -43.03
C ARG C 36 29.71 -37.74 -43.28
N HIS C 37 28.86 -38.17 -42.35
CA HIS C 37 27.42 -38.01 -42.51
C HIS C 37 26.94 -36.57 -42.39
N GLU C 38 25.91 -36.25 -43.17
CA GLU C 38 25.28 -34.93 -43.17
C GLU C 38 23.81 -35.12 -42.84
N ILE C 39 23.21 -34.14 -42.17
CA ILE C 39 21.81 -34.22 -41.79
C ILE C 39 21.00 -33.02 -42.27
N GLN C 40 19.82 -33.32 -42.81
CA GLN C 40 18.88 -32.29 -43.25
C GLN C 40 17.59 -32.67 -42.54
N ASP C 41 17.06 -31.74 -41.76
CA ASP C 41 15.88 -31.96 -40.94
C ASP C 41 14.81 -30.93 -41.29
N LEU C 42 13.67 -31.39 -41.82
CA LEU C 42 12.60 -30.49 -42.23
C LEU C 42 11.20 -30.86 -41.71
N ASN C 43 10.33 -29.85 -41.70
CA ASN C 43 8.93 -30.03 -41.33
C ASN C 43 8.27 -29.43 -42.59
N VAL C 44 7.74 -30.30 -43.45
CA VAL C 44 7.16 -29.89 -44.72
C VAL C 44 5.63 -29.91 -44.83
N THR C 45 5.09 -28.88 -45.49
CA THR C 45 3.65 -28.77 -45.69
C THR C 45 3.39 -28.56 -47.19
N SER C 46 2.43 -29.31 -47.72
CA SER C 46 2.09 -29.22 -49.14
C SER C 46 0.59 -28.99 -49.31
N GLN C 47 0.23 -27.95 -50.03
CA GLN C 47 -1.18 -27.67 -50.28
C GLN C 47 -1.37 -27.27 -51.74
N LEU C 48 -2.42 -27.83 -52.35
CA LEU C 48 -2.69 -27.58 -53.76
C LEU C 48 -3.86 -26.65 -53.98
N ARG C 49 -3.85 -25.96 -55.11
CA ARG C 49 -4.91 -25.04 -55.50
C ARG C 49 -5.28 -25.33 -56.95
N GLY C 50 -6.54 -25.11 -57.30
CA GLY C 50 -6.99 -25.37 -58.66
C GLY C 50 -8.49 -25.54 -58.71
N ASP C 51 -8.96 -26.42 -59.59
CA ASP C 51 -10.39 -26.68 -59.72
C ASP C 51 -10.83 -27.82 -58.82
N PHE C 52 -11.35 -27.47 -57.65
CA PHE C 52 -11.80 -28.46 -56.68
C PHE C 52 -13.27 -28.22 -56.33
N GLU C 53 -13.98 -27.60 -57.28
CA GLU C 53 -15.40 -27.29 -57.11
C GLU C 53 -16.24 -28.52 -56.76
N ALA C 54 -16.17 -29.55 -57.60
CA ALA C 54 -16.93 -30.77 -57.39
C ALA C 54 -16.61 -31.47 -56.07
N ALA C 55 -15.35 -31.38 -55.64
CA ALA C 55 -14.95 -32.01 -54.38
C ALA C 55 -15.73 -31.40 -53.22
N HIS C 56 -15.92 -30.08 -53.26
CA HIS C 56 -16.64 -29.39 -52.21
C HIS C 56 -18.16 -29.48 -52.31
N THR C 57 -18.70 -29.27 -53.50
CA THR C 57 -20.15 -29.29 -53.67
C THR C 57 -20.81 -30.67 -53.83
N ALA C 58 -20.04 -31.67 -54.23
CA ALA C 58 -20.62 -33.00 -54.41
C ALA C 58 -19.85 -34.13 -53.75
N GLY C 59 -18.64 -33.86 -53.30
CA GLY C 59 -17.85 -34.91 -52.68
C GLY C 59 -17.28 -35.82 -53.75
N ASP C 60 -17.12 -35.28 -54.95
CA ASP C 60 -16.55 -36.01 -56.08
C ASP C 60 -15.04 -35.83 -55.95
N ASN C 61 -14.32 -36.90 -55.65
CA ASN C 61 -12.88 -36.82 -55.44
C ASN C 61 -11.98 -37.06 -56.65
N ALA C 62 -12.54 -37.02 -57.86
CA ALA C 62 -11.75 -37.24 -59.07
C ALA C 62 -10.51 -36.34 -59.16
N HIS C 63 -10.63 -35.09 -58.71
CA HIS C 63 -9.51 -34.14 -58.75
C HIS C 63 -8.69 -34.10 -57.47
N VAL C 64 -9.15 -34.79 -56.44
CA VAL C 64 -8.46 -34.76 -55.16
C VAL C 64 -7.27 -35.69 -54.97
N VAL C 65 -6.08 -35.19 -55.29
CA VAL C 65 -4.87 -35.97 -55.08
C VAL C 65 -4.79 -36.12 -53.56
N ALA C 66 -4.92 -37.34 -53.07
CA ALA C 66 -4.91 -37.60 -51.62
C ALA C 66 -3.77 -36.92 -50.87
N THR C 67 -4.06 -36.40 -49.68
CA THR C 67 -3.02 -35.75 -48.91
C THR C 67 -1.95 -36.80 -48.56
N ASP C 68 -2.38 -38.06 -48.44
CA ASP C 68 -1.46 -39.16 -48.14
C ASP C 68 -0.47 -39.30 -49.32
N THR C 69 -0.98 -39.12 -50.53
CA THR C 69 -0.15 -39.20 -51.74
C THR C 69 0.85 -38.05 -51.75
N GLN C 70 0.41 -36.87 -51.32
CA GLN C 70 1.29 -35.71 -51.28
C GLN C 70 2.41 -35.98 -50.29
N LYS C 71 2.08 -36.65 -49.19
CA LYS C 71 3.07 -37.00 -48.17
C LYS C 71 4.07 -37.99 -48.77
N ASN C 72 3.57 -39.02 -49.46
CA ASN C 72 4.43 -40.02 -50.07
C ASN C 72 5.42 -39.38 -51.05
N THR C 73 4.94 -38.37 -51.78
CA THR C 73 5.78 -37.69 -52.76
C THR C 73 6.94 -36.98 -52.09
N VAL C 74 6.69 -36.37 -50.93
CA VAL C 74 7.74 -35.69 -50.20
C VAL C 74 8.88 -36.65 -49.86
N TYR C 75 8.55 -37.83 -49.33
CA TYR C 75 9.59 -38.79 -48.98
C TYR C 75 10.28 -39.40 -50.21
N ALA C 76 9.52 -39.66 -51.26
CA ALA C 76 10.12 -40.22 -52.47
C ALA C 76 11.10 -39.20 -53.09
N PHE C 77 10.72 -37.94 -53.11
CA PHE C 77 11.59 -36.90 -53.66
C PHE C 77 12.84 -36.68 -52.82
N ALA C 78 12.72 -36.84 -51.52
CA ALA C 78 13.85 -36.66 -50.61
C ALA C 78 14.96 -37.68 -50.89
N ARG C 79 14.60 -38.85 -51.38
CA ARG C 79 15.58 -39.90 -51.69
C ARG C 79 16.66 -39.41 -52.66
N ASP C 80 16.28 -38.58 -53.62
CA ASP C 80 17.23 -38.06 -54.60
C ASP C 80 18.12 -36.98 -54.01
N GLY C 81 17.75 -36.49 -52.83
CA GLY C 81 18.53 -35.46 -52.20
C GLY C 81 18.17 -34.09 -52.75
N PHE C 82 18.57 -33.06 -52.03
CA PHE C 82 18.30 -31.68 -52.42
C PHE C 82 19.41 -30.80 -51.84
N ALA C 83 19.81 -29.79 -52.60
CA ALA C 83 20.87 -28.88 -52.16
C ALA C 83 20.38 -27.96 -51.05
N THR C 84 19.17 -27.45 -51.20
CA THR C 84 18.59 -26.54 -50.22
C THR C 84 17.11 -26.79 -50.04
N THR C 85 16.55 -26.23 -48.97
CA THR C 85 15.13 -26.37 -48.68
C THR C 85 14.31 -25.77 -49.81
N GLU C 86 14.72 -24.58 -50.27
CA GLU C 86 14.02 -23.91 -51.36
C GLU C 86 13.99 -24.75 -52.63
N GLU C 87 15.13 -25.35 -53.00
CA GLU C 87 15.19 -26.18 -54.20
C GLU C 87 14.27 -27.39 -54.07
N PHE C 88 14.14 -27.91 -52.85
CA PHE C 88 13.30 -29.06 -52.60
C PHE C 88 11.83 -28.67 -52.80
N LEU C 89 11.45 -27.51 -52.25
CA LEU C 89 10.07 -27.03 -52.40
C LEU C 89 9.78 -26.74 -53.87
N LEU C 90 10.77 -26.22 -54.58
CA LEU C 90 10.59 -25.92 -56.00
C LEU C 90 10.28 -27.18 -56.80
N ARG C 91 10.94 -28.28 -56.48
CA ARG C 91 10.69 -29.52 -57.19
C ARG C 91 9.25 -30.01 -56.91
N LEU C 92 8.83 -29.93 -55.65
CA LEU C 92 7.49 -30.34 -55.27
C LEU C 92 6.41 -29.54 -55.98
N GLY C 93 6.54 -28.22 -55.97
CA GLY C 93 5.56 -27.37 -56.61
C GLY C 93 5.40 -27.64 -58.09
N LYS C 94 6.53 -27.81 -58.78
CA LYS C 94 6.49 -28.07 -60.22
C LYS C 94 5.87 -29.43 -60.51
N HIS C 95 6.17 -30.40 -59.67
CA HIS C 95 5.62 -31.74 -59.85
C HIS C 95 4.09 -31.75 -59.82
N PHE C 96 3.51 -31.13 -58.79
CA PHE C 96 2.06 -31.12 -58.65
C PHE C 96 1.34 -30.24 -59.66
N THR C 97 1.87 -29.06 -59.95
CA THR C 97 1.21 -28.19 -60.91
C THR C 97 1.30 -28.77 -62.33
N GLU C 98 2.47 -29.27 -62.70
CA GLU C 98 2.68 -29.85 -64.02
C GLU C 98 2.06 -31.25 -64.16
N GLY C 99 2.03 -32.00 -63.06
CA GLY C 99 1.51 -33.35 -63.09
C GLY C 99 0.00 -33.53 -63.09
N PHE C 100 -0.74 -32.48 -62.83
CA PHE C 100 -2.19 -32.54 -62.79
C PHE C 100 -2.79 -31.31 -63.44
N ASP C 101 -3.49 -31.51 -64.55
CA ASP C 101 -4.09 -30.41 -65.30
C ASP C 101 -5.00 -29.49 -64.48
N TRP C 102 -5.73 -30.06 -63.53
CA TRP C 102 -6.65 -29.25 -62.72
C TRP C 102 -5.97 -28.58 -61.52
N VAL C 103 -4.68 -28.85 -61.32
CA VAL C 103 -3.93 -28.23 -60.24
C VAL C 103 -3.15 -27.09 -60.89
N THR C 104 -3.57 -25.86 -60.61
CA THR C 104 -2.93 -24.69 -61.23
C THR C 104 -1.93 -23.95 -60.34
N GLY C 105 -1.79 -24.39 -59.10
CA GLY C 105 -0.87 -23.73 -58.20
C GLY C 105 -0.87 -24.37 -56.83
N GLY C 106 -0.34 -23.65 -55.84
CA GLY C 106 -0.30 -24.19 -54.50
C GLY C 106 0.64 -23.43 -53.59
N ARG C 107 0.87 -23.98 -52.40
CA ARG C 107 1.73 -23.36 -51.42
C ARG C 107 2.50 -24.50 -50.75
N TRP C 108 3.81 -24.44 -50.84
CA TRP C 108 4.67 -25.45 -50.24
C TRP C 108 5.58 -24.74 -49.28
N ALA C 109 5.59 -25.20 -48.03
CA ALA C 109 6.38 -24.55 -47.01
C ALA C 109 7.17 -25.55 -46.18
N ALA C 110 8.16 -25.04 -45.46
CA ALA C 110 8.95 -25.90 -44.62
C ALA C 110 9.71 -25.14 -43.55
N GLN C 111 9.95 -25.83 -42.44
CA GLN C 111 10.75 -25.30 -41.36
C GLN C 111 12.00 -26.16 -41.49
N GLN C 112 13.17 -25.57 -41.29
CA GLN C 112 14.43 -26.31 -41.35
C GLN C 112 15.06 -26.19 -39.97
N PHE C 113 15.42 -27.33 -39.40
CA PHE C 113 16.02 -27.35 -38.07
C PHE C 113 17.50 -27.61 -38.17
N PHE C 114 18.29 -26.89 -37.40
CA PHE C 114 19.74 -27.01 -37.44
C PHE C 114 20.37 -27.97 -36.44
N TRP C 115 21.43 -28.63 -36.89
CA TRP C 115 22.16 -29.59 -36.08
C TRP C 115 23.66 -29.28 -36.14
N ASP C 116 24.34 -29.50 -35.02
CA ASP C 116 25.78 -29.29 -34.94
C ASP C 116 26.41 -30.64 -34.59
N ARG C 117 27.62 -30.89 -35.08
CA ARG C 117 28.28 -32.15 -34.76
C ARG C 117 28.75 -32.13 -33.31
N ILE C 118 28.79 -33.29 -32.69
CA ILE C 118 29.27 -33.38 -31.30
C ILE C 118 30.77 -33.59 -31.39
N ASN C 119 31.54 -32.58 -30.97
CA ASN C 119 33.00 -32.68 -31.03
C ASN C 119 33.47 -33.08 -32.43
N ASP C 120 32.82 -32.52 -33.45
CA ASP C 120 33.17 -32.80 -34.83
C ASP C 120 33.04 -34.28 -35.22
N HIS C 121 32.19 -35.01 -34.49
CA HIS C 121 31.99 -36.43 -34.77
C HIS C 121 31.43 -36.61 -36.17
N ASP C 122 31.80 -37.71 -36.83
CA ASP C 122 31.33 -38.00 -38.19
C ASP C 122 29.84 -38.28 -38.31
N HIS C 123 29.24 -38.86 -37.28
CA HIS C 123 27.81 -39.17 -37.35
C HIS C 123 27.05 -39.01 -36.02
N ALA C 124 27.43 -38.01 -35.24
CA ALA C 124 26.78 -37.74 -33.96
C ALA C 124 26.54 -36.24 -33.91
N PHE C 125 25.31 -35.83 -33.65
CA PHE C 125 24.93 -34.43 -33.65
C PHE C 125 24.05 -34.01 -32.48
N SER C 126 23.97 -32.69 -32.26
CA SER C 126 23.12 -32.13 -31.22
C SER C 126 22.33 -31.02 -31.89
N ARG C 127 21.09 -30.83 -31.45
CA ARG C 127 20.25 -29.80 -32.06
C ARG C 127 20.59 -28.39 -31.63
N ASN C 128 20.61 -27.48 -32.61
CA ASN C 128 20.85 -26.08 -32.33
C ASN C 128 19.43 -25.52 -32.37
N LYS C 129 18.85 -25.30 -31.20
CA LYS C 129 17.47 -24.81 -31.10
C LYS C 129 17.32 -23.30 -31.04
N SER C 130 18.42 -22.58 -31.24
CA SER C 130 18.39 -21.13 -31.14
C SER C 130 17.69 -20.36 -32.25
N GLU C 131 17.30 -21.05 -33.32
CA GLU C 131 16.59 -20.42 -34.41
C GLU C 131 16.03 -21.48 -35.32
N VAL C 132 15.00 -21.12 -36.08
CA VAL C 132 14.38 -22.03 -37.03
C VAL C 132 14.28 -21.29 -38.37
N ARG C 133 14.75 -21.93 -39.43
CA ARG C 133 14.73 -21.32 -40.76
C ARG C 133 13.44 -21.73 -41.47
N THR C 134 12.86 -20.80 -42.23
CA THR C 134 11.62 -21.10 -42.93
C THR C 134 11.71 -20.77 -44.41
N ALA C 135 10.82 -21.38 -45.18
CA ALA C 135 10.76 -21.15 -46.62
C ALA C 135 9.35 -21.48 -47.08
N VAL C 136 8.84 -20.64 -47.98
CA VAL C 136 7.51 -20.86 -48.53
C VAL C 136 7.56 -20.56 -50.02
N LEU C 137 6.97 -21.44 -50.81
CA LEU C 137 6.91 -21.27 -52.25
C LEU C 137 5.43 -21.22 -52.60
N GLU C 138 5.05 -20.28 -53.44
CA GLU C 138 3.68 -20.20 -53.88
C GLU C 138 3.71 -20.11 -55.41
N ILE C 139 2.88 -20.93 -56.04
CA ILE C 139 2.79 -20.95 -57.50
C ILE C 139 1.35 -20.60 -57.83
N SER C 140 1.17 -19.69 -58.77
CA SER C 140 -0.15 -19.27 -59.21
C SER C 140 -0.07 -19.19 -60.73
N GLY C 141 -0.43 -20.28 -61.39
CA GLY C 141 -0.36 -20.31 -62.84
C GLY C 141 1.10 -20.33 -63.24
N SER C 142 1.51 -19.35 -64.02
CA SER C 142 2.90 -19.27 -64.48
C SER C 142 3.78 -18.51 -63.50
N GLU C 143 3.17 -17.89 -62.48
CA GLU C 143 3.92 -17.11 -61.51
C GLU C 143 4.42 -17.94 -60.32
N GLN C 144 5.65 -17.66 -59.90
CA GLN C 144 6.27 -18.35 -58.78
C GLN C 144 6.85 -17.30 -57.84
N ALA C 145 6.77 -17.54 -56.53
CA ALA C 145 7.32 -16.59 -55.56
C ALA C 145 7.84 -17.36 -54.36
N ILE C 146 9.01 -16.95 -53.86
CA ILE C 146 9.61 -17.60 -52.70
C ILE C 146 9.88 -16.60 -51.59
N VAL C 147 9.55 -17.00 -50.36
CA VAL C 147 9.79 -16.17 -49.19
C VAL C 147 10.58 -17.03 -48.19
N ALA C 148 11.73 -16.53 -47.75
CA ALA C 148 12.55 -17.24 -46.78
C ALA C 148 12.43 -16.47 -45.47
N GLY C 149 12.76 -17.12 -44.36
CA GLY C 149 12.66 -16.41 -43.09
C GLY C 149 13.39 -17.05 -41.94
N ILE C 150 13.36 -16.35 -40.81
CA ILE C 150 13.98 -16.85 -39.60
C ILE C 150 13.02 -16.54 -38.45
N GLU C 151 13.00 -17.41 -37.45
CA GLU C 151 12.11 -17.20 -36.31
C GLU C 151 12.70 -17.86 -35.08
N GLY C 152 12.19 -17.49 -33.90
CA GLY C 152 12.67 -18.07 -32.67
C GLY C 152 14.05 -17.61 -32.21
N LEU C 153 14.56 -16.56 -32.83
CA LEU C 153 15.87 -16.03 -32.47
C LEU C 153 15.71 -14.91 -31.45
N THR C 154 15.91 -15.24 -30.17
CA THR C 154 15.76 -14.27 -29.10
C THR C 154 17.05 -13.47 -28.87
N VAL C 155 16.91 -12.15 -28.80
CA VAL C 155 18.06 -11.28 -28.60
C VAL C 155 17.76 -10.23 -27.53
N LEU C 156 18.83 -9.70 -26.95
CA LEU C 156 18.68 -8.70 -25.90
C LEU C 156 19.87 -7.78 -25.80
N LYS C 157 19.59 -6.50 -25.55
CA LYS C 157 20.61 -5.48 -25.37
C LYS C 157 20.40 -5.02 -23.94
N SER C 158 21.46 -5.05 -23.13
CA SER C 158 21.34 -4.65 -21.73
C SER C 158 21.38 -3.13 -21.57
N THR C 159 21.74 -2.44 -22.65
CA THR C 159 21.77 -0.98 -22.65
C THR C 159 21.82 -0.54 -24.11
N GLY C 160 21.88 0.77 -24.35
CA GLY C 160 21.89 1.26 -25.72
C GLY C 160 20.48 1.31 -26.29
N SER C 161 19.52 1.53 -25.41
CA SER C 161 18.11 1.62 -25.80
C SER C 161 17.41 2.70 -24.98
N GLU C 162 16.68 3.57 -25.67
CA GLU C 162 15.96 4.66 -25.02
C GLU C 162 14.51 4.72 -25.50
N PHE C 163 13.66 5.41 -24.75
CA PHE C 163 12.27 5.59 -25.14
C PHE C 163 11.70 6.81 -24.41
N HIS C 164 11.65 7.93 -25.13
CA HIS C 164 11.16 9.18 -24.58
C HIS C 164 10.58 10.01 -25.71
N GLY C 165 9.86 11.07 -25.35
CA GLY C 165 9.28 11.94 -26.37
C GLY C 165 7.93 11.47 -26.88
N PHE C 166 7.36 10.44 -26.26
CA PHE C 166 6.06 9.95 -26.68
C PHE C 166 4.95 10.81 -26.07
N PRO C 167 3.80 10.89 -26.76
CA PRO C 167 2.68 11.69 -26.25
C PRO C 167 2.16 11.18 -24.90
N ARG C 168 1.66 12.09 -24.08
CA ARG C 168 1.14 11.70 -22.78
C ARG C 168 -0.31 12.14 -22.61
N ASP C 169 -1.22 11.18 -22.53
CA ASP C 169 -2.63 11.50 -22.34
C ASP C 169 -3.02 11.07 -20.93
N LYS C 170 -4.29 11.19 -20.60
CA LYS C 170 -4.74 10.82 -19.26
C LYS C 170 -4.45 9.36 -18.88
N TYR C 171 -4.22 8.51 -19.87
CA TYR C 171 -3.95 7.10 -19.60
C TYR C 171 -2.48 6.73 -19.65
N THR C 172 -1.61 7.74 -19.75
CA THR C 172 -0.18 7.49 -19.81
C THR C 172 0.48 7.61 -18.45
N THR C 173 1.15 6.54 -18.03
CA THR C 173 1.84 6.52 -16.74
C THR C 173 3.31 6.14 -16.92
N LEU C 174 3.64 5.68 -18.13
CA LEU C 174 5.01 5.27 -18.43
C LEU C 174 6.02 6.42 -18.31
N GLN C 175 7.10 6.17 -17.59
CA GLN C 175 8.13 7.17 -17.42
C GLN C 175 9.14 7.09 -18.56
N GLU C 176 9.58 8.26 -19.02
CA GLU C 176 10.56 8.30 -20.11
C GLU C 176 11.86 7.72 -19.58
N THR C 177 12.69 7.19 -20.48
CA THR C 177 13.95 6.61 -20.08
C THR C 177 15.01 6.76 -21.17
N THR C 178 16.27 6.78 -20.75
CA THR C 178 17.38 6.90 -21.70
C THR C 178 18.28 5.68 -21.57
N ASP C 179 17.85 4.70 -20.78
CA ASP C 179 18.63 3.48 -20.58
C ASP C 179 17.69 2.36 -20.13
N ARG C 180 17.38 1.44 -21.03
CA ARG C 180 16.51 0.32 -20.71
C ARG C 180 16.96 -0.91 -21.48
N ILE C 181 16.43 -2.06 -21.10
CA ILE C 181 16.75 -3.29 -21.80
C ILE C 181 15.82 -3.37 -23.00
N LEU C 182 16.33 -3.89 -24.11
CA LEU C 182 15.52 -4.07 -25.31
C LEU C 182 15.70 -5.53 -25.67
N ALA C 183 14.64 -6.32 -25.49
CA ALA C 183 14.65 -7.74 -25.76
C ALA C 183 13.50 -8.09 -26.71
N THR C 184 13.78 -8.94 -27.69
CA THR C 184 12.77 -9.33 -28.65
C THR C 184 13.08 -10.69 -29.26
N ASP C 185 12.09 -11.27 -29.93
CA ASP C 185 12.25 -12.54 -30.62
C ASP C 185 12.24 -12.15 -32.09
N VAL C 186 13.35 -12.38 -32.78
CA VAL C 186 13.41 -12.01 -34.19
C VAL C 186 12.64 -12.95 -35.10
N SER C 187 11.61 -12.41 -35.73
CA SER C 187 10.80 -13.14 -36.68
C SER C 187 10.85 -12.25 -37.92
N ALA C 188 11.49 -12.74 -38.98
CA ALA C 188 11.61 -11.98 -40.21
C ALA C 188 11.38 -12.88 -41.42
N ARG C 189 10.81 -12.30 -42.46
CA ARG C 189 10.55 -13.03 -43.69
C ARG C 189 10.79 -12.10 -44.85
N TRP C 190 11.55 -12.58 -45.83
CA TRP C 190 11.88 -11.77 -46.98
C TRP C 190 11.51 -12.45 -48.29
N ARG C 191 11.08 -11.64 -49.25
CA ARG C 191 10.65 -12.14 -50.55
C ARG C 191 11.71 -11.93 -51.63
N TYR C 192 12.06 -13.02 -52.31
CA TYR C 192 13.06 -12.98 -53.38
C TYR C 192 12.42 -12.55 -54.69
N ASN C 193 13.18 -11.85 -55.52
CA ASN C 193 12.67 -11.38 -56.81
C ASN C 193 13.20 -12.24 -57.98
N THR C 194 13.79 -13.38 -57.63
CA THR C 194 14.33 -14.31 -58.62
C THR C 194 14.61 -15.65 -57.96
N VAL C 195 14.66 -16.72 -58.75
CA VAL C 195 14.95 -18.05 -58.22
C VAL C 195 16.45 -18.31 -58.32
N GLU C 196 17.18 -17.41 -58.96
CA GLU C 196 18.62 -17.55 -59.11
C GLU C 196 19.30 -16.97 -57.88
N VAL C 197 19.20 -17.68 -56.76
CA VAL C 197 19.78 -17.24 -55.50
C VAL C 197 20.56 -18.36 -54.80
N ASP C 198 21.63 -17.99 -54.10
CA ASP C 198 22.40 -18.96 -53.34
C ASP C 198 21.66 -18.92 -52.01
N PHE C 199 20.55 -19.65 -51.95
CA PHE C 199 19.70 -19.68 -50.76
C PHE C 199 20.37 -19.79 -49.40
N ASP C 200 21.30 -20.73 -49.24
CA ASP C 200 21.98 -20.89 -47.96
C ASP C 200 22.87 -19.71 -47.62
N ALA C 201 23.60 -19.20 -48.61
CA ALA C 201 24.48 -18.06 -48.40
C ALA C 201 23.70 -16.79 -48.05
N VAL C 202 22.58 -16.58 -48.74
CA VAL C 202 21.79 -15.38 -48.47
C VAL C 202 21.16 -15.47 -47.08
N TYR C 203 20.69 -16.65 -46.70
CA TYR C 203 20.09 -16.81 -45.37
C TYR C 203 21.11 -16.48 -44.29
N ALA C 204 22.33 -16.99 -44.42
CA ALA C 204 23.37 -16.73 -43.44
C ALA C 204 23.67 -15.23 -43.39
N SER C 205 23.70 -14.59 -44.55
CA SER C 205 23.98 -13.16 -44.61
C SER C 205 22.89 -12.32 -43.98
N VAL C 206 21.63 -12.62 -44.29
CA VAL C 206 20.52 -11.85 -43.74
C VAL C 206 20.50 -11.98 -42.22
N ARG C 207 20.74 -13.20 -41.74
CA ARG C 207 20.76 -13.45 -40.30
C ARG C 207 21.81 -12.56 -39.64
N GLY C 208 23.00 -12.51 -40.24
CA GLY C 208 24.07 -11.68 -39.71
C GLY C 208 23.76 -10.20 -39.76
N LEU C 209 23.08 -9.76 -40.81
CA LEU C 209 22.72 -8.36 -40.96
C LEU C 209 21.67 -7.93 -39.93
N LEU C 210 20.69 -8.80 -39.69
CA LEU C 210 19.65 -8.50 -38.71
C LEU C 210 20.25 -8.39 -37.31
N LEU C 211 21.10 -9.35 -36.97
CA LEU C 211 21.77 -9.39 -35.67
C LEU C 211 22.68 -8.17 -35.49
N LYS C 212 23.43 -7.85 -36.54
CA LYS C 212 24.34 -6.71 -36.52
C LYS C 212 23.60 -5.40 -36.33
N ALA C 213 22.52 -5.20 -37.08
CA ALA C 213 21.73 -3.97 -36.98
C ALA C 213 21.09 -3.84 -35.62
N PHE C 214 20.57 -4.96 -35.10
CA PHE C 214 19.93 -4.93 -33.79
C PHE C 214 20.92 -4.51 -32.71
N ALA C 215 22.10 -5.12 -32.75
CA ALA C 215 23.13 -4.85 -31.74
C ALA C 215 23.84 -3.50 -31.81
N GLU C 216 24.15 -3.04 -33.02
CA GLU C 216 24.89 -1.79 -33.17
C GLU C 216 24.06 -0.51 -33.28
N THR C 217 22.76 -0.63 -33.46
CA THR C 217 21.91 0.55 -33.57
C THR C 217 21.51 1.10 -32.20
N HIS C 218 21.84 2.35 -31.94
CA HIS C 218 21.46 2.95 -30.66
C HIS C 218 19.95 3.18 -30.80
N SER C 219 19.17 2.31 -30.18
CA SER C 219 17.72 2.35 -30.28
C SER C 219 16.98 3.45 -29.54
N LEU C 220 16.30 4.31 -30.30
CA LEU C 220 15.50 5.38 -29.71
C LEU C 220 14.05 4.90 -29.73
N ALA C 221 13.84 3.76 -30.38
CA ALA C 221 12.53 3.14 -30.50
C ALA C 221 12.70 1.80 -31.20
N LEU C 222 11.89 0.81 -30.81
CA LEU C 222 11.99 -0.51 -31.44
C LEU C 222 11.71 -0.36 -32.93
N GLN C 223 10.84 0.59 -33.28
CA GLN C 223 10.50 0.84 -34.68
C GLN C 223 11.75 1.20 -35.48
N GLN C 224 12.60 2.03 -34.89
CA GLN C 224 13.83 2.47 -35.54
C GLN C 224 14.80 1.32 -35.73
N THR C 225 14.96 0.52 -34.68
CA THR C 225 15.87 -0.63 -34.73
C THR C 225 15.44 -1.57 -35.87
N MET C 226 14.14 -1.83 -35.93
CA MET C 226 13.60 -2.71 -36.96
C MET C 226 13.83 -2.10 -38.35
N TYR C 227 13.63 -0.80 -38.46
CA TYR C 227 13.84 -0.13 -39.74
C TYR C 227 15.28 -0.30 -40.21
N GLU C 228 16.22 -0.14 -39.29
CA GLU C 228 17.63 -0.30 -39.66
C GLU C 228 17.96 -1.75 -40.03
N MET C 229 17.33 -2.70 -39.36
CA MET C 229 17.54 -4.11 -39.65
C MET C 229 17.08 -4.40 -41.08
N GLY C 230 15.88 -3.91 -41.41
CA GLY C 230 15.34 -4.12 -42.73
C GLY C 230 16.15 -3.40 -43.82
N ARG C 231 16.53 -2.17 -43.54
CA ARG C 231 17.30 -1.36 -44.50
C ARG C 231 18.61 -2.06 -44.88
N ALA C 232 19.29 -2.62 -43.89
CA ALA C 232 20.55 -3.30 -44.13
C ALA C 232 20.39 -4.47 -45.08
N VAL C 233 19.33 -5.26 -44.88
CA VAL C 233 19.09 -6.42 -45.74
C VAL C 233 18.83 -6.02 -47.20
N ILE C 234 17.91 -5.09 -47.40
CA ILE C 234 17.56 -4.64 -48.75
C ILE C 234 18.75 -4.02 -49.48
N GLU C 235 19.51 -3.19 -48.76
CA GLU C 235 20.67 -2.54 -49.37
C GLU C 235 21.77 -3.52 -49.74
N THR C 236 21.84 -4.63 -49.02
CA THR C 236 22.87 -5.63 -49.27
C THR C 236 22.54 -6.69 -50.31
N HIS C 237 21.28 -7.10 -50.39
CA HIS C 237 20.90 -8.14 -51.34
C HIS C 237 19.95 -7.74 -52.44
N PRO C 238 20.46 -7.63 -53.69
CA PRO C 238 19.68 -7.25 -54.86
C PRO C 238 18.55 -8.24 -55.16
N GLU C 239 18.69 -9.48 -54.68
CA GLU C 239 17.66 -10.49 -54.92
C GLU C 239 16.46 -10.41 -53.99
N ILE C 240 16.46 -9.46 -53.07
CA ILE C 240 15.35 -9.29 -52.12
C ILE C 240 14.58 -8.01 -52.39
N ASP C 241 13.26 -8.11 -52.55
CA ASP C 241 12.44 -6.93 -52.80
C ASP C 241 11.81 -6.34 -51.54
N GLU C 242 11.63 -7.16 -50.51
CA GLU C 242 11.04 -6.66 -49.27
C GLU C 242 11.28 -7.63 -48.13
N ILE C 243 11.21 -7.11 -46.92
CA ILE C 243 11.38 -7.93 -45.73
C ILE C 243 10.38 -7.44 -44.70
N LYS C 244 9.67 -8.39 -44.09
CA LYS C 244 8.68 -8.09 -43.08
C LYS C 244 9.18 -8.59 -41.74
N MET C 245 8.90 -7.83 -40.69
CA MET C 245 9.32 -8.24 -39.36
C MET C 245 8.23 -8.01 -38.34
N SER C 246 8.19 -8.90 -37.35
CA SER C 246 7.23 -8.84 -36.27
C SER C 246 8.11 -9.00 -35.03
N LEU C 247 8.31 -7.90 -34.30
CA LEU C 247 9.17 -7.94 -33.14
C LEU C 247 8.48 -7.59 -31.84
N PRO C 248 8.39 -8.55 -30.93
CA PRO C 248 7.74 -8.23 -29.66
C PRO C 248 8.71 -7.46 -28.78
N ASN C 249 8.18 -6.58 -27.93
CA ASN C 249 9.06 -5.89 -27.01
C ASN C 249 8.83 -6.65 -25.71
N LYS C 250 9.73 -7.58 -25.41
CA LYS C 250 9.62 -8.42 -24.21
C LYS C 250 10.15 -7.66 -23.01
N HIS C 251 9.21 -7.04 -22.30
CA HIS C 251 9.49 -6.20 -21.14
C HIS C 251 10.27 -6.81 -19.99
N HIS C 252 11.35 -6.13 -19.64
CA HIS C 252 12.19 -6.51 -18.51
C HIS C 252 12.07 -5.28 -17.61
N PHE C 253 11.27 -5.40 -16.56
CA PHE C 253 11.02 -4.31 -15.64
C PHE C 253 12.09 -4.16 -14.57
N LEU C 254 12.62 -2.96 -14.44
CA LEU C 254 13.64 -2.69 -13.43
C LEU C 254 12.92 -2.74 -12.09
N VAL C 255 13.29 -3.70 -11.24
CA VAL C 255 12.64 -3.87 -9.95
C VAL C 255 12.92 -2.72 -8.98
N ASP C 256 11.87 -2.25 -8.33
CA ASP C 256 12.01 -1.18 -7.36
C ASP C 256 12.36 -1.77 -6.00
N LEU C 257 13.61 -1.57 -5.58
CA LEU C 257 14.08 -2.09 -4.32
C LEU C 257 14.22 -0.98 -3.27
N GLN C 258 13.78 0.23 -3.59
CA GLN C 258 13.88 1.33 -2.64
C GLN C 258 13.08 1.11 -1.36
N PRO C 259 11.95 0.38 -1.43
CA PRO C 259 11.20 0.17 -0.18
C PRO C 259 12.05 -0.59 0.83
N PHE C 260 13.08 -1.26 0.34
CA PHE C 260 13.98 -2.04 1.18
C PHE C 260 15.27 -1.27 1.43
N GLY C 261 15.31 -0.03 0.96
CA GLY C 261 16.49 0.80 1.13
C GLY C 261 17.63 0.48 0.20
N GLN C 262 17.34 -0.19 -0.92
CA GLN C 262 18.38 -0.54 -1.89
C GLN C 262 18.14 0.17 -3.22
N ASP C 263 19.21 0.48 -3.92
CA ASP C 263 19.07 1.12 -5.22
C ASP C 263 19.19 -0.01 -6.24
N ASN C 264 18.86 0.28 -7.50
CA ASN C 264 18.94 -0.72 -8.55
C ASN C 264 19.45 -0.03 -9.81
N PRO C 265 20.78 0.12 -9.93
CA PRO C 265 21.41 0.76 -11.09
C PRO C 265 21.34 -0.07 -12.37
N ASN C 266 20.12 -0.32 -12.82
CA ASN C 266 19.89 -1.10 -14.05
C ASN C 266 20.50 -2.50 -14.00
N GLU C 267 20.36 -3.16 -12.85
CA GLU C 267 20.92 -4.51 -12.70
C GLU C 267 19.92 -5.65 -12.49
N VAL C 268 18.91 -5.44 -11.66
CA VAL C 268 17.92 -6.47 -11.36
C VAL C 268 16.60 -6.28 -12.10
N PHE C 269 16.23 -7.25 -12.92
CA PHE C 269 14.99 -7.15 -13.69
C PHE C 269 14.01 -8.32 -13.57
N TYR C 270 12.74 -8.01 -13.77
CA TYR C 270 11.65 -8.98 -13.77
C TYR C 270 11.30 -9.15 -15.26
N ALA C 271 11.43 -10.36 -15.80
CA ALA C 271 11.12 -10.61 -17.20
C ALA C 271 9.67 -11.07 -17.31
N ALA C 272 8.78 -10.14 -17.66
CA ALA C 272 7.36 -10.45 -17.79
C ALA C 272 7.00 -11.24 -19.04
N ASP C 273 5.99 -12.10 -18.92
CA ASP C 273 5.54 -12.93 -20.04
C ASP C 273 4.59 -12.14 -20.94
N ARG C 274 3.46 -11.74 -20.35
CA ARG C 274 2.45 -10.99 -21.07
C ARG C 274 1.93 -9.90 -20.14
N PRO C 275 1.50 -8.76 -20.69
CA PRO C 275 1.47 -8.46 -22.12
C PRO C 275 2.85 -8.06 -22.66
N TYR C 276 2.93 -7.82 -23.96
CA TYR C 276 4.19 -7.41 -24.57
C TYR C 276 3.92 -6.48 -25.75
N GLY C 277 4.86 -5.59 -26.02
CA GLY C 277 4.68 -4.69 -27.15
C GLY C 277 4.87 -5.54 -28.39
N LEU C 278 4.20 -5.18 -29.48
CA LEU C 278 4.35 -5.92 -30.73
C LEU C 278 4.45 -4.88 -31.84
N ILE C 279 5.66 -4.75 -32.38
CA ILE C 279 5.97 -3.78 -33.44
C ILE C 279 6.19 -4.55 -34.73
N GLU C 280 5.50 -4.14 -35.79
CA GLU C 280 5.62 -4.83 -37.07
C GLU C 280 5.72 -3.85 -38.22
N ALA C 281 6.52 -4.22 -39.22
CA ALA C 281 6.69 -3.35 -40.37
C ALA C 281 7.25 -4.10 -41.56
N THR C 282 7.06 -3.49 -42.73
CA THR C 282 7.52 -4.02 -43.99
C THR C 282 8.49 -2.98 -44.55
N ILE C 283 9.71 -3.40 -44.85
CA ILE C 283 10.71 -2.51 -45.42
C ILE C 283 10.84 -2.98 -46.87
N GLN C 284 10.60 -2.08 -47.82
CA GLN C 284 10.64 -2.46 -49.24
C GLN C 284 11.63 -1.70 -50.12
N ARG C 285 12.05 -2.36 -51.18
CA ARG C 285 12.94 -1.75 -52.17
C ARG C 285 11.98 -0.77 -52.85
N GLU C 286 12.41 0.48 -53.00
CA GLU C 286 11.54 1.49 -53.61
C GLU C 286 10.97 1.06 -54.96
N GLY C 287 9.65 1.18 -55.11
CA GLY C 287 9.02 0.83 -56.37
C GLY C 287 8.62 -0.62 -56.58
N SER C 288 8.94 -1.49 -55.64
CA SER C 288 8.60 -2.90 -55.78
C SER C 288 7.11 -3.12 -55.51
N ARG C 289 6.62 -4.33 -55.78
CA ARG C 289 5.21 -4.65 -55.58
C ARG C 289 4.75 -4.31 -54.16
N ALA C 290 3.60 -3.65 -54.08
CA ALA C 290 3.05 -3.23 -52.79
C ALA C 290 2.45 -4.33 -51.93
N ASP C 291 1.63 -5.18 -52.53
CA ASP C 291 0.98 -6.27 -51.80
C ASP C 291 0.98 -7.61 -52.53
N HIS C 292 2.15 -8.23 -52.63
CA HIS C 292 2.25 -9.52 -53.31
C HIS C 292 1.31 -10.52 -52.65
N PRO C 293 0.63 -11.36 -53.46
CA PRO C 293 -0.32 -12.37 -52.98
C PRO C 293 0.23 -13.41 -51.99
N ILE C 294 1.51 -13.71 -52.10
CA ILE C 294 2.10 -14.72 -51.20
C ILE C 294 1.94 -14.41 -49.71
N TRP C 295 1.86 -13.12 -49.37
CA TRP C 295 1.72 -12.74 -47.97
C TRP C 295 0.35 -13.09 -47.38
N SER C 296 -0.65 -13.25 -48.26
CA SER C 296 -2.00 -13.57 -47.80
C SER C 296 -2.14 -14.96 -47.21
N ASN C 297 -1.51 -15.95 -47.85
CA ASN C 297 -1.57 -17.33 -47.39
C ASN C 297 -2.96 -17.93 -47.59
N THR D 11 -12.81 -41.15 8.78
CA THR D 11 -12.97 -40.78 10.22
C THR D 11 -11.97 -39.71 10.66
N LYS D 12 -10.71 -40.10 10.81
CA LYS D 12 -9.67 -39.17 11.23
C LYS D 12 -8.75 -38.76 10.08
N VAL D 13 -8.75 -37.47 9.76
CA VAL D 13 -7.93 -36.92 8.69
C VAL D 13 -6.69 -36.24 9.24
N VAL D 14 -5.56 -36.44 8.57
CA VAL D 14 -4.28 -35.86 9.00
C VAL D 14 -3.55 -35.11 7.88
N LEU D 15 -2.93 -33.98 8.23
CA LEU D 15 -2.17 -33.21 7.25
C LEU D 15 -0.80 -33.86 7.17
N GLY D 16 -0.42 -34.31 5.98
CA GLY D 16 0.87 -34.96 5.80
C GLY D 16 1.90 -33.97 5.27
N GLN D 17 2.78 -34.44 4.40
CA GLN D 17 3.81 -33.59 3.83
C GLN D 17 3.15 -32.40 3.13
N ASN D 18 3.79 -31.25 3.22
CA ASN D 18 3.25 -30.05 2.59
C ASN D 18 4.34 -29.00 2.41
N GLN D 19 4.16 -28.14 1.41
CA GLN D 19 5.12 -27.08 1.12
C GLN D 19 4.41 -26.01 0.30
N TYR D 20 4.92 -24.78 0.33
CA TYR D 20 4.28 -23.71 -0.44
C TYR D 20 5.26 -22.57 -0.67
N GLY D 21 4.99 -21.77 -1.70
CA GLY D 21 5.87 -20.66 -1.98
C GLY D 21 5.56 -20.05 -3.33
N LYS D 22 6.51 -19.32 -3.89
CA LYS D 22 6.29 -18.69 -5.18
C LYS D 22 7.04 -19.43 -6.27
N ALA D 23 6.32 -19.81 -7.31
CA ALA D 23 6.93 -20.53 -8.41
C ALA D 23 7.17 -19.66 -9.63
N GLU D 24 8.20 -20.03 -10.38
CA GLU D 24 8.60 -19.36 -11.62
C GLU D 24 8.78 -17.84 -11.57
N VAL D 25 9.67 -17.40 -10.69
CA VAL D 25 10.00 -15.98 -10.58
C VAL D 25 11.10 -15.76 -11.61
N ARG D 26 10.77 -15.03 -12.68
CA ARG D 26 11.72 -14.77 -13.74
C ARG D 26 12.62 -13.60 -13.41
N LEU D 27 13.91 -13.91 -13.25
CA LEU D 27 14.92 -12.94 -12.89
C LEU D 27 16.04 -12.81 -13.92
N VAL D 28 16.37 -11.56 -14.23
CA VAL D 28 17.48 -11.29 -15.13
C VAL D 28 18.40 -10.33 -14.37
N LYS D 29 19.63 -10.79 -14.12
CA LYS D 29 20.61 -9.98 -13.41
C LYS D 29 21.70 -9.53 -14.38
N VAL D 30 21.82 -8.23 -14.56
CA VAL D 30 22.82 -7.66 -15.45
C VAL D 30 24.01 -7.16 -14.62
N THR D 31 25.21 -7.62 -14.96
CA THR D 31 26.42 -7.17 -14.26
C THR D 31 27.02 -6.10 -15.17
N ARG D 32 27.03 -4.85 -14.71
CA ARG D 32 27.56 -3.78 -15.54
C ARG D 32 28.48 -2.80 -14.81
N ASN D 33 29.38 -3.33 -13.99
CA ASN D 33 30.33 -2.49 -13.28
C ASN D 33 31.29 -1.90 -14.30
N THR D 34 31.45 -2.59 -15.43
CA THR D 34 32.31 -2.13 -16.52
C THR D 34 31.49 -2.15 -17.80
N ALA D 35 32.11 -1.74 -18.91
CA ALA D 35 31.41 -1.72 -20.20
C ALA D 35 31.10 -3.12 -20.70
N ARG D 36 31.82 -4.11 -20.17
CA ARG D 36 31.62 -5.50 -20.57
C ARG D 36 30.49 -6.10 -19.72
N HIS D 37 29.26 -5.93 -20.17
CA HIS D 37 28.10 -6.45 -19.43
C HIS D 37 28.01 -7.97 -19.43
N GLU D 38 27.51 -8.51 -18.32
CA GLU D 38 27.32 -9.94 -18.17
C GLU D 38 25.83 -10.17 -17.91
N ILE D 39 25.31 -11.31 -18.33
CA ILE D 39 23.90 -11.62 -18.13
C ILE D 39 23.66 -12.95 -17.42
N GLN D 40 22.77 -12.95 -16.44
CA GLN D 40 22.40 -14.16 -15.72
C GLN D 40 20.87 -14.19 -15.79
N ASP D 41 20.33 -15.25 -16.38
CA ASP D 41 18.88 -15.38 -16.58
C ASP D 41 18.35 -16.62 -15.88
N LEU D 42 17.51 -16.43 -14.87
CA LEU D 42 16.95 -17.53 -14.09
C LEU D 42 15.42 -17.56 -13.99
N ASN D 43 14.90 -18.76 -13.74
CA ASN D 43 13.48 -18.99 -13.52
C ASN D 43 13.55 -19.64 -12.13
N VAL D 44 13.22 -18.88 -11.09
CA VAL D 44 13.32 -19.37 -9.71
C VAL D 44 12.04 -19.75 -8.98
N THR D 45 12.10 -20.84 -8.24
CA THR D 45 10.97 -21.31 -7.46
C THR D 45 11.38 -21.51 -6.00
N SER D 46 10.59 -20.98 -5.08
CA SER D 46 10.87 -21.09 -3.65
C SER D 46 9.68 -21.68 -2.92
N GLN D 47 9.93 -22.71 -2.11
CA GLN D 47 8.87 -23.34 -1.34
C GLN D 47 9.37 -23.71 0.04
N LEU D 48 8.54 -23.41 1.05
CA LEU D 48 8.91 -23.66 2.43
C LEU D 48 8.24 -24.87 3.07
N ARG D 49 8.91 -25.42 4.07
CA ARG D 49 8.44 -26.56 4.82
C ARG D 49 8.60 -26.28 6.31
N GLY D 50 7.69 -26.83 7.11
CA GLY D 50 7.76 -26.62 8.54
C GLY D 50 6.39 -26.80 9.17
N ASP D 51 6.09 -26.02 10.20
CA ASP D 51 4.82 -26.12 10.88
C ASP D 51 3.74 -25.19 10.32
N PHE D 52 2.95 -25.70 9.38
CA PHE D 52 1.88 -24.94 8.75
C PHE D 52 0.55 -25.63 9.01
N GLU D 53 0.47 -26.30 10.16
CA GLU D 53 -0.74 -27.02 10.55
C GLU D 53 -1.96 -26.10 10.65
N ALA D 54 -1.86 -25.05 11.45
CA ALA D 54 -2.97 -24.12 11.63
C ALA D 54 -3.39 -23.42 10.35
N ALA D 55 -2.44 -23.17 9.46
CA ALA D 55 -2.74 -22.52 8.20
C ALA D 55 -3.71 -23.38 7.39
N HIS D 56 -3.51 -24.69 7.47
CA HIS D 56 -4.36 -25.64 6.74
C HIS D 56 -5.67 -25.93 7.45
N THR D 57 -5.62 -26.21 8.75
CA THR D 57 -6.82 -26.55 9.49
C THR D 57 -7.69 -25.39 9.94
N ALA D 58 -7.11 -24.20 10.06
CA ALA D 58 -7.90 -23.06 10.53
C ALA D 58 -7.78 -21.81 9.67
N GLY D 59 -6.86 -21.79 8.73
CA GLY D 59 -6.70 -20.62 7.90
C GLY D 59 -6.00 -19.51 8.68
N ASP D 60 -5.30 -19.90 9.75
CA ASP D 60 -4.55 -18.95 10.57
C ASP D 60 -3.21 -18.76 9.86
N ASN D 61 -2.96 -17.57 9.35
CA ASN D 61 -1.74 -17.30 8.60
C ASN D 61 -0.53 -16.76 9.34
N ALA D 62 -0.54 -16.87 10.67
CA ALA D 62 0.59 -16.37 11.46
C ALA D 62 1.94 -16.93 11.00
N HIS D 63 1.97 -18.19 10.57
CA HIS D 63 3.23 -18.80 10.12
C HIS D 63 3.45 -18.71 8.61
N VAL D 64 2.50 -18.16 7.89
CA VAL D 64 2.59 -18.08 6.44
C VAL D 64 3.33 -16.89 5.85
N VAL D 65 4.63 -17.07 5.58
CA VAL D 65 5.42 -16.02 4.96
C VAL D 65 4.83 -15.96 3.54
N ALA D 66 4.19 -14.85 3.21
CA ALA D 66 3.53 -14.69 1.90
C ALA D 66 4.40 -15.10 0.71
N THR D 67 3.77 -15.73 -0.30
CA THR D 67 4.54 -16.12 -1.46
C THR D 67 5.03 -14.83 -2.12
N ASP D 68 4.28 -13.75 -1.96
CA ASP D 68 4.70 -12.46 -2.53
C ASP D 68 6.01 -12.04 -1.86
N THR D 69 6.13 -12.29 -0.56
CA THR D 69 7.34 -11.94 0.19
C THR D 69 8.53 -12.76 -0.30
N GLN D 70 8.30 -14.06 -0.52
CA GLN D 70 9.36 -14.92 -1.02
C GLN D 70 9.87 -14.36 -2.36
N LYS D 71 8.94 -13.92 -3.20
CA LYS D 71 9.31 -13.34 -4.49
C LYS D 71 10.15 -12.07 -4.30
N ASN D 72 9.72 -11.19 -3.40
CA ASN D 72 10.48 -9.96 -3.15
C ASN D 72 11.90 -10.28 -2.70
N THR D 73 12.03 -11.32 -1.90
CA THR D 73 13.35 -11.72 -1.38
C THR D 73 14.29 -12.15 -2.48
N VAL D 74 13.77 -12.86 -3.47
CA VAL D 74 14.57 -13.31 -4.60
C VAL D 74 15.18 -12.08 -5.29
N TYR D 75 14.36 -11.08 -5.57
CA TYR D 75 14.86 -9.88 -6.24
C TYR D 75 15.80 -9.05 -5.37
N ALA D 76 15.49 -8.94 -4.08
CA ALA D 76 16.33 -8.18 -3.17
C ALA D 76 17.72 -8.81 -3.05
N PHE D 77 17.78 -10.13 -3.00
CA PHE D 77 19.06 -10.82 -2.91
C PHE D 77 19.84 -10.74 -4.21
N ALA D 78 19.12 -10.74 -5.34
CA ALA D 78 19.76 -10.66 -6.65
C ALA D 78 20.59 -9.38 -6.80
N ARG D 79 20.17 -8.33 -6.12
CA ARG D 79 20.88 -7.04 -6.18
C ARG D 79 22.36 -7.16 -5.80
N ASP D 80 22.66 -8.08 -4.88
CA ASP D 80 24.04 -8.27 -4.42
C ASP D 80 24.86 -9.11 -5.39
N GLY D 81 24.18 -9.76 -6.33
CA GLY D 81 24.87 -10.58 -7.28
C GLY D 81 25.12 -11.96 -6.71
N PHE D 82 25.54 -12.89 -7.56
CA PHE D 82 25.83 -14.25 -7.17
C PHE D 82 26.75 -14.89 -8.21
N ALA D 83 27.71 -15.67 -7.73
CA ALA D 83 28.68 -16.33 -8.61
C ALA D 83 28.04 -17.42 -9.46
N THR D 84 27.21 -18.25 -8.84
CA THR D 84 26.55 -19.33 -9.56
C THR D 84 25.10 -19.44 -9.10
N THR D 85 24.30 -20.18 -9.88
CA THR D 85 22.90 -20.38 -9.56
C THR D 85 22.79 -21.10 -8.22
N GLU D 86 23.62 -22.12 -8.02
CA GLU D 86 23.60 -22.87 -6.77
C GLU D 86 23.89 -21.99 -5.56
N GLU D 87 24.84 -21.07 -5.70
CA GLU D 87 25.19 -20.17 -4.60
C GLU D 87 24.00 -19.28 -4.24
N PHE D 88 23.25 -18.86 -5.25
CA PHE D 88 22.07 -18.02 -5.04
C PHE D 88 21.02 -18.80 -4.27
N LEU D 89 20.77 -20.05 -4.68
CA LEU D 89 19.77 -20.87 -4.02
C LEU D 89 20.15 -21.15 -2.57
N LEU D 90 21.45 -21.34 -2.32
CA LEU D 90 21.92 -21.61 -0.97
C LEU D 90 21.66 -20.40 -0.06
N ARG D 91 21.79 -19.20 -0.62
CA ARG D 91 21.54 -18.00 0.16
C ARG D 91 20.07 -17.92 0.56
N LEU D 92 19.20 -18.17 -0.41
CA LEU D 92 17.76 -18.14 -0.18
C LEU D 92 17.34 -19.16 0.87
N GLY D 93 17.83 -20.38 0.73
CA GLY D 93 17.49 -21.44 1.66
C GLY D 93 17.93 -21.15 3.08
N LYS D 94 19.12 -20.61 3.23
CA LYS D 94 19.63 -20.28 4.55
C LYS D 94 18.77 -19.17 5.16
N HIS D 95 18.43 -18.18 4.33
CA HIS D 95 17.61 -17.06 4.78
C HIS D 95 16.27 -17.47 5.38
N PHE D 96 15.50 -18.25 4.64
CA PHE D 96 14.20 -18.67 5.12
C PHE D 96 14.22 -19.64 6.30
N THR D 97 15.13 -20.60 6.28
CA THR D 97 15.19 -21.57 7.38
C THR D 97 15.65 -20.95 8.69
N GLU D 98 16.63 -20.05 8.63
CA GLU D 98 17.14 -19.40 9.85
C GLU D 98 16.32 -18.19 10.25
N GLY D 99 15.60 -17.60 9.31
CA GLY D 99 14.82 -16.41 9.61
C GLY D 99 13.50 -16.65 10.32
N PHE D 100 12.95 -17.85 10.21
CA PHE D 100 11.67 -18.16 10.85
C PHE D 100 11.79 -19.48 11.58
N ASP D 101 11.50 -19.45 12.88
CA ASP D 101 11.60 -20.65 13.70
C ASP D 101 10.72 -21.81 13.28
N TRP D 102 9.54 -21.53 12.76
CA TRP D 102 8.63 -22.59 12.34
C TRP D 102 8.98 -23.15 10.95
N VAL D 103 9.92 -22.52 10.26
CA VAL D 103 10.35 -22.99 8.95
C VAL D 103 11.60 -23.83 9.17
N THR D 104 11.46 -25.14 8.97
CA THR D 104 12.54 -26.09 9.20
C THR D 104 13.29 -26.56 7.94
N GLY D 105 12.75 -26.23 6.78
CA GLY D 105 13.40 -26.64 5.55
C GLY D 105 12.68 -26.10 4.33
N GLY D 106 12.92 -26.71 3.18
CA GLY D 106 12.27 -26.25 1.97
C GLY D 106 12.96 -26.75 0.72
N ARG D 107 12.47 -26.28 -0.42
CA ARG D 107 13.02 -26.67 -1.69
C ARG D 107 13.12 -25.41 -2.54
N TRP D 108 14.32 -25.11 -3.02
CA TRP D 108 14.55 -23.94 -3.87
C TRP D 108 15.14 -24.44 -5.17
N ALA D 109 14.48 -24.10 -6.27
CA ALA D 109 14.93 -24.56 -7.58
C ALA D 109 15.07 -23.43 -8.59
N ALA D 110 15.86 -23.69 -9.62
CA ALA D 110 16.05 -22.72 -10.68
C ALA D 110 16.43 -23.34 -12.00
N GLN D 111 16.00 -22.68 -13.07
CA GLN D 111 16.34 -23.07 -14.43
C GLN D 111 17.23 -21.91 -14.83
N GLN D 112 18.37 -22.22 -15.44
CA GLN D 112 19.30 -21.19 -15.89
C GLN D 112 19.32 -21.22 -17.40
N PHE D 113 19.10 -20.06 -18.00
CA PHE D 113 19.09 -19.93 -19.46
C PHE D 113 20.38 -19.30 -19.95
N PHE D 114 20.93 -19.82 -21.04
CA PHE D 114 22.18 -19.32 -21.58
C PHE D 114 22.07 -18.30 -22.71
N TRP D 115 22.99 -17.35 -22.69
CA TRP D 115 23.06 -16.30 -23.70
C TRP D 115 24.48 -16.23 -24.24
N ASP D 116 24.61 -15.86 -25.52
CA ASP D 116 25.90 -15.71 -26.18
C ASP D 116 25.96 -14.27 -26.68
N ARG D 117 27.15 -13.69 -26.72
CA ARG D 117 27.29 -12.33 -27.21
C ARG D 117 27.08 -12.34 -28.73
N ILE D 118 26.53 -11.25 -29.26
CA ILE D 118 26.33 -11.12 -30.69
C ILE D 118 27.64 -10.55 -31.21
N ASN D 119 28.43 -11.37 -31.90
CA ASN D 119 29.72 -10.95 -32.43
C ASN D 119 30.61 -10.32 -31.34
N ASP D 120 30.63 -10.95 -30.18
CA ASP D 120 31.46 -10.49 -29.07
C ASP D 120 31.13 -9.09 -28.59
N HIS D 121 29.88 -8.66 -28.79
CA HIS D 121 29.45 -7.32 -28.38
C HIS D 121 29.43 -7.20 -26.86
N ASP D 122 29.74 -6.00 -26.37
CA ASP D 122 29.78 -5.74 -24.93
C ASP D 122 28.44 -5.81 -24.21
N HIS D 123 27.35 -5.47 -24.91
CA HIS D 123 26.04 -5.51 -24.26
C HIS D 123 24.87 -5.92 -25.15
N ALA D 124 25.14 -6.81 -26.12
CA ALA D 124 24.10 -7.31 -27.02
C ALA D 124 24.27 -8.83 -27.07
N PHE D 125 23.20 -9.56 -26.81
CA PHE D 125 23.26 -11.02 -26.76
C PHE D 125 22.12 -11.73 -27.48
N SER D 126 22.30 -13.03 -27.70
CA SER D 126 21.26 -13.86 -28.31
C SER D 126 21.14 -15.13 -27.46
N ARG D 127 19.91 -15.62 -27.31
CA ARG D 127 19.65 -16.81 -26.51
C ARG D 127 20.19 -18.10 -27.11
N ASN D 128 20.82 -18.92 -26.28
CA ASN D 128 21.29 -20.23 -26.70
C ASN D 128 20.23 -21.15 -26.11
N LYS D 129 19.27 -21.56 -26.94
CA LYS D 129 18.16 -22.40 -26.51
C LYS D 129 18.40 -23.90 -26.61
N SER D 130 19.63 -24.29 -26.93
CA SER D 130 19.95 -25.70 -27.11
C SER D 130 20.02 -26.58 -25.87
N GLU D 131 19.86 -25.98 -24.70
CA GLU D 131 19.87 -26.72 -23.45
C GLU D 131 19.48 -25.78 -22.32
N VAL D 132 19.01 -26.36 -21.22
CA VAL D 132 18.62 -25.58 -20.04
C VAL D 132 19.25 -26.26 -18.84
N ARG D 133 19.90 -25.47 -18.00
CA ARG D 133 20.56 -25.98 -16.81
C ARG D 133 19.61 -25.86 -15.63
N THR D 134 19.65 -26.84 -14.72
CA THR D 134 18.77 -26.80 -13.56
C THR D 134 19.55 -27.02 -12.27
N ALA D 135 18.98 -26.53 -11.18
CA ALA D 135 19.58 -26.69 -9.87
C ALA D 135 18.46 -26.77 -8.86
N VAL D 136 18.61 -27.66 -7.89
CA VAL D 136 17.61 -27.82 -6.85
C VAL D 136 18.31 -27.98 -5.51
N LEU D 137 17.88 -27.19 -4.53
CA LEU D 137 18.42 -27.27 -3.18
C LEU D 137 17.31 -27.66 -2.21
N GLU D 138 17.57 -28.68 -1.39
CA GLU D 138 16.59 -29.07 -0.40
C GLU D 138 17.26 -29.03 0.97
N ILE D 139 16.59 -28.39 1.93
CA ILE D 139 17.11 -28.30 3.28
C ILE D 139 16.13 -29.01 4.20
N SER D 140 16.68 -29.77 5.13
CA SER D 140 15.86 -30.48 6.10
C SER D 140 16.60 -30.40 7.42
N GLY D 141 16.12 -29.56 8.32
CA GLY D 141 16.78 -29.41 9.60
C GLY D 141 18.17 -28.85 9.40
N SER D 142 19.17 -29.60 9.85
CA SER D 142 20.55 -29.15 9.72
C SER D 142 21.25 -29.70 8.47
N GLU D 143 20.51 -30.45 7.65
CA GLU D 143 21.10 -31.02 6.45
C GLU D 143 20.56 -30.42 5.15
N GLN D 144 21.41 -30.40 4.14
CA GLN D 144 21.02 -29.87 2.83
C GLN D 144 21.64 -30.69 1.73
N ALA D 145 20.97 -30.72 0.58
CA ALA D 145 21.44 -31.47 -0.57
C ALA D 145 21.15 -30.69 -1.83
N ILE D 146 22.04 -30.82 -2.81
CA ILE D 146 21.92 -30.14 -4.09
C ILE D 146 21.94 -31.11 -5.26
N VAL D 147 21.01 -30.91 -6.19
CA VAL D 147 20.93 -31.72 -7.40
C VAL D 147 21.02 -30.75 -8.57
N ALA D 148 21.97 -30.98 -9.46
CA ALA D 148 22.14 -30.14 -10.63
C ALA D 148 21.67 -30.96 -11.82
N GLY D 149 21.35 -30.31 -12.92
CA GLY D 149 20.89 -31.06 -14.07
C GLY D 149 20.91 -30.31 -15.37
N ILE D 150 20.59 -31.04 -16.43
CA ILE D 150 20.54 -30.49 -17.77
C ILE D 150 19.32 -31.11 -18.43
N GLU D 151 18.66 -30.34 -19.30
CA GLU D 151 17.48 -30.83 -19.99
C GLU D 151 17.34 -30.10 -21.32
N GLY D 152 16.50 -30.62 -22.19
CA GLY D 152 16.27 -29.99 -23.48
C GLY D 152 17.39 -30.11 -24.49
N LEU D 153 18.37 -30.96 -24.21
CA LEU D 153 19.51 -31.18 -25.08
C LEU D 153 19.25 -32.37 -26.01
N THR D 154 18.81 -32.07 -27.23
CA THR D 154 18.48 -33.10 -28.21
C THR D 154 19.70 -33.57 -28.99
N VAL D 155 19.92 -34.88 -29.05
CA VAL D 155 21.05 -35.45 -29.75
C VAL D 155 20.63 -36.57 -30.69
N LEU D 156 21.46 -36.83 -31.69
CA LEU D 156 21.16 -37.86 -32.66
C LEU D 156 22.40 -38.47 -33.32
N LYS D 157 22.39 -39.80 -33.46
CA LYS D 157 23.46 -40.53 -34.11
C LYS D 157 22.81 -41.12 -35.36
N SER D 158 23.38 -40.87 -36.53
CA SER D 158 22.82 -41.37 -37.78
C SER D 158 23.17 -42.83 -38.04
N THR D 159 24.10 -43.36 -37.24
CA THR D 159 24.50 -44.76 -37.34
C THR D 159 25.27 -45.09 -36.08
N GLY D 160 25.75 -46.33 -35.95
CA GLY D 160 26.47 -46.70 -34.75
C GLY D 160 25.49 -47.08 -33.64
N SER D 161 24.35 -47.61 -34.05
CA SER D 161 23.32 -48.03 -33.11
C SER D 161 22.63 -49.27 -33.66
N GLU D 162 22.46 -50.27 -32.80
CA GLU D 162 21.83 -51.54 -33.15
C GLU D 162 20.80 -51.91 -32.10
N PHE D 163 19.93 -52.86 -32.45
CA PHE D 163 18.94 -53.39 -31.53
C PHE D 163 18.46 -54.74 -32.05
N HIS D 164 19.03 -55.79 -31.47
CA HIS D 164 18.70 -57.16 -31.85
C HIS D 164 18.85 -58.05 -30.64
N GLY D 165 18.40 -59.30 -30.75
CA GLY D 165 18.51 -60.21 -29.63
C GLY D 165 17.40 -60.11 -28.60
N PHE D 166 16.38 -59.30 -28.87
CA PHE D 166 15.27 -59.17 -27.93
C PHE D 166 14.35 -60.38 -28.06
N PRO D 167 13.66 -60.76 -26.97
CA PRO D 167 12.76 -61.92 -27.04
C PRO D 167 11.54 -61.65 -27.91
N ARG D 168 10.91 -62.72 -28.40
CA ARG D 168 9.73 -62.56 -29.24
C ARG D 168 8.54 -63.32 -28.68
N ASP D 169 7.39 -62.66 -28.66
CA ASP D 169 6.16 -63.29 -28.19
C ASP D 169 5.10 -63.06 -29.27
N LYS D 170 3.86 -63.47 -29.00
CA LYS D 170 2.81 -63.32 -30.03
C LYS D 170 2.50 -61.88 -30.41
N TYR D 171 2.94 -60.92 -29.58
CA TYR D 171 2.69 -59.51 -29.85
C TYR D 171 3.90 -58.80 -30.44
N THR D 172 4.95 -59.56 -30.74
CA THR D 172 6.18 -59.00 -31.30
C THR D 172 6.19 -58.95 -32.82
N THR D 173 6.43 -57.76 -33.38
CA THR D 173 6.48 -57.58 -34.83
C THR D 173 7.76 -56.84 -35.25
N LEU D 174 8.44 -56.24 -34.28
CA LEU D 174 9.66 -55.49 -34.55
C LEU D 174 10.75 -56.33 -35.23
N GLN D 175 11.39 -55.74 -36.22
CA GLN D 175 12.46 -56.42 -36.94
C GLN D 175 13.81 -56.02 -36.35
N GLU D 176 14.70 -57.00 -36.20
CA GLU D 176 16.02 -56.72 -35.64
C GLU D 176 16.79 -55.83 -36.60
N THR D 177 17.79 -55.12 -36.08
CA THR D 177 18.59 -54.24 -36.91
C THR D 177 20.00 -54.05 -36.37
N THR D 178 20.93 -53.76 -37.27
CA THR D 178 22.32 -53.53 -36.89
C THR D 178 22.71 -52.11 -37.30
N ASP D 179 21.74 -51.35 -37.80
CA ASP D 179 22.01 -49.98 -38.23
C ASP D 179 20.72 -49.16 -38.20
N ARG D 180 20.60 -48.30 -37.18
CA ARG D 180 19.41 -47.46 -37.05
C ARG D 180 19.80 -46.12 -36.46
N ILE D 181 18.90 -45.15 -36.56
CA ILE D 181 19.16 -43.84 -35.98
C ILE D 181 18.83 -43.95 -34.49
N LEU D 182 19.60 -43.25 -33.67
CA LEU D 182 19.37 -43.24 -32.23
C LEU D 182 19.29 -41.76 -31.88
N ALA D 183 18.08 -41.29 -31.57
CA ALA D 183 17.85 -39.89 -31.24
C ALA D 183 17.15 -39.79 -29.90
N THR D 184 17.57 -38.83 -29.08
CA THR D 184 16.98 -38.66 -27.76
C THR D 184 17.12 -37.23 -27.24
N ASP D 185 16.46 -36.97 -26.12
CA ASP D 185 16.52 -35.67 -25.44
C ASP D 185 17.22 -35.97 -24.14
N VAL D 186 18.42 -35.42 -23.95
CA VAL D 186 19.16 -35.67 -22.74
C VAL D 186 18.61 -34.91 -21.53
N SER D 187 18.06 -35.67 -20.59
CA SER D 187 17.54 -35.14 -19.34
C SER D 187 18.28 -35.90 -18.26
N ALA D 188 19.18 -35.21 -17.58
CA ALA D 188 19.96 -35.85 -16.53
C ALA D 188 20.03 -34.98 -15.30
N ARG D 189 20.08 -35.62 -14.14
CA ARG D 189 20.15 -34.92 -12.87
C ARG D 189 21.09 -35.69 -11.96
N TRP D 190 22.03 -34.97 -11.35
CA TRP D 190 23.00 -35.60 -10.48
C TRP D 190 23.05 -34.92 -9.11
N ARG D 191 23.24 -35.74 -8.08
CA ARG D 191 23.29 -35.28 -6.70
C ARG D 191 24.70 -35.20 -6.16
N TYR D 192 25.05 -34.03 -5.63
CA TYR D 192 26.37 -33.78 -5.06
C TYR D 192 26.43 -34.29 -3.62
N ASN D 193 27.58 -34.81 -3.21
CA ASN D 193 27.72 -35.32 -1.85
C ASN D 193 28.33 -34.26 -0.93
N THR D 194 28.43 -33.04 -1.44
CA THR D 194 28.98 -31.91 -0.70
C THR D 194 28.58 -30.61 -1.39
N VAL D 195 28.55 -29.51 -0.65
CA VAL D 195 28.19 -28.22 -1.24
C VAL D 195 29.43 -27.47 -1.70
N GLU D 196 30.61 -28.00 -1.36
CA GLU D 196 31.87 -27.38 -1.77
C GLU D 196 32.25 -27.92 -3.15
N VAL D 197 31.63 -27.34 -4.18
CA VAL D 197 31.84 -27.76 -5.56
C VAL D 197 31.99 -26.56 -6.48
N ASP D 198 32.79 -26.73 -7.54
CA ASP D 198 32.96 -25.67 -8.53
C ASP D 198 31.78 -25.93 -9.48
N PHE D 199 30.59 -25.49 -9.06
CA PHE D 199 29.36 -25.73 -9.80
C PHE D 199 29.38 -25.51 -11.31
N ASP D 200 29.91 -24.38 -11.77
CA ASP D 200 29.96 -24.10 -13.20
C ASP D 200 30.91 -25.04 -13.94
N ALA D 201 32.04 -25.37 -13.31
CA ALA D 201 33.02 -26.26 -13.92
C ALA D 201 32.51 -27.69 -14.04
N VAL D 202 31.89 -28.19 -12.98
CA VAL D 202 31.35 -29.55 -13.00
C VAL D 202 30.22 -29.65 -14.03
N TYR D 203 29.35 -28.64 -14.07
CA TYR D 203 28.25 -28.66 -15.04
C TYR D 203 28.81 -28.81 -16.46
N ALA D 204 29.78 -27.96 -16.80
CA ALA D 204 30.38 -28.01 -18.13
C ALA D 204 31.03 -29.37 -18.37
N SER D 205 31.66 -29.92 -17.35
CA SER D 205 32.31 -31.22 -17.48
C SER D 205 31.28 -32.33 -17.71
N VAL D 206 30.27 -32.38 -16.84
CA VAL D 206 29.23 -33.40 -16.96
C VAL D 206 28.57 -33.36 -18.34
N ARG D 207 28.23 -32.16 -18.80
CA ARG D 207 27.60 -32.00 -20.10
C ARG D 207 28.47 -32.64 -21.17
N GLY D 208 29.76 -32.33 -21.14
CA GLY D 208 30.68 -32.88 -22.12
C GLY D 208 30.84 -34.38 -22.02
N LEU D 209 30.80 -34.91 -20.80
CA LEU D 209 30.92 -36.35 -20.58
C LEU D 209 29.71 -37.09 -21.14
N LEU D 210 28.52 -36.53 -20.91
CA LEU D 210 27.29 -37.14 -21.40
C LEU D 210 27.29 -37.18 -22.92
N LEU D 211 27.64 -36.05 -23.53
CA LEU D 211 27.70 -35.95 -24.98
C LEU D 211 28.73 -36.91 -25.58
N LYS D 212 29.88 -36.99 -24.93
CA LYS D 212 30.96 -37.86 -25.40
C LYS D 212 30.57 -39.33 -25.36
N ALA D 213 30.01 -39.77 -24.23
CA ALA D 213 29.60 -41.16 -24.09
C ALA D 213 28.48 -41.49 -25.07
N PHE D 214 27.57 -40.55 -25.30
CA PHE D 214 26.49 -40.77 -26.24
C PHE D 214 27.02 -41.02 -27.65
N ALA D 215 27.85 -40.10 -28.12
CA ALA D 215 28.41 -40.18 -29.47
C ALA D 215 29.40 -41.31 -29.72
N GLU D 216 30.27 -41.58 -28.76
CA GLU D 216 31.30 -42.61 -28.95
C GLU D 216 30.94 -44.04 -28.58
N THR D 217 29.84 -44.24 -27.88
CA THR D 217 29.46 -45.60 -27.50
C THR D 217 28.72 -46.29 -28.64
N HIS D 218 29.24 -47.40 -29.12
CA HIS D 218 28.55 -48.13 -30.18
C HIS D 218 27.37 -48.73 -29.44
N SER D 219 26.19 -48.21 -29.70
CA SER D 219 24.99 -48.64 -28.99
C SER D 219 24.31 -49.93 -29.44
N LEU D 220 24.15 -50.86 -28.50
CA LEU D 220 23.47 -52.13 -28.74
C LEU D 220 22.10 -52.03 -28.09
N ALA D 221 21.88 -50.95 -27.35
CA ALA D 221 20.62 -50.70 -26.65
C ALA D 221 20.67 -49.31 -26.05
N LEU D 222 19.52 -48.65 -25.91
CA LEU D 222 19.49 -47.32 -25.33
C LEU D 222 19.91 -47.46 -23.87
N GLN D 223 19.56 -48.58 -23.25
CA GLN D 223 19.91 -48.84 -21.86
C GLN D 223 21.43 -48.82 -21.70
N GLN D 224 22.13 -49.41 -22.66
CA GLN D 224 23.58 -49.48 -22.62
C GLN D 224 24.21 -48.09 -22.76
N THR D 225 23.72 -47.32 -23.73
CA THR D 225 24.23 -45.98 -23.93
C THR D 225 24.06 -45.16 -22.66
N MET D 226 22.88 -45.26 -22.06
CA MET D 226 22.61 -44.53 -20.83
C MET D 226 23.55 -44.94 -19.71
N TYR D 227 23.80 -46.24 -19.62
CA TYR D 227 24.70 -46.74 -18.58
C TYR D 227 26.10 -46.14 -18.74
N GLU D 228 26.58 -46.07 -19.98
CA GLU D 228 27.91 -45.52 -20.25
C GLU D 228 27.98 -44.04 -19.94
N MET D 229 26.91 -43.32 -20.23
CA MET D 229 26.86 -41.89 -19.96
C MET D 229 26.94 -41.67 -18.45
N GLY D 230 26.16 -42.45 -17.71
CA GLY D 230 26.16 -42.32 -16.26
C GLY D 230 27.49 -42.71 -15.63
N ARG D 231 28.07 -43.80 -16.11
CA ARG D 231 29.34 -44.29 -15.59
C ARG D 231 30.45 -43.25 -15.76
N ALA D 232 30.49 -42.62 -16.94
CA ALA D 232 31.50 -41.61 -17.22
C ALA D 232 31.45 -40.47 -16.20
N VAL D 233 30.26 -40.07 -15.81
CA VAL D 233 30.09 -38.98 -14.85
C VAL D 233 30.55 -39.36 -13.45
N ILE D 234 30.10 -40.50 -12.96
CA ILE D 234 30.47 -40.94 -11.63
C ILE D 234 31.98 -41.17 -11.51
N GLU D 235 32.56 -41.83 -12.52
CA GLU D 235 33.99 -42.11 -12.51
C GLU D 235 34.87 -40.85 -12.57
N THR D 236 34.36 -39.79 -13.17
CA THR D 236 35.12 -38.55 -13.32
C THR D 236 35.00 -37.57 -12.15
N HIS D 237 33.82 -37.49 -11.54
CA HIS D 237 33.60 -36.55 -10.45
C HIS D 237 33.32 -37.14 -9.08
N PRO D 238 34.31 -37.09 -8.19
CA PRO D 238 34.20 -37.62 -6.82
C PRO D 238 33.07 -36.99 -6.02
N GLU D 239 32.74 -35.74 -6.33
CA GLU D 239 31.67 -35.04 -5.61
C GLU D 239 30.26 -35.46 -5.99
N ILE D 240 30.13 -36.35 -6.97
CA ILE D 240 28.82 -36.81 -7.41
C ILE D 240 28.56 -38.25 -6.95
N ASP D 241 27.47 -38.45 -6.22
CA ASP D 241 27.14 -39.79 -5.74
C ASP D 241 26.21 -40.58 -6.66
N GLU D 242 25.39 -39.89 -7.43
CA GLU D 242 24.48 -40.58 -8.33
C GLU D 242 23.95 -39.67 -9.41
N ILE D 243 23.55 -40.27 -10.52
CA ILE D 243 23.00 -39.50 -11.62
C ILE D 243 21.79 -40.26 -12.14
N LYS D 244 20.70 -39.53 -12.36
CA LYS D 244 19.47 -40.13 -12.88
C LYS D 244 19.23 -39.57 -14.27
N MET D 245 18.88 -40.45 -15.19
CA MET D 245 18.60 -40.03 -16.56
C MET D 245 17.28 -40.56 -17.07
N SER D 246 16.65 -39.77 -17.93
CA SER D 246 15.38 -40.15 -18.54
C SER D 246 15.59 -39.84 -20.02
N LEU D 247 15.74 -40.90 -20.82
CA LEU D 247 15.98 -40.73 -22.24
C LEU D 247 14.90 -41.31 -23.14
N PRO D 248 14.22 -40.46 -23.92
CA PRO D 248 13.19 -41.00 -24.80
C PRO D 248 13.89 -41.50 -26.06
N ASN D 249 13.33 -42.53 -26.69
CA ASN D 249 13.92 -43.02 -27.92
C ASN D 249 13.02 -42.41 -28.98
N LYS D 250 13.44 -41.27 -29.55
CA LYS D 250 12.64 -40.58 -30.55
C LYS D 250 12.78 -41.28 -31.90
N HIS D 251 11.78 -42.09 -32.21
CA HIS D 251 11.78 -42.90 -33.41
C HIS D 251 11.86 -42.19 -34.76
N HIS D 252 12.86 -42.61 -35.53
CA HIS D 252 13.07 -42.09 -36.88
C HIS D 252 12.92 -43.34 -37.75
N PHE D 253 11.74 -43.52 -38.32
CA PHE D 253 11.44 -44.68 -39.14
C PHE D 253 11.97 -44.60 -40.55
N LEU D 254 12.67 -45.65 -40.96
CA LEU D 254 13.21 -45.71 -42.32
C LEU D 254 12.00 -45.90 -43.23
N VAL D 255 11.70 -44.89 -44.03
CA VAL D 255 10.54 -44.95 -44.93
C VAL D 255 10.66 -46.00 -46.03
N ASP D 256 9.58 -46.74 -46.24
CA ASP D 256 9.57 -47.75 -47.29
C ASP D 256 9.25 -47.07 -48.62
N LEU D 257 10.23 -47.04 -49.51
CA LEU D 257 10.05 -46.40 -50.81
C LEU D 257 9.88 -47.38 -51.96
N GLN D 258 9.90 -48.68 -51.66
CA GLN D 258 9.74 -49.67 -52.72
C GLN D 258 8.40 -49.48 -53.44
N PRO D 259 7.35 -49.01 -52.72
CA PRO D 259 6.08 -48.82 -53.41
C PRO D 259 6.21 -47.79 -54.54
N PHE D 260 7.29 -47.02 -54.50
CA PHE D 260 7.55 -45.99 -55.50
C PHE D 260 8.72 -46.38 -56.40
N GLY D 261 9.17 -47.63 -56.29
CA GLY D 261 10.26 -48.12 -57.12
C GLY D 261 11.67 -47.68 -56.72
N GLN D 262 11.87 -47.35 -55.45
CA GLN D 262 13.19 -46.92 -54.99
C GLN D 262 13.63 -47.66 -53.74
N ASP D 263 14.94 -47.73 -53.52
CA ASP D 263 15.44 -48.37 -52.31
C ASP D 263 15.69 -47.21 -51.36
N ASN D 264 16.02 -47.50 -50.10
CA ASN D 264 16.29 -46.45 -49.12
C ASN D 264 17.44 -46.93 -48.26
N PRO D 265 18.69 -46.68 -48.70
CA PRO D 265 19.88 -47.10 -47.97
C PRO D 265 20.14 -46.27 -46.72
N ASN D 266 19.21 -46.34 -45.77
CA ASN D 266 19.34 -45.62 -44.50
C ASN D 266 19.47 -44.11 -44.71
N GLU D 267 18.68 -43.55 -45.62
CA GLU D 267 18.76 -42.12 -45.89
C GLU D 267 17.52 -41.29 -45.61
N VAL D 268 16.34 -41.80 -45.94
CA VAL D 268 15.09 -41.05 -45.74
C VAL D 268 14.28 -41.56 -44.55
N PHE D 269 14.07 -40.68 -43.58
CA PHE D 269 13.34 -41.07 -42.37
C PHE D 269 12.15 -40.19 -42.02
N TYR D 270 11.20 -40.79 -41.32
CA TYR D 270 10.01 -40.11 -40.83
C TYR D 270 10.25 -39.99 -39.33
N ALA D 271 10.28 -38.77 -38.81
CA ALA D 271 10.50 -38.60 -37.37
C ALA D 271 9.15 -38.48 -36.67
N ALA D 272 8.73 -39.57 -36.02
CA ALA D 272 7.45 -39.62 -35.33
C ALA D 272 7.46 -38.87 -34.00
N ASP D 273 6.34 -38.25 -33.66
CA ASP D 273 6.22 -37.51 -32.41
C ASP D 273 5.95 -38.48 -31.25
N ARG D 274 4.87 -39.23 -31.39
CA ARG D 274 4.46 -40.21 -30.38
C ARG D 274 3.95 -41.45 -31.10
N PRO D 275 4.08 -42.63 -30.46
CA PRO D 275 4.67 -42.81 -29.14
C PRO D 275 6.20 -42.84 -29.22
N TYR D 276 6.86 -43.00 -28.08
CA TYR D 276 8.31 -43.05 -28.06
C TYR D 276 8.77 -43.96 -26.94
N GLY D 277 9.92 -44.62 -27.14
CA GLY D 277 10.45 -45.45 -26.09
C GLY D 277 10.88 -44.51 -24.99
N LEU D 278 10.90 -44.98 -23.76
CA LEU D 278 11.32 -44.13 -22.65
C LEU D 278 12.13 -45.03 -21.72
N ILE D 279 13.43 -44.79 -21.70
CA ILE D 279 14.37 -45.56 -20.91
C ILE D 279 14.89 -44.68 -19.77
N GLU D 280 14.77 -45.18 -18.54
CA GLU D 280 15.19 -44.40 -17.38
C GLU D 280 16.00 -45.25 -16.39
N ALA D 281 17.00 -44.64 -15.78
CA ALA D 281 17.82 -45.36 -14.82
C ALA D 281 18.60 -44.45 -13.89
N THR D 282 18.99 -45.02 -12.75
CA THR D 282 19.79 -44.31 -11.76
C THR D 282 21.12 -45.04 -11.71
N ILE D 283 22.21 -44.30 -11.91
CA ILE D 283 23.54 -44.89 -11.85
C ILE D 283 24.13 -44.33 -10.57
N GLN D 284 24.61 -45.20 -9.69
CA GLN D 284 25.13 -44.75 -8.41
C GLN D 284 26.56 -45.19 -8.08
N ARG D 285 27.18 -44.44 -7.18
CA ARG D 285 28.53 -44.73 -6.71
C ARG D 285 28.29 -45.83 -5.69
N GLU D 286 29.01 -46.94 -5.83
CA GLU D 286 28.82 -48.06 -4.90
C GLU D 286 28.93 -47.60 -3.46
N GLY D 287 27.94 -47.94 -2.65
CA GLY D 287 27.96 -47.56 -1.24
C GLY D 287 27.24 -46.28 -0.88
N SER D 288 26.87 -45.48 -1.88
CA SER D 288 26.18 -44.22 -1.63
C SER D 288 24.72 -44.45 -1.21
N ARG D 289 24.06 -43.41 -0.72
CA ARG D 289 22.68 -43.50 -0.27
C ARG D 289 21.77 -44.05 -1.37
N ALA D 290 20.88 -44.97 -0.97
CA ALA D 290 19.96 -45.61 -1.89
C ALA D 290 18.79 -44.75 -2.36
N ASP D 291 18.13 -44.04 -1.45
CA ASP D 291 16.99 -43.22 -1.82
C ASP D 291 16.93 -41.89 -1.07
N HIS D 292 17.75 -40.93 -1.49
CA HIS D 292 17.77 -39.62 -0.83
C HIS D 292 16.42 -38.93 -1.00
N PRO D 293 15.92 -38.28 0.06
CA PRO D 293 14.64 -37.57 0.08
C PRO D 293 14.48 -36.49 -0.99
N ILE D 294 15.59 -35.93 -1.46
CA ILE D 294 15.52 -34.87 -2.46
C ILE D 294 14.88 -35.32 -3.78
N TRP D 295 14.88 -36.62 -4.03
CA TRP D 295 14.29 -37.14 -5.26
C TRP D 295 12.77 -37.20 -5.19
N SER D 296 12.22 -37.20 -3.97
CA SER D 296 10.78 -37.26 -3.79
C SER D 296 10.09 -36.05 -4.42
N ASN D 297 10.69 -34.88 -4.23
CA ASN D 297 10.16 -33.63 -4.77
C ASN D 297 8.88 -33.21 -4.04
N THR E 11 25.45 14.00 52.59
CA THR E 11 25.55 14.27 54.05
C THR E 11 25.43 15.78 54.32
N LYS E 12 26.26 16.56 53.63
CA LYS E 12 26.23 18.02 53.81
C LYS E 12 25.47 18.68 52.67
N VAL E 13 24.28 19.16 52.97
CA VAL E 13 23.44 19.82 51.96
C VAL E 13 23.53 21.33 52.08
N VAL E 14 23.63 22.01 50.94
CA VAL E 14 23.71 23.46 50.92
C VAL E 14 22.70 24.09 49.96
N LEU E 15 22.28 25.31 50.30
CA LEU E 15 21.34 26.05 49.47
C LEU E 15 22.18 26.75 48.40
N GLY E 16 21.85 26.51 47.15
CA GLY E 16 22.57 27.15 46.06
C GLY E 16 21.82 28.35 45.53
N GLN E 17 21.91 28.57 44.22
CA GLN E 17 21.22 29.69 43.59
C GLN E 17 19.73 29.60 43.91
N ASN E 18 19.11 30.74 44.14
CA ASN E 18 17.69 30.78 44.46
C ASN E 18 17.14 32.18 44.20
N GLN E 19 15.83 32.25 43.94
CA GLN E 19 15.17 33.52 43.68
C GLN E 19 13.68 33.28 43.86
N TYR E 20 12.96 34.33 44.22
CA TYR E 20 11.52 34.19 44.42
C TYR E 20 10.83 35.53 44.22
N GLY E 21 9.53 35.46 43.93
CA GLY E 21 8.77 36.68 43.72
C GLY E 21 7.39 36.37 43.21
N LYS E 22 6.75 37.36 42.60
CA LYS E 22 5.42 37.17 42.06
C LYS E 22 5.51 37.12 40.54
N ALA E 23 4.94 36.08 39.96
CA ALA E 23 4.97 35.90 38.51
C ALA E 23 3.64 36.23 37.87
N GLU E 24 3.72 36.70 36.63
CA GLU E 24 2.54 37.03 35.82
C GLU E 24 1.52 37.97 36.41
N VAL E 25 1.99 39.16 36.77
CA VAL E 25 1.12 40.22 37.29
C VAL E 25 0.63 40.95 36.05
N ARG E 26 -0.65 40.79 35.73
CA ARG E 26 -1.23 41.43 34.55
C ARG E 26 -1.66 42.86 34.83
N LEU E 27 -0.97 43.79 34.18
CA LEU E 27 -1.23 45.21 34.36
C LEU E 27 -1.64 45.92 33.08
N VAL E 28 -2.64 46.79 33.22
CA VAL E 28 -3.11 47.61 32.11
C VAL E 28 -3.09 49.03 32.68
N LYS E 29 -2.33 49.90 32.03
CA LYS E 29 -2.20 51.28 32.45
C LYS E 29 -2.84 52.16 31.39
N VAL E 30 -3.86 52.90 31.77
CA VAL E 30 -4.53 53.78 30.83
C VAL E 30 -4.05 55.20 31.06
N THR E 31 -3.68 55.87 29.97
CA THR E 31 -3.23 57.26 30.04
C THR E 31 -4.42 58.06 29.53
N ARG E 32 -4.98 58.91 30.38
CA ARG E 32 -6.14 59.69 29.97
C ARG E 32 -6.15 61.15 30.42
N ASN E 33 -5.02 61.83 30.28
CA ASN E 33 -4.96 63.23 30.66
C ASN E 33 -5.80 64.01 29.66
N THR E 34 -5.87 63.47 28.45
CA THR E 34 -6.65 64.08 27.38
C THR E 34 -7.70 63.06 26.93
N ALA E 35 -8.56 63.47 26.01
CA ALA E 35 -9.60 62.58 25.51
C ALA E 35 -8.98 61.45 24.70
N ARG E 36 -7.77 61.68 24.20
CA ARG E 36 -7.05 60.70 23.41
C ARG E 36 -6.35 59.71 24.33
N HIS E 37 -7.05 58.65 24.72
CA HIS E 37 -6.49 57.66 25.63
C HIS E 37 -5.38 56.81 25.02
N GLU E 38 -4.48 56.35 25.89
CA GLU E 38 -3.37 55.49 25.49
C GLU E 38 -3.46 54.26 26.38
N ILE E 39 -3.03 53.11 25.84
CA ILE E 39 -3.06 51.86 26.59
C ILE E 39 -1.70 51.18 26.61
N GLN E 40 -1.32 50.69 27.78
CA GLN E 40 -0.08 49.94 27.95
C GLN E 40 -0.51 48.68 28.68
N ASP E 41 -0.22 47.53 28.09
CA ASP E 41 -0.64 46.24 28.64
C ASP E 41 0.58 45.33 28.87
N LEU E 42 0.80 44.91 30.10
CA LEU E 42 1.96 44.07 30.43
C LEU E 42 1.65 42.85 31.33
N ASN E 43 2.52 41.85 31.25
CA ASN E 43 2.43 40.65 32.09
C ASN E 43 3.80 40.73 32.76
N VAL E 44 3.82 41.13 34.02
CA VAL E 44 5.06 41.34 34.78
C VAL E 44 5.43 40.28 35.80
N THR E 45 6.72 39.96 35.88
CA THR E 45 7.22 38.99 36.84
C THR E 45 8.38 39.63 37.61
N SER E 46 8.40 39.43 38.92
CA SER E 46 9.43 39.99 39.77
C SER E 46 10.00 38.93 40.69
N GLN E 47 11.33 38.78 40.69
CA GLN E 47 11.97 37.81 41.56
C GLN E 47 13.22 38.43 42.17
N LEU E 48 13.40 38.21 43.46
CA LEU E 48 14.54 38.76 44.18
C LEU E 48 15.62 37.73 44.46
N ARG E 49 16.86 38.22 44.55
CA ARG E 49 18.02 37.40 44.83
C ARG E 49 18.78 38.07 45.96
N GLY E 50 19.36 37.26 46.84
CA GLY E 50 20.13 37.81 47.95
C GLY E 50 20.29 36.78 49.05
N ASP E 51 20.31 37.25 50.28
CA ASP E 51 20.47 36.37 51.43
C ASP E 51 19.14 35.89 51.98
N PHE E 52 18.72 34.70 51.54
CA PHE E 52 17.46 34.11 51.99
C PHE E 52 17.76 32.74 52.59
N GLU E 53 18.95 32.62 53.14
CA GLU E 53 19.41 31.39 53.76
C GLU E 53 18.47 30.89 54.87
N ALA E 54 18.20 31.76 55.84
CA ALA E 54 17.34 31.41 56.96
C ALA E 54 15.92 31.06 56.54
N ALA E 55 15.43 31.74 55.51
CA ALA E 55 14.09 31.50 55.01
C ALA E 55 13.95 30.05 54.56
N HIS E 56 14.99 29.52 53.94
CA HIS E 56 14.98 28.14 53.46
C HIS E 56 15.31 27.11 54.52
N THR E 57 16.34 27.37 55.33
CA THR E 57 16.75 26.42 56.36
C THR E 57 15.95 26.41 57.65
N ALA E 58 15.33 27.53 58.01
CA ALA E 58 14.57 27.60 59.26
C ALA E 58 13.16 28.16 59.13
N GLY E 59 12.82 28.67 57.94
CA GLY E 59 11.50 29.24 57.76
C GLY E 59 11.41 30.63 58.37
N ASP E 60 12.56 31.24 58.62
CA ASP E 60 12.62 32.59 59.19
C ASP E 60 12.34 33.55 58.04
N ASN E 61 11.22 34.26 58.11
CA ASN E 61 10.84 35.18 57.03
C ASN E 61 11.26 36.63 57.17
N ALA E 62 12.20 36.92 58.07
CA ALA E 62 12.64 38.29 58.27
C ALA E 62 13.12 38.97 56.98
N HIS E 63 13.75 38.21 56.08
CA HIS E 63 14.25 38.77 54.83
C HIS E 63 13.30 38.57 53.65
N VAL E 64 12.20 37.87 53.88
CA VAL E 64 11.27 37.57 52.81
C VAL E 64 10.23 38.65 52.51
N VAL E 65 10.54 39.51 51.54
CA VAL E 65 9.60 40.54 51.13
C VAL E 65 8.50 39.72 50.44
N ALA E 66 7.30 39.76 51.00
CA ALA E 66 6.18 38.99 50.46
C ALA E 66 5.99 39.15 48.95
N THR E 67 5.72 38.06 48.25
CA THR E 67 5.50 38.16 46.82
C THR E 67 4.29 39.07 46.62
N ASP E 68 3.36 39.05 47.57
CA ASP E 68 2.17 39.91 47.50
C ASP E 68 2.62 41.37 47.51
N THR E 69 3.65 41.65 48.31
CA THR E 69 4.17 43.01 48.40
C THR E 69 4.83 43.41 47.09
N GLN E 70 5.52 42.47 46.44
CA GLN E 70 6.17 42.78 45.17
C GLN E 70 5.09 43.09 44.13
N LYS E 71 3.97 42.38 44.22
CA LYS E 71 2.86 42.61 43.30
C LYS E 71 2.31 44.03 43.51
N ASN E 72 2.10 44.40 44.77
CA ASN E 72 1.58 45.73 45.08
C ASN E 72 2.49 46.82 44.52
N THR E 73 3.81 46.59 44.62
CA THR E 73 4.77 47.56 44.14
C THR E 73 4.63 47.81 42.64
N VAL E 74 4.35 46.75 41.88
CA VAL E 74 4.18 46.89 40.43
C VAL E 74 3.03 47.84 40.11
N TYR E 75 1.89 47.62 40.75
CA TYR E 75 0.73 48.47 40.52
C TYR E 75 0.96 49.90 41.02
N ALA E 76 1.61 50.03 42.17
CA ALA E 76 1.90 51.34 42.73
C ALA E 76 2.79 52.15 41.79
N PHE E 77 3.86 51.52 41.29
CA PHE E 77 4.76 52.22 40.37
C PHE E 77 4.09 52.55 39.04
N ALA E 78 3.18 51.69 38.61
CA ALA E 78 2.47 51.91 37.35
C ALA E 78 1.69 53.23 37.38
N ARG E 79 1.18 53.59 38.55
CA ARG E 79 0.40 54.83 38.72
C ARG E 79 1.15 56.06 38.23
N ASP E 80 2.48 56.05 38.37
CA ASP E 80 3.30 57.17 37.95
C ASP E 80 3.52 57.17 36.44
N GLY E 81 3.14 56.08 35.80
CA GLY E 81 3.33 55.98 34.35
C GLY E 81 4.75 55.59 34.02
N PHE E 82 4.98 55.15 32.79
CA PHE E 82 6.31 54.74 32.34
C PHE E 82 6.40 54.91 30.84
N ALA E 83 7.55 55.40 30.37
CA ALA E 83 7.76 55.63 28.95
C ALA E 83 7.85 54.34 28.15
N THR E 84 8.59 53.37 28.68
CA THR E 84 8.75 52.08 28.00
C THR E 84 8.72 50.96 29.03
N THR E 85 8.57 49.74 28.55
CA THR E 85 8.54 48.58 29.44
C THR E 85 9.88 48.46 30.15
N GLU E 86 10.96 48.70 29.42
CA GLU E 86 12.29 48.60 30.00
C GLU E 86 12.48 49.61 31.13
N GLU E 87 12.02 50.84 30.93
CA GLU E 87 12.14 51.87 31.95
C GLU E 87 11.40 51.44 33.22
N PHE E 88 10.25 50.80 33.02
CA PHE E 88 9.43 50.33 34.13
C PHE E 88 10.19 49.29 34.93
N LEU E 89 10.73 48.28 34.25
CA LEU E 89 11.48 47.23 34.91
C LEU E 89 12.71 47.80 35.63
N LEU E 90 13.37 48.77 35.02
CA LEU E 90 14.55 49.37 35.63
C LEU E 90 14.20 50.02 36.97
N ARG E 91 13.04 50.68 37.02
CA ARG E 91 12.61 51.33 38.25
C ARG E 91 12.35 50.29 39.33
N LEU E 92 11.72 49.18 38.94
CA LEU E 92 11.43 48.10 39.89
C LEU E 92 12.70 47.48 40.44
N GLY E 93 13.64 47.16 39.55
CA GLY E 93 14.90 46.55 39.96
C GLY E 93 15.65 47.41 40.97
N LYS E 94 15.77 48.70 40.68
CA LYS E 94 16.47 49.62 41.56
C LYS E 94 15.80 49.69 42.93
N HIS E 95 14.46 49.71 42.92
CA HIS E 95 13.70 49.77 44.15
C HIS E 95 14.01 48.64 45.12
N PHE E 96 13.87 47.41 44.65
CA PHE E 96 14.13 46.25 45.49
C PHE E 96 15.58 46.07 45.91
N THR E 97 16.51 46.36 45.00
CA THR E 97 17.92 46.19 45.32
C THR E 97 18.43 47.23 46.33
N GLU E 98 18.01 48.48 46.15
CA GLU E 98 18.45 49.55 47.06
C GLU E 98 17.57 49.65 48.30
N GLY E 99 16.31 49.24 48.18
CA GLY E 99 15.40 49.32 49.31
C GLY E 99 15.61 48.29 50.41
N PHE E 100 16.32 47.21 50.09
CA PHE E 100 16.57 46.17 51.07
C PHE E 100 18.03 45.75 51.03
N ASP E 101 18.70 45.82 52.19
CA ASP E 101 20.11 45.48 52.30
C ASP E 101 20.46 44.04 51.92
N TRP E 102 19.60 43.09 52.27
CA TRP E 102 19.86 41.69 51.97
C TRP E 102 19.52 41.28 50.53
N VAL E 103 18.85 42.17 49.79
CA VAL E 103 18.50 41.90 48.41
C VAL E 103 19.63 42.48 47.57
N THR E 104 20.43 41.61 46.97
CA THR E 104 21.57 42.04 46.18
C THR E 104 21.33 42.05 44.68
N GLY E 105 20.17 41.58 44.24
CA GLY E 105 19.86 41.57 42.82
C GLY E 105 18.52 40.94 42.55
N GLY E 106 18.31 40.51 41.30
CA GLY E 106 17.06 39.89 40.95
C GLY E 106 16.83 39.86 39.45
N ARG E 107 15.65 39.39 39.07
CA ARG E 107 15.30 39.30 37.66
C ARG E 107 13.88 39.83 37.53
N TRP E 108 13.71 40.81 36.65
CA TRP E 108 12.41 41.41 36.41
C TRP E 108 12.12 41.29 34.93
N ALA E 109 10.99 40.68 34.60
CA ALA E 109 10.64 40.47 33.21
C ALA E 109 9.22 40.89 32.90
N ALA E 110 8.96 41.12 31.61
CA ALA E 110 7.64 41.51 31.18
C ALA E 110 7.35 41.18 29.74
N GLN E 111 6.09 40.87 29.48
CA GLN E 111 5.62 40.63 28.12
C GLN E 111 4.80 41.88 27.88
N GLN E 112 4.92 42.46 26.69
CA GLN E 112 4.15 43.64 26.35
C GLN E 112 3.23 43.25 25.21
N PHE E 113 1.95 43.52 25.39
CA PHE E 113 0.95 43.18 24.39
C PHE E 113 0.53 44.42 23.59
N PHE E 114 0.42 44.26 22.28
CA PHE E 114 0.07 45.39 21.42
C PHE E 114 -1.40 45.56 21.10
N TRP E 115 -1.82 46.82 21.10
CA TRP E 115 -3.20 47.20 20.79
C TRP E 115 -3.21 48.26 19.68
N ASP E 116 -4.27 48.26 18.89
CA ASP E 116 -4.44 49.22 17.81
C ASP E 116 -5.79 49.90 18.04
N ARG E 117 -5.91 51.17 17.65
CA ARG E 117 -7.18 51.87 17.80
C ARG E 117 -8.16 51.32 16.77
N ILE E 118 -9.44 51.35 17.10
CA ILE E 118 -10.46 50.90 16.17
C ILE E 118 -10.87 52.14 15.37
N ASN E 119 -10.55 52.16 14.09
CA ASN E 119 -10.90 53.30 13.24
C ASN E 119 -10.40 54.62 13.84
N ASP E 120 -9.22 54.57 14.46
CA ASP E 120 -8.62 55.75 15.07
C ASP E 120 -9.46 56.35 16.19
N HIS E 121 -10.23 55.51 16.87
CA HIS E 121 -11.07 55.96 17.97
C HIS E 121 -10.21 56.42 19.14
N ASP E 122 -10.69 57.41 19.89
CA ASP E 122 -9.97 57.95 21.03
C ASP E 122 -9.82 57.00 22.21
N HIS E 123 -10.79 56.10 22.41
CA HIS E 123 -10.72 55.18 23.52
C HIS E 123 -11.26 53.77 23.29
N ALA E 124 -11.15 53.27 22.06
CA ALA E 124 -11.62 51.92 21.74
C ALA E 124 -10.48 51.27 20.96
N PHE E 125 -10.07 50.08 21.38
CA PHE E 125 -8.95 49.40 20.74
C PHE E 125 -9.19 47.90 20.51
N SER E 126 -8.33 47.30 19.68
CA SER E 126 -8.40 45.87 19.40
C SER E 126 -6.98 45.31 19.50
N ARG E 127 -6.86 44.09 20.02
CA ARG E 127 -5.56 43.46 20.19
C ARG E 127 -4.86 43.04 18.90
N ASN E 128 -3.57 43.34 18.81
CA ASN E 128 -2.76 42.92 17.68
C ASN E 128 -2.00 41.74 18.29
N LYS E 129 -2.43 40.52 17.99
CA LYS E 129 -1.81 39.33 18.56
C LYS E 129 -0.72 38.69 17.70
N SER E 130 -0.30 39.36 16.64
CA SER E 130 0.69 38.80 15.73
C SER E 130 2.12 38.67 16.27
N GLU E 131 2.37 39.26 17.44
CA GLU E 131 3.69 39.16 18.06
C GLU E 131 3.58 39.66 19.50
N VAL E 132 4.50 39.19 20.34
CA VAL E 132 4.55 39.61 21.72
C VAL E 132 5.96 40.10 21.98
N ARG E 133 6.08 41.25 22.61
CA ARG E 133 7.38 41.84 22.92
C ARG E 133 7.77 41.48 24.35
N THR E 134 9.06 41.20 24.55
CA THR E 134 9.53 40.85 25.89
C THR E 134 10.73 41.69 26.31
N ALA E 135 10.96 41.70 27.62
CA ALA E 135 12.08 42.45 28.17
C ALA E 135 12.42 41.76 29.48
N VAL E 136 13.72 41.67 29.75
CA VAL E 136 14.18 41.05 30.98
C VAL E 136 15.33 41.88 31.52
N LEU E 137 15.27 42.18 32.81
CA LEU E 137 16.31 42.95 33.48
C LEU E 137 16.88 42.08 34.59
N GLU E 138 18.20 41.99 34.63
CA GLU E 138 18.85 41.23 35.69
C GLU E 138 19.84 42.17 36.35
N ILE E 139 19.82 42.18 37.67
CA ILE E 139 20.71 43.02 38.45
C ILE E 139 21.55 42.11 39.34
N SER E 140 22.85 42.37 39.38
CA SER E 140 23.76 41.60 40.21
C SER E 140 24.69 42.59 40.87
N GLY E 141 24.44 42.87 42.14
CA GLY E 141 25.26 43.82 42.85
C GLY E 141 25.20 45.17 42.16
N SER E 142 26.35 45.63 41.69
CA SER E 142 26.44 46.92 41.01
C SER E 142 26.20 46.85 39.51
N GLU E 143 26.06 45.64 38.97
CA GLU E 143 25.86 45.46 37.54
C GLU E 143 24.43 45.09 37.15
N GLN E 144 24.02 45.50 35.95
CA GLN E 144 22.69 45.19 35.44
C GLN E 144 22.74 45.05 33.92
N ALA E 145 21.85 44.22 33.38
CA ALA E 145 21.80 44.00 31.95
C ALA E 145 20.36 43.81 31.49
N ILE E 146 20.09 44.23 30.26
CA ILE E 146 18.75 44.11 29.69
C ILE E 146 18.76 43.29 28.41
N VAL E 147 17.81 42.39 28.30
CA VAL E 147 17.64 41.58 27.11
C VAL E 147 16.21 41.83 26.61
N ALA E 148 16.09 42.27 25.37
CA ALA E 148 14.78 42.52 24.79
C ALA E 148 14.51 41.39 23.82
N GLY E 149 13.25 41.18 23.46
CA GLY E 149 12.95 40.10 22.54
C GLY E 149 11.60 40.17 21.88
N ILE E 150 11.36 39.21 21.00
CA ILE E 150 10.12 39.13 20.28
C ILE E 150 9.78 37.64 20.18
N GLU E 151 8.49 37.33 20.25
CA GLU E 151 8.08 35.93 20.16
C GLU E 151 6.69 35.85 19.55
N GLY E 152 6.31 34.65 19.11
CA GLY E 152 5.01 34.45 18.52
C GLY E 152 4.80 35.06 17.15
N LEU E 153 5.88 35.48 16.49
CA LEU E 153 5.77 36.06 15.15
C LEU E 153 5.99 34.95 14.12
N THR E 154 4.90 34.46 13.54
CA THR E 154 5.00 33.39 12.56
C THR E 154 5.22 33.91 11.13
N VAL E 155 6.19 33.34 10.43
CA VAL E 155 6.49 33.78 9.07
C VAL E 155 6.59 32.59 8.13
N LEU E 156 6.43 32.85 6.83
CA LEU E 156 6.49 31.79 5.83
C LEU E 156 6.91 32.28 4.46
N LYS E 157 7.76 31.50 3.80
CA LYS E 157 8.21 31.80 2.44
C LYS E 157 7.65 30.67 1.60
N SER E 158 6.90 31.00 0.56
CA SER E 158 6.30 29.99 -0.30
C SER E 158 7.32 29.41 -1.30
N THR E 159 8.46 30.08 -1.41
CA THR E 159 9.53 29.62 -2.28
C THR E 159 10.79 30.38 -1.88
N GLY E 160 11.89 30.14 -2.58
CA GLY E 160 13.12 30.83 -2.23
C GLY E 160 13.79 30.13 -1.06
N SER E 161 13.62 28.82 -1.01
CA SER E 161 14.21 27.99 0.04
C SER E 161 14.61 26.66 -0.58
N GLU E 162 15.82 26.22 -0.28
CA GLU E 162 16.34 24.96 -0.79
C GLU E 162 16.96 24.16 0.35
N PHE E 163 17.21 22.87 0.09
CA PHE E 163 17.88 22.03 1.07
C PHE E 163 18.41 20.79 0.38
N HIS E 164 19.72 20.80 0.14
CA HIS E 164 20.40 19.69 -0.52
C HIS E 164 21.87 19.67 -0.10
N GLY E 165 22.57 18.61 -0.44
CA GLY E 165 23.97 18.52 -0.10
C GLY E 165 24.23 17.98 1.29
N PHE E 166 23.17 17.52 1.96
CA PHE E 166 23.34 16.97 3.30
C PHE E 166 23.79 15.52 3.20
N PRO E 167 24.55 15.03 4.19
CA PRO E 167 25.04 13.66 4.18
C PRO E 167 23.90 12.64 4.16
N ARG E 168 24.16 11.47 3.61
CA ARG E 168 23.15 10.43 3.53
C ARG E 168 23.66 9.15 4.17
N ASP E 169 23.03 8.72 5.26
CA ASP E 169 23.44 7.50 5.94
C ASP E 169 22.31 6.47 5.78
N LYS E 170 22.46 5.32 6.42
CA LYS E 170 21.43 4.28 6.30
C LYS E 170 20.05 4.74 6.77
N TYR E 171 20.00 5.82 7.54
CA TYR E 171 18.72 6.31 8.05
C TYR E 171 18.18 7.52 7.30
N THR E 172 18.85 7.90 6.21
CA THR E 172 18.42 9.05 5.43
C THR E 172 17.49 8.67 4.28
N THR E 173 16.30 9.27 4.29
CA THR E 173 15.30 9.03 3.27
C THR E 173 14.82 10.34 2.63
N LEU E 174 15.17 11.47 3.25
CA LEU E 174 14.76 12.77 2.73
C LEU E 174 15.35 13.04 1.36
N GLN E 175 14.52 13.51 0.43
CA GLN E 175 14.99 13.81 -0.91
C GLN E 175 15.46 15.26 -0.96
N GLU E 176 16.50 15.52 -1.75
CA GLU E 176 17.01 16.87 -1.89
C GLU E 176 15.98 17.71 -2.62
N THR E 177 16.00 19.02 -2.40
CA THR E 177 15.05 19.90 -3.06
C THR E 177 15.62 21.29 -3.28
N THR E 178 15.16 21.96 -4.33
CA THR E 178 15.60 23.31 -4.65
C THR E 178 14.44 24.29 -4.51
N ASP E 179 13.26 23.76 -4.16
CA ASP E 179 12.07 24.59 -4.00
C ASP E 179 11.14 24.00 -2.93
N ARG E 180 11.11 24.63 -1.76
CA ARG E 180 10.26 24.16 -0.67
C ARG E 180 9.74 25.36 0.11
N ILE E 181 8.80 25.11 1.00
CA ILE E 181 8.28 26.18 1.84
C ILE E 181 9.18 26.28 3.06
N LEU E 182 9.38 27.50 3.55
CA LEU E 182 10.18 27.70 4.76
C LEU E 182 9.30 28.49 5.72
N ALA E 183 8.83 27.83 6.77
CA ALA E 183 7.96 28.47 7.75
C ALA E 183 8.52 28.29 9.16
N THR E 184 8.48 29.36 9.94
CA THR E 184 9.00 29.29 11.30
C THR E 184 8.31 30.31 12.22
N ASP E 185 8.60 30.21 13.51
CA ASP E 185 8.06 31.15 14.50
C ASP E 185 9.29 31.91 14.94
N VAL E 186 9.32 33.21 14.69
CA VAL E 186 10.48 34.00 15.07
C VAL E 186 10.53 34.26 16.57
N SER E 187 11.50 33.64 17.24
CA SER E 187 11.73 33.81 18.67
C SER E 187 13.16 34.32 18.74
N ALA E 188 13.32 35.58 19.13
CA ALA E 188 14.65 36.16 19.22
C ALA E 188 14.79 37.03 20.46
N ARG E 189 15.99 37.05 21.01
CA ARG E 189 16.31 37.84 22.19
C ARG E 189 17.69 38.44 21.99
N TRP E 190 17.82 39.72 22.30
CA TRP E 190 19.10 40.40 22.14
C TRP E 190 19.50 41.18 23.39
N ARG E 191 20.79 41.15 23.70
CA ARG E 191 21.31 41.82 24.88
C ARG E 191 21.93 43.17 24.55
N TYR E 192 21.54 44.19 25.32
CA TYR E 192 22.05 45.54 25.13
C TYR E 192 23.33 45.71 25.94
N ASN E 193 24.29 46.45 25.40
CA ASN E 193 25.57 46.66 26.08
C ASN E 193 25.56 47.96 26.88
N THR E 194 24.36 48.47 27.11
CA THR E 194 24.16 49.70 27.87
C THR E 194 22.67 49.89 28.11
N VAL E 195 22.31 50.63 29.14
CA VAL E 195 20.91 50.88 29.44
C VAL E 195 20.41 52.16 28.76
N GLU E 196 21.34 52.91 28.18
CA GLU E 196 20.97 54.15 27.48
C GLU E 196 20.62 53.81 26.03
N VAL E 197 19.38 53.36 25.84
CA VAL E 197 18.90 52.98 24.52
C VAL E 197 17.48 53.50 24.28
N ASP E 198 17.15 53.72 23.01
CA ASP E 198 15.81 54.16 22.63
C ASP E 198 15.09 52.83 22.41
N PHE E 199 14.68 52.21 23.50
CA PHE E 199 14.02 50.90 23.48
C PHE E 199 12.93 50.67 22.44
N ASP E 200 11.96 51.57 22.33
CA ASP E 200 10.89 51.37 21.36
C ASP E 200 11.39 51.44 19.92
N ALA E 201 12.32 52.36 19.65
CA ALA E 201 12.85 52.52 18.29
C ALA E 201 13.67 51.29 17.88
N VAL E 202 14.53 50.82 18.76
CA VAL E 202 15.37 49.68 18.47
C VAL E 202 14.51 48.43 18.23
N TYR E 203 13.51 48.22 19.08
CA TYR E 203 12.64 47.07 18.92
C TYR E 203 11.99 47.08 17.54
N ALA E 204 11.46 48.24 17.16
CA ALA E 204 10.81 48.38 15.85
C ALA E 204 11.82 48.08 14.74
N SER E 205 13.05 48.54 14.92
CA SER E 205 14.10 48.33 13.93
C SER E 205 14.50 46.87 13.85
N VAL E 206 14.78 46.25 15.00
CA VAL E 206 15.17 44.85 15.05
C VAL E 206 14.10 43.97 14.41
N ARG E 207 12.84 44.23 14.74
CA ARG E 207 11.74 43.47 14.17
C ARG E 207 11.79 43.54 12.65
N GLY E 208 11.92 44.76 12.13
CA GLY E 208 11.98 44.96 10.70
C GLY E 208 13.18 44.28 10.05
N LEU E 209 14.33 44.33 10.73
CA LEU E 209 15.54 43.71 10.19
C LEU E 209 15.41 42.19 10.13
N LEU E 210 14.77 41.61 11.15
CA LEU E 210 14.58 40.17 11.19
C LEU E 210 13.68 39.72 10.05
N LEU E 211 12.56 40.41 9.87
CA LEU E 211 11.61 40.09 8.82
C LEU E 211 12.23 40.25 7.43
N LYS E 212 12.96 41.33 7.23
CA LYS E 212 13.60 41.60 5.95
C LYS E 212 14.62 40.52 5.58
N ALA E 213 15.46 40.15 6.54
CA ALA E 213 16.48 39.14 6.32
C ALA E 213 15.84 37.78 6.02
N PHE E 214 14.78 37.46 6.74
CA PHE E 214 14.09 36.20 6.52
C PHE E 214 13.53 36.14 5.10
N ALA E 215 12.81 37.19 4.72
CA ALA E 215 12.19 37.28 3.41
C ALA E 215 13.13 37.38 2.22
N GLU E 216 14.11 38.28 2.32
CA GLU E 216 15.04 38.51 1.22
C GLU E 216 16.24 37.58 1.06
N THR E 217 16.47 36.71 2.02
CA THR E 217 17.59 35.77 1.92
C THR E 217 17.17 34.50 1.18
N HIS E 218 17.89 34.16 0.12
CA HIS E 218 17.58 32.93 -0.61
C HIS E 218 18.16 31.86 0.30
N SER E 219 17.28 31.12 0.96
CA SER E 219 17.71 30.12 1.91
C SER E 219 18.18 28.77 1.38
N LEU E 220 19.41 28.41 1.74
CA LEU E 220 19.98 27.13 1.35
C LEU E 220 19.92 26.25 2.60
N ALA E 221 19.56 26.86 3.72
CA ALA E 221 19.45 26.19 5.00
C ALA E 221 18.86 27.15 6.03
N LEU E 222 18.06 26.64 6.96
CA LEU E 222 17.46 27.49 7.98
C LEU E 222 18.58 28.15 8.78
N GLN E 223 19.68 27.41 8.97
CA GLN E 223 20.83 27.93 9.71
C GLN E 223 21.35 29.22 9.04
N GLN E 224 21.43 29.20 7.72
CA GLN E 224 21.91 30.36 6.97
C GLN E 224 20.95 31.52 7.12
N THR E 225 19.66 31.25 6.97
CA THR E 225 18.63 32.27 7.13
C THR E 225 18.77 32.93 8.49
N MET E 226 18.92 32.11 9.53
CA MET E 226 19.06 32.62 10.88
C MET E 226 20.30 33.47 11.06
N TYR E 227 21.42 33.02 10.49
CA TYR E 227 22.67 33.76 10.60
C TYR E 227 22.54 35.16 9.98
N GLU E 228 21.91 35.23 8.81
CA GLU E 228 21.73 36.51 8.14
C GLU E 228 20.81 37.41 8.96
N MET E 229 19.77 36.82 9.53
CA MET E 229 18.83 37.58 10.36
C MET E 229 19.58 38.20 11.53
N GLY E 230 20.43 37.40 12.17
CA GLY E 230 21.21 37.89 13.30
C GLY E 230 22.28 38.88 12.92
N ARG E 231 22.95 38.63 11.79
CA ARG E 231 24.01 39.52 11.34
C ARG E 231 23.48 40.93 11.07
N ALA E 232 22.33 41.01 10.42
CA ALA E 232 21.70 42.28 10.08
C ALA E 232 21.46 43.12 11.32
N VAL E 233 21.06 42.47 12.41
CA VAL E 233 20.78 43.16 13.65
C VAL E 233 22.04 43.76 14.29
N ILE E 234 23.07 42.93 14.45
CA ILE E 234 24.31 43.39 15.05
C ILE E 234 25.03 44.46 14.23
N GLU E 235 25.00 44.30 12.91
CA GLU E 235 25.65 45.27 12.03
C GLU E 235 24.94 46.62 12.02
N THR E 236 23.68 46.63 12.41
CA THR E 236 22.88 47.85 12.42
C THR E 236 22.81 48.58 13.77
N HIS E 237 22.86 47.83 14.88
CA HIS E 237 22.76 48.46 16.19
C HIS E 237 23.98 48.27 17.08
N PRO E 238 24.71 49.37 17.34
CA PRO E 238 25.91 49.36 18.19
C PRO E 238 25.64 48.96 19.64
N GLU E 239 24.43 49.25 20.12
CA GLU E 239 24.07 48.92 21.50
C GLU E 239 23.79 47.44 21.73
N ILE E 240 23.78 46.64 20.67
CA ILE E 240 23.53 45.21 20.81
C ILE E 240 24.82 44.40 20.65
N ASP E 241 25.13 43.59 21.65
CA ASP E 241 26.34 42.76 21.62
C ASP E 241 26.10 41.33 21.13
N GLU E 242 24.86 40.85 21.25
CA GLU E 242 24.52 39.50 20.80
C GLU E 242 23.02 39.30 20.67
N ILE E 243 22.65 38.35 19.81
CA ILE E 243 21.25 38.02 19.63
C ILE E 243 21.12 36.51 19.50
N LYS E 244 20.15 35.94 20.22
CA LYS E 244 19.92 34.51 20.19
C LYS E 244 18.57 34.24 19.56
N MET E 245 18.51 33.18 18.75
CA MET E 245 17.28 32.82 18.08
C MET E 245 17.02 31.33 18.16
N SER E 246 15.74 30.98 18.21
CA SER E 246 15.30 29.61 18.27
C SER E 246 14.22 29.54 17.20
N LEU E 247 14.56 28.94 16.06
CA LEU E 247 13.63 28.85 14.94
C LEU E 247 13.21 27.44 14.59
N PRO E 248 11.91 27.15 14.73
CA PRO E 248 11.46 25.79 14.39
C PRO E 248 11.26 25.74 12.89
N ASN E 249 11.40 24.55 12.30
CA ASN E 249 11.15 24.44 10.88
C ASN E 249 9.79 23.75 10.85
N LYS E 250 8.75 24.54 10.68
CA LYS E 250 7.37 24.02 10.65
C LYS E 250 7.12 23.42 9.29
N HIS E 251 7.23 22.11 9.21
CA HIS E 251 7.08 21.40 7.96
C HIS E 251 5.74 21.50 7.25
N HIS E 252 5.81 21.84 5.96
CA HIS E 252 4.66 21.92 5.09
C HIS E 252 5.01 20.91 4.01
N PHE E 253 4.44 19.72 4.13
CA PHE E 253 4.71 18.64 3.20
C PHE E 253 3.91 18.75 1.91
N LEU E 254 4.63 18.65 0.79
CA LEU E 254 3.99 18.72 -0.52
C LEU E 254 3.22 17.41 -0.66
N VAL E 255 1.91 17.50 -0.75
CA VAL E 255 1.07 16.31 -0.86
C VAL E 255 1.24 15.57 -2.18
N ASP E 256 1.34 14.25 -2.10
CA ASP E 256 1.49 13.43 -3.29
C ASP E 256 0.10 13.11 -3.84
N LEU E 257 -0.24 13.71 -4.97
CA LEU E 257 -1.53 13.49 -5.59
C LEU E 257 -1.42 12.62 -6.83
N GLN E 258 -0.20 12.15 -7.12
CA GLN E 258 0.03 11.30 -8.29
C GLN E 258 -0.81 10.02 -8.27
N PRO E 259 -1.09 9.46 -7.09
CA PRO E 259 -1.89 8.24 -7.06
C PRO E 259 -3.27 8.50 -7.65
N PHE E 260 -3.63 9.78 -7.74
CA PHE E 260 -4.92 10.19 -8.29
C PHE E 260 -4.77 10.76 -9.69
N GLY E 261 -3.57 10.62 -10.26
CA GLY E 261 -3.31 11.12 -11.60
C GLY E 261 -3.17 12.63 -11.65
N GLN E 262 -3.01 13.26 -10.50
CA GLN E 262 -2.85 14.70 -10.44
C GLN E 262 -1.42 15.07 -10.06
N ASP E 263 -0.91 16.15 -10.62
CA ASP E 263 0.43 16.58 -10.25
C ASP E 263 0.23 17.63 -9.17
N ASN E 264 1.32 18.08 -8.56
CA ASN E 264 1.24 19.08 -7.50
C ASN E 264 2.46 19.99 -7.65
N PRO E 265 2.35 21.02 -8.49
CA PRO E 265 3.45 21.96 -8.73
C PRO E 265 3.67 22.94 -7.58
N ASN E 266 4.06 22.40 -6.43
CA ASN E 266 4.31 23.20 -5.24
C ASN E 266 3.12 24.05 -4.84
N GLU E 267 1.93 23.47 -4.90
CA GLU E 267 0.71 24.21 -4.54
C GLU E 267 -0.07 23.72 -3.33
N VAL E 268 -0.20 22.40 -3.16
CA VAL E 268 -0.98 21.83 -2.05
C VAL E 268 -0.11 21.19 -0.97
N PHE E 269 -0.20 21.74 0.24
CA PHE E 269 0.60 21.27 1.37
C PHE E 269 -0.18 20.88 2.61
N TYR E 270 0.42 19.97 3.37
CA TYR E 270 -0.10 19.50 4.64
C TYR E 270 0.81 20.18 5.68
N ALA E 271 0.23 20.99 6.54
CA ALA E 271 1.01 21.67 7.59
C ALA E 271 1.01 20.82 8.85
N ALA E 272 2.12 20.11 9.07
CA ALA E 272 2.26 19.23 10.23
C ALA E 272 2.56 19.96 11.53
N ASP E 273 2.04 19.42 12.63
CA ASP E 273 2.25 20.02 13.95
C ASP E 273 3.59 19.57 14.51
N ARG E 274 3.74 18.27 14.68
CA ARG E 274 4.95 17.68 15.22
C ARG E 274 5.25 16.40 14.47
N PRO E 275 6.53 16.03 14.34
CA PRO E 275 7.68 16.79 14.88
C PRO E 275 8.05 17.98 14.01
N TYR E 276 9.02 18.75 14.46
CA TYR E 276 9.48 19.91 13.69
C TYR E 276 10.97 20.10 13.89
N GLY E 277 11.63 20.65 12.88
CA GLY E 277 13.06 20.92 13.01
C GLY E 277 13.19 22.06 14.00
N LEU E 278 14.29 22.11 14.74
CA LEU E 278 14.52 23.18 15.69
C LEU E 278 15.96 23.63 15.54
N ILE E 279 16.12 24.81 14.97
CA ILE E 279 17.43 25.41 14.71
C ILE E 279 17.67 26.57 15.67
N GLU E 280 18.75 26.51 16.44
CA GLU E 280 19.05 27.56 17.40
C GLU E 280 20.50 28.02 17.33
N ALA E 281 20.73 29.30 17.60
CA ALA E 281 22.08 29.83 17.57
C ALA E 281 22.22 31.21 18.20
N THR E 282 23.45 31.52 18.57
CA THR E 282 23.77 32.81 19.16
C THR E 282 24.73 33.49 18.19
N ILE E 283 24.37 34.70 17.78
CA ILE E 283 25.21 35.48 16.88
C ILE E 283 25.71 36.64 17.73
N GLN E 284 27.03 36.82 17.79
CA GLN E 284 27.59 37.87 18.63
C GLN E 284 28.52 38.82 17.91
N ARG E 285 28.71 39.97 18.53
CA ARG E 285 29.62 41.00 18.03
C ARG E 285 31.00 40.51 18.42
N GLU E 286 31.91 40.46 17.45
CA GLU E 286 33.26 39.98 17.70
C GLU E 286 33.89 40.77 18.86
N GLY E 287 34.36 40.03 19.87
CA GLY E 287 34.99 40.68 21.01
C GLY E 287 34.11 40.82 22.25
N SER E 288 32.81 40.66 22.09
CA SER E 288 31.88 40.79 23.22
C SER E 288 31.94 39.59 24.15
N ARG E 289 31.30 39.73 25.31
CA ARG E 289 31.27 38.64 26.30
C ARG E 289 30.72 37.36 25.70
N ALA E 290 31.19 36.23 26.19
CA ALA E 290 30.76 34.93 25.67
C ALA E 290 29.60 34.25 26.40
N ASP E 291 29.59 34.34 27.73
CA ASP E 291 28.52 33.70 28.50
C ASP E 291 27.95 34.57 29.61
N HIS E 292 27.26 35.64 29.24
CA HIS E 292 26.66 36.54 30.22
C HIS E 292 25.68 35.77 31.11
N PRO E 293 25.69 36.07 32.43
CA PRO E 293 24.81 35.43 33.41
C PRO E 293 23.31 35.55 33.16
N ILE E 294 22.89 36.62 32.48
CA ILE E 294 21.46 36.85 32.23
C ILE E 294 20.80 35.73 31.42
N TRP E 295 21.59 34.97 30.67
CA TRP E 295 21.03 33.88 29.87
C TRP E 295 20.77 32.62 30.67
N SER E 296 21.16 32.61 31.94
CA SER E 296 20.96 31.45 32.79
C SER E 296 19.55 31.38 33.40
N ASN E 297 19.07 32.52 33.90
CA ASN E 297 17.75 32.61 34.50
C ASN E 297 17.71 32.00 35.91
N THR F 11 -33.26 -2.07 28.85
CA THR F 11 -34.32 -2.56 27.91
C THR F 11 -33.77 -2.64 26.48
N LYS F 12 -34.43 -1.97 25.56
CA LYS F 12 -34.03 -1.96 24.16
C LYS F 12 -33.24 -0.69 23.83
N VAL F 13 -32.02 -0.88 23.34
CA VAL F 13 -31.14 0.22 23.00
C VAL F 13 -31.16 0.52 21.50
N VAL F 14 -31.16 1.81 21.16
CA VAL F 14 -31.18 2.21 19.76
C VAL F 14 -30.14 3.28 19.44
N LEU F 15 -29.70 3.29 18.18
CA LEU F 15 -28.71 4.26 17.72
C LEU F 15 -29.44 5.53 17.35
N GLY F 16 -29.04 6.64 17.95
CA GLY F 16 -29.67 7.91 17.65
C GLY F 16 -28.85 8.70 16.64
N GLN F 17 -28.79 10.01 16.82
CA GLN F 17 -28.02 10.87 15.92
C GLN F 17 -26.55 10.45 15.94
N ASN F 18 -25.89 10.52 14.80
CA ASN F 18 -24.48 10.14 14.73
C ASN F 18 -23.83 10.77 13.51
N GLN F 19 -22.51 10.92 13.57
CA GLN F 19 -21.75 11.49 12.46
C GLN F 19 -20.28 11.14 12.70
N TYR F 20 -19.49 11.13 11.63
CA TYR F 20 -18.08 10.79 11.77
C TYR F 20 -17.31 11.30 10.56
N GLY F 21 -16.01 11.49 10.73
CA GLY F 21 -15.19 11.96 9.63
C GLY F 21 -13.81 12.31 10.12
N LYS F 22 -13.07 13.09 9.34
CA LYS F 22 -11.72 13.49 9.73
C LYS F 22 -11.75 14.93 10.20
N ALA F 23 -11.20 15.18 11.38
CA ALA F 23 -11.16 16.52 11.93
C ALA F 23 -9.77 17.13 11.88
N GLU F 24 -9.76 18.45 11.73
CA GLU F 24 -8.54 19.26 11.71
C GLU F 24 -7.46 18.87 10.69
N VAL F 25 -7.85 18.91 9.41
CA VAL F 25 -6.96 18.63 8.30
C VAL F 25 -6.37 20.00 7.95
N ARG F 26 -5.08 20.17 8.22
CA ARG F 26 -4.41 21.44 7.96
C ARG F 26 -3.93 21.54 6.52
N LEU F 27 -4.56 22.46 5.80
CA LEU F 27 -4.28 22.67 4.39
C LEU F 27 -3.72 24.06 4.11
N VAL F 28 -2.69 24.12 3.28
CA VAL F 28 -2.11 25.38 2.87
C VAL F 28 -2.07 25.28 1.36
N LYS F 29 -2.78 26.19 0.69
CA LYS F 29 -2.83 26.20 -0.76
C LYS F 29 -2.12 27.42 -1.26
N VAL F 30 -1.08 27.21 -2.06
CA VAL F 30 -0.31 28.30 -2.62
C VAL F 30 -0.69 28.50 -4.07
N THR F 31 -1.05 29.72 -4.42
CA THR F 31 -1.40 30.04 -5.80
C THR F 31 -0.13 30.67 -6.36
N ARG F 32 0.46 30.04 -7.37
CA ARG F 32 1.70 30.56 -7.94
C ARG F 32 1.77 30.48 -9.45
N ASN F 33 0.65 30.75 -10.13
CA ASN F 33 0.65 30.73 -11.58
C ASN F 33 1.55 31.86 -12.05
N THR F 34 1.73 32.85 -11.19
CA THR F 34 2.59 34.00 -11.46
C THR F 34 3.60 34.13 -10.32
N ALA F 35 4.52 35.09 -10.43
CA ALA F 35 5.55 35.30 -9.42
C ALA F 35 4.94 35.87 -8.13
N ARG F 36 3.74 36.42 -8.26
CA ARG F 36 3.03 37.00 -7.13
C ARG F 36 2.22 35.90 -6.45
N HIS F 37 2.83 35.22 -5.48
CA HIS F 37 2.16 34.13 -4.79
C HIS F 37 1.05 34.55 -3.83
N GLU F 38 0.05 33.69 -3.72
CA GLU F 38 -1.08 33.91 -2.82
C GLU F 38 -1.14 32.72 -1.88
N ILE F 39 -1.61 32.94 -0.65
CA ILE F 39 -1.71 31.87 0.33
C ILE F 39 -3.10 31.75 0.95
N GLN F 40 -3.58 30.51 1.03
CA GLN F 40 -4.86 30.20 1.66
C GLN F 40 -4.49 29.13 2.68
N ASP F 41 -4.81 29.40 3.94
CA ASP F 41 -4.46 28.51 5.05
C ASP F 41 -5.73 28.10 5.80
N LEU F 42 -6.05 26.80 5.77
CA LEU F 42 -7.25 26.29 6.44
C LEU F 42 -7.05 25.10 7.38
N ASN F 43 -8.00 24.96 8.31
CA ASN F 43 -8.04 23.84 9.25
C ASN F 43 -9.44 23.30 8.93
N VAL F 44 -9.49 22.19 8.21
CA VAL F 44 -10.75 21.60 7.77
C VAL F 44 -11.23 20.34 8.49
N THR F 45 -12.53 20.26 8.70
CA THR F 45 -13.14 19.11 9.35
C THR F 45 -14.32 18.62 8.49
N SER F 46 -14.34 17.32 8.22
CA SER F 46 -15.39 16.71 7.41
C SER F 46 -16.09 15.58 8.16
N GLN F 47 -17.40 15.67 8.29
CA GLN F 47 -18.16 14.63 8.96
C GLN F 47 -19.41 14.28 8.16
N LEU F 48 -19.66 12.98 8.04
CA LEU F 48 -20.79 12.49 7.28
C LEU F 48 -21.95 12.01 8.13
N ARG F 49 -23.13 12.08 7.53
CA ARG F 49 -24.37 11.66 8.17
C ARG F 49 -25.13 10.81 7.16
N GLY F 50 -25.84 9.81 7.65
CA GLY F 50 -26.60 8.93 6.78
C GLY F 50 -26.93 7.64 7.51
N ASP F 51 -26.97 6.54 6.76
CA ASP F 51 -27.29 5.25 7.33
C ASP F 51 -26.01 4.50 7.69
N PHE F 52 -25.63 4.59 8.96
CA PHE F 52 -24.44 3.93 9.46
C PHE F 52 -24.80 2.97 10.59
N GLU F 53 -26.05 2.50 10.53
CA GLU F 53 -26.60 1.59 11.52
C GLU F 53 -25.75 0.33 11.72
N ALA F 54 -25.41 -0.34 10.62
CA ALA F 54 -24.61 -1.56 10.66
C ALA F 54 -23.20 -1.36 11.17
N ALA F 55 -22.61 -0.20 10.88
CA ALA F 55 -21.26 0.10 11.33
C ALA F 55 -21.22 0.09 12.86
N HIS F 56 -22.26 0.63 13.47
CA HIS F 56 -22.33 0.70 14.93
C HIS F 56 -22.78 -0.63 15.58
N THR F 57 -23.83 -1.23 15.02
CA THR F 57 -24.37 -2.46 15.59
C THR F 57 -23.60 -3.74 15.31
N ALA F 58 -22.89 -3.81 14.18
CA ALA F 58 -22.15 -5.02 13.86
C ALA F 58 -20.71 -4.80 13.42
N GLY F 59 -20.29 -3.55 13.31
CA GLY F 59 -18.93 -3.29 12.89
C GLY F 59 -18.74 -3.54 11.42
N ASP F 60 -19.85 -3.53 10.68
CA ASP F 60 -19.85 -3.72 9.23
C ASP F 60 -19.55 -2.36 8.60
N ASN F 61 -18.39 -2.25 7.97
CA ASN F 61 -17.94 -1.00 7.38
C ASN F 61 -18.24 -0.74 5.91
N ALA F 62 -19.18 -1.48 5.34
CA ALA F 62 -19.53 -1.31 3.94
C ALA F 62 -19.92 0.13 3.60
N HIS F 63 -20.58 0.80 4.54
CA HIS F 63 -21.02 2.19 4.34
C HIS F 63 -20.02 3.21 4.87
N VAL F 64 -18.96 2.75 5.50
CA VAL F 64 -17.99 3.66 6.10
C VAL F 64 -16.88 4.19 5.20
N VAL F 65 -17.11 5.35 4.59
CA VAL F 65 -16.08 5.98 3.77
C VAL F 65 -15.02 6.37 4.81
N ALA F 66 -13.85 5.74 4.72
CA ALA F 66 -12.78 5.99 5.69
C ALA F 66 -12.48 7.46 5.93
N THR F 67 -12.17 7.82 7.17
CA THR F 67 -11.87 9.21 7.46
C THR F 67 -10.59 9.59 6.72
N ASP F 68 -9.74 8.60 6.44
CA ASP F 68 -8.50 8.86 5.71
C ASP F 68 -8.86 9.29 4.29
N THR F 69 -9.90 8.67 3.74
CA THR F 69 -10.36 9.00 2.40
C THR F 69 -10.92 10.42 2.36
N GLN F 70 -11.65 10.78 3.42
CA GLN F 70 -12.23 12.12 3.49
C GLN F 70 -11.07 13.14 3.51
N LYS F 71 -10.01 12.80 4.22
CA LYS F 71 -8.83 13.64 4.29
C LYS F 71 -8.18 13.79 2.91
N ASN F 72 -7.99 12.67 2.21
CA ASN F 72 -7.38 12.68 0.87
C ASN F 72 -8.20 13.55 -0.08
N THR F 73 -9.52 13.49 0.06
CA THR F 73 -10.42 14.24 -0.82
C THR F 73 -10.20 15.75 -0.64
N VAL F 74 -9.93 16.18 0.59
CA VAL F 74 -9.69 17.59 0.86
C VAL F 74 -8.49 18.07 0.07
N TYR F 75 -7.38 17.34 0.16
CA TYR F 75 -6.18 17.71 -0.56
C TYR F 75 -6.35 17.60 -2.07
N ALA F 76 -7.05 16.56 -2.53
CA ALA F 76 -7.26 16.38 -3.96
C ALA F 76 -8.08 17.56 -4.52
N PHE F 77 -9.11 17.97 -3.79
CA PHE F 77 -9.95 19.08 -4.25
C PHE F 77 -9.21 20.42 -4.20
N ALA F 78 -8.32 20.57 -3.22
CA ALA F 78 -7.56 21.79 -3.05
C ALA F 78 -6.69 22.08 -4.27
N ARG F 79 -6.22 21.03 -4.94
CA ARG F 79 -5.38 21.18 -6.13
C ARG F 79 -6.03 22.04 -7.22
N ASP F 80 -7.36 21.97 -7.31
CA ASP F 80 -8.09 22.74 -8.31
C ASP F 80 -8.27 24.19 -7.87
N GLY F 81 -7.95 24.46 -6.61
CA GLY F 81 -8.08 25.81 -6.10
C GLY F 81 -9.53 26.09 -5.74
N PHE F 82 -9.75 27.17 -4.99
CA PHE F 82 -11.08 27.56 -4.57
C PHE F 82 -11.11 29.06 -4.33
N ALA F 83 -12.21 29.69 -4.72
CA ALA F 83 -12.37 31.13 -4.55
C ALA F 83 -12.43 31.55 -3.09
N THR F 84 -13.26 30.86 -2.32
CA THR F 84 -13.43 31.17 -0.90
C THR F 84 -13.55 29.89 -0.09
N THR F 85 -13.44 30.01 1.23
CA THR F 85 -13.56 28.87 2.12
C THR F 85 -14.95 28.24 2.01
N GLU F 86 -15.98 29.06 2.04
CA GLU F 86 -17.34 28.53 1.94
C GLU F 86 -17.55 27.72 0.66
N GLU F 87 -17.00 28.20 -0.45
CA GLU F 87 -17.17 27.51 -1.71
C GLU F 87 -16.40 26.19 -1.76
N PHE F 88 -15.31 26.10 -1.00
CA PHE F 88 -14.52 24.89 -0.94
C PHE F 88 -15.31 23.85 -0.15
N LEU F 89 -15.95 24.29 0.93
CA LEU F 89 -16.75 23.39 1.77
C LEU F 89 -17.99 22.92 1.00
N LEU F 90 -18.52 23.79 0.16
CA LEU F 90 -19.69 23.45 -0.64
C LEU F 90 -19.36 22.32 -1.60
N ARG F 91 -18.16 22.39 -2.19
CA ARG F 91 -17.73 21.36 -3.13
C ARG F 91 -17.58 20.02 -2.41
N LEU F 92 -17.01 20.05 -1.21
CA LEU F 92 -16.82 18.83 -0.42
C LEU F 92 -18.15 18.21 -0.03
N GLY F 93 -19.06 19.03 0.48
CA GLY F 93 -20.36 18.54 0.90
C GLY F 93 -21.16 17.91 -0.23
N LYS F 94 -21.17 18.55 -1.39
CA LYS F 94 -21.90 18.02 -2.53
C LYS F 94 -21.27 16.72 -3.02
N HIS F 95 -19.95 16.64 -2.92
CA HIS F 95 -19.24 15.44 -3.35
C HIS F 95 -19.63 14.21 -2.54
N PHE F 96 -19.61 14.33 -1.22
CA PHE F 96 -19.93 13.20 -0.36
C PHE F 96 -21.40 12.80 -0.36
N THR F 97 -22.30 13.78 -0.34
CA THR F 97 -23.73 13.50 -0.33
C THR F 97 -24.20 12.89 -1.66
N GLU F 98 -23.69 13.42 -2.76
CA GLU F 98 -24.07 12.90 -4.08
C GLU F 98 -23.30 11.64 -4.47
N GLY F 99 -22.08 11.49 -3.97
CA GLY F 99 -21.28 10.35 -4.33
C GLY F 99 -21.61 9.02 -3.67
N PHE F 100 -22.32 9.09 -2.54
CA PHE F 100 -22.68 7.88 -1.81
C PHE F 100 -24.16 7.93 -1.47
N ASP F 101 -24.91 6.92 -1.91
CA ASP F 101 -26.35 6.88 -1.68
C ASP F 101 -26.74 6.85 -0.21
N TRP F 102 -25.96 6.17 0.62
CA TRP F 102 -26.27 6.06 2.04
C TRP F 102 -25.87 7.30 2.85
N VAL F 103 -25.16 8.24 2.20
CA VAL F 103 -24.75 9.47 2.86
C VAL F 103 -25.78 10.53 2.49
N THR F 104 -26.61 10.92 3.44
CA THR F 104 -27.66 11.89 3.17
C THR F 104 -27.36 13.31 3.61
N GLY F 105 -26.31 13.49 4.40
CA GLY F 105 -25.97 14.82 4.86
C GLY F 105 -24.59 14.86 5.48
N GLY F 106 -24.32 15.93 6.20
CA GLY F 106 -23.03 16.06 6.84
C GLY F 106 -22.79 17.46 7.35
N ARG F 107 -21.61 17.67 7.93
CA ARG F 107 -21.21 18.95 8.47
C ARG F 107 -19.75 19.12 8.06
N TRP F 108 -19.46 20.19 7.33
CA TRP F 108 -18.11 20.49 6.89
C TRP F 108 -17.74 21.87 7.43
N ALA F 109 -16.64 21.95 8.16
CA ALA F 109 -16.24 23.21 8.75
C ALA F 109 -14.78 23.53 8.51
N ALA F 110 -14.44 24.79 8.68
CA ALA F 110 -13.07 25.23 8.50
C ALA F 110 -12.77 26.50 9.25
N GLN F 111 -11.50 26.63 9.62
CA GLN F 111 -10.99 27.82 10.26
C GLN F 111 -10.07 28.36 9.18
N GLN F 112 -10.12 29.66 8.95
CA GLN F 112 -9.26 30.27 7.95
C GLN F 112 -8.31 31.19 8.69
N PHE F 113 -7.01 31.00 8.45
CA PHE F 113 -5.99 31.81 9.10
C PHE F 113 -5.44 32.83 8.11
N PHE F 114 -5.31 34.07 8.56
CA PHE F 114 -4.85 35.14 7.69
C PHE F 114 -3.34 35.40 7.70
N TRP F 115 -2.83 35.79 6.54
CA TRP F 115 -1.41 36.09 6.37
C TRP F 115 -1.27 37.46 5.69
N ASP F 116 -0.22 38.18 6.05
CA ASP F 116 0.07 39.49 5.46
C ASP F 116 1.44 39.39 4.78
N ARG F 117 1.61 40.07 3.65
CA ARG F 117 2.90 40.03 2.97
C ARG F 117 3.93 40.80 3.81
N ILE F 118 5.18 40.37 3.76
CA ILE F 118 6.24 41.06 4.49
C ILE F 118 6.74 42.16 3.54
N ASN F 119 6.38 43.40 3.84
CA ASN F 119 6.78 44.54 3.01
C ASN F 119 6.44 44.33 1.54
N ASP F 120 5.20 43.89 1.28
CA ASP F 120 4.72 43.67 -0.07
C ASP F 120 5.49 42.62 -0.86
N HIS F 121 6.28 41.79 -0.17
CA HIS F 121 7.06 40.75 -0.83
C HIS F 121 6.17 39.78 -1.61
N ASP F 122 6.65 39.35 -2.76
CA ASP F 122 5.91 38.43 -3.62
C ASP F 122 5.62 37.05 -3.02
N HIS F 123 6.55 36.53 -2.22
CA HIS F 123 6.36 35.21 -1.64
C HIS F 123 6.81 35.01 -0.19
N ALA F 124 6.79 36.08 0.60
CA ALA F 124 7.16 36.00 2.02
C ALA F 124 6.02 36.64 2.82
N PHE F 125 5.53 35.93 3.83
CA PHE F 125 4.42 36.43 4.63
C PHE F 125 4.57 36.24 6.13
N SER F 126 3.72 36.93 6.89
CA SER F 126 3.69 36.81 8.34
C SER F 126 2.23 36.59 8.73
N ARG F 127 2.01 35.80 9.77
CA ARG F 127 0.65 35.51 10.19
C ARG F 127 -0.02 36.65 10.92
N ASN F 128 -1.28 36.91 10.56
CA ASN F 128 -2.07 37.93 11.23
C ASN F 128 -2.89 37.09 12.20
N LYS F 129 -2.48 37.08 13.47
CA LYS F 129 -3.17 36.26 14.47
C LYS F 129 -4.24 36.96 15.27
N SER F 130 -4.61 38.17 14.85
CA SER F 130 -5.60 38.96 15.58
C SER F 130 -7.05 38.52 15.47
N GLU F 131 -7.31 37.53 14.63
CA GLU F 131 -8.66 37.00 14.48
C GLU F 131 -8.59 35.73 13.65
N VAL F 132 -9.63 34.91 13.77
CA VAL F 132 -9.73 33.68 13.01
C VAL F 132 -11.12 33.64 12.40
N ARG F 133 -11.18 33.37 11.11
CA ARG F 133 -12.45 33.31 10.39
C ARG F 133 -12.94 31.86 10.38
N THR F 134 -14.24 31.66 10.48
CA THR F 134 -14.80 30.32 10.49
C THR F 134 -15.93 30.17 9.49
N ALA F 135 -16.19 28.94 9.09
CA ALA F 135 -17.27 28.64 8.17
C ALA F 135 -17.75 27.23 8.46
N VAL F 136 -19.06 27.04 8.46
CA VAL F 136 -19.64 25.72 8.68
C VAL F 136 -20.76 25.52 7.70
N LEU F 137 -20.73 24.38 7.02
CA LEU F 137 -21.77 24.02 6.06
C LEU F 137 -22.42 22.74 6.56
N GLU F 138 -23.75 22.73 6.59
CA GLU F 138 -24.47 21.54 6.96
C GLU F 138 -25.45 21.21 5.84
N ILE F 139 -25.48 19.95 5.45
CA ILE F 139 -26.40 19.50 4.41
C ILE F 139 -27.29 18.46 5.06
N SER F 140 -28.58 18.54 4.76
CA SER F 140 -29.56 17.60 5.28
C SER F 140 -30.47 17.34 4.10
N GLY F 141 -30.25 16.22 3.41
CA GLY F 141 -31.04 15.92 2.23
C GLY F 141 -30.76 16.98 1.19
N SER F 142 -31.80 17.66 0.73
CA SER F 142 -31.63 18.70 -0.29
C SER F 142 -31.36 20.07 0.32
N GLU F 143 -31.48 20.18 1.64
CA GLU F 143 -31.27 21.44 2.33
C GLU F 143 -29.79 21.71 2.63
N GLN F 144 -29.35 22.94 2.38
CA GLN F 144 -27.96 23.36 2.64
C GLN F 144 -27.98 24.63 3.48
N ALA F 145 -27.13 24.68 4.49
CA ALA F 145 -27.08 25.88 5.34
C ALA F 145 -25.63 26.23 5.63
N ILE F 146 -25.31 27.52 5.55
CA ILE F 146 -23.95 27.99 5.81
C ILE F 146 -23.93 29.05 6.92
N VAL F 147 -23.00 28.88 7.86
CA VAL F 147 -22.83 29.81 8.96
C VAL F 147 -21.37 30.25 8.93
N ALA F 148 -21.14 31.56 8.87
CA ALA F 148 -19.78 32.10 8.85
C ALA F 148 -19.54 32.77 10.19
N GLY F 149 -18.28 32.98 10.56
CA GLY F 149 -18.04 33.62 11.84
C GLY F 149 -16.64 34.16 12.02
N ILE F 150 -16.45 34.81 13.16
CA ILE F 150 -15.17 35.39 13.51
C ILE F 150 -14.96 35.06 14.98
N GLU F 151 -13.72 34.83 15.37
CA GLU F 151 -13.44 34.53 16.76
C GLU F 151 -12.04 35.01 17.09
N GLY F 152 -11.73 35.08 18.39
CA GLY F 152 -10.41 35.50 18.83
C GLY F 152 -10.04 36.96 18.62
N LEU F 153 -11.03 37.80 18.32
CA LEU F 153 -10.80 39.24 18.10
C LEU F 153 -11.06 40.01 19.40
N THR F 154 -9.99 40.30 20.13
CA THR F 154 -10.09 41.00 21.41
C THR F 154 -10.19 42.50 21.26
N VAL F 155 -11.16 43.10 21.94
CA VAL F 155 -11.38 44.54 21.87
C VAL F 155 -11.53 45.12 23.26
N LEU F 156 -11.28 46.43 23.38
CA LEU F 156 -11.38 47.09 24.67
C LEU F 156 -11.67 48.58 24.54
N LYS F 157 -12.55 49.07 25.42
CA LYS F 157 -12.89 50.49 25.49
C LYS F 157 -12.40 50.90 26.88
N SER F 158 -11.61 51.98 26.95
CA SER F 158 -11.09 52.43 28.25
C SER F 158 -12.08 53.30 29.01
N THR F 159 -13.14 53.71 28.32
CA THR F 159 -14.21 54.50 28.90
C THR F 159 -15.43 54.36 27.99
N GLY F 160 -16.49 55.09 28.27
CA GLY F 160 -17.68 54.99 27.43
C GLY F 160 -18.43 53.70 27.74
N SER F 161 -18.38 53.30 29.01
CA SER F 161 -19.07 52.11 29.48
C SER F 161 -19.53 52.33 30.92
N GLU F 162 -20.79 51.99 31.18
CA GLU F 162 -21.36 52.13 32.52
C GLU F 162 -22.08 50.85 32.90
N PHE F 163 -22.39 50.73 34.18
CA PHE F 163 -23.15 49.59 34.66
C PHE F 163 -23.74 49.94 36.02
N HIS F 164 -25.02 50.31 35.99
CA HIS F 164 -25.75 50.67 37.20
C HIS F 164 -27.23 50.37 37.04
N GLY F 165 -27.97 50.47 38.14
CA GLY F 165 -29.38 50.20 38.09
C GLY F 165 -29.75 48.73 38.18
N PHE F 166 -28.78 47.86 38.44
CA PHE F 166 -29.06 46.44 38.56
C PHE F 166 -29.62 46.16 39.95
N PRO F 167 -30.44 45.11 40.09
CA PRO F 167 -31.01 44.78 41.40
C PRO F 167 -29.94 44.42 42.42
N ARG F 168 -30.26 44.66 43.70
CA ARG F 168 -29.32 44.35 44.77
C ARG F 168 -29.98 43.47 45.82
N ASP F 169 -29.43 42.28 46.03
CA ASP F 169 -29.95 41.38 47.05
C ASP F 169 -28.83 41.23 48.07
N LYS F 170 -29.01 40.34 49.05
CA LYS F 170 -28.00 40.17 50.09
C LYS F 170 -26.64 39.73 49.55
N TYR F 171 -26.62 39.11 48.38
CA TYR F 171 -25.38 38.63 47.78
C TYR F 171 -24.72 39.65 46.85
N THR F 172 -25.27 40.85 46.80
CA THR F 172 -24.75 41.89 45.92
C THR F 172 -23.77 42.83 46.62
N THR F 173 -22.56 42.92 46.09
CA THR F 173 -21.53 43.79 46.65
C THR F 173 -20.98 44.73 45.59
N LEU F 174 -21.24 44.43 44.32
CA LEU F 174 -20.75 45.24 43.21
C LEU F 174 -21.24 46.68 43.30
N GLN F 175 -20.31 47.62 43.18
CA GLN F 175 -20.67 49.03 43.22
C GLN F 175 -21.06 49.53 41.84
N GLU F 176 -22.13 50.31 41.78
CA GLU F 176 -22.61 50.87 40.52
C GLU F 176 -21.53 51.80 39.98
N THR F 177 -21.48 51.97 38.67
CA THR F 177 -20.46 52.84 38.09
C THR F 177 -20.90 53.47 36.77
N THR F 178 -20.33 54.64 36.48
CA THR F 178 -20.64 55.36 35.24
C THR F 178 -19.39 55.42 34.37
N ASP F 179 -18.33 54.72 34.78
CA ASP F 179 -17.08 54.74 34.04
C ASP F 179 -16.24 53.50 34.34
N ARG F 180 -16.19 52.57 33.40
CA ARG F 180 -15.41 51.35 33.59
C ARG F 180 -14.83 50.90 32.25
N ILE F 181 -13.90 49.95 32.30
CA ILE F 181 -13.32 49.41 31.08
C ILE F 181 -14.26 48.32 30.60
N LEU F 182 -14.45 48.24 29.29
CA LEU F 182 -15.28 47.18 28.72
C LEU F 182 -14.38 46.43 27.73
N ALA F 183 -13.99 45.22 28.10
CA ALA F 183 -13.11 44.39 27.27
C ALA F 183 -13.75 43.03 27.02
N THR F 184 -13.68 42.57 25.77
CA THR F 184 -14.26 41.28 25.43
C THR F 184 -13.53 40.65 24.24
N ASP F 185 -13.88 39.40 23.94
CA ASP F 185 -13.30 38.70 22.80
C ASP F 185 -14.50 38.53 21.89
N VAL F 186 -14.48 39.17 20.74
CA VAL F 186 -15.61 39.06 19.84
C VAL F 186 -15.68 37.68 19.19
N SER F 187 -16.76 36.98 19.49
CA SER F 187 -17.00 35.67 18.91
C SER F 187 -18.40 35.81 18.33
N ALA F 188 -18.50 35.74 17.01
CA ALA F 188 -19.80 35.89 16.36
C ALA F 188 -19.96 34.91 15.21
N ARG F 189 -21.20 34.50 14.96
CA ARG F 189 -21.50 33.58 13.87
C ARG F 189 -22.83 34.00 13.28
N TRP F 190 -22.89 34.07 11.95
CA TRP F 190 -24.11 34.49 11.27
C TRP F 190 -24.51 33.47 10.21
N ARG F 191 -25.82 33.25 10.09
CA ARG F 191 -26.35 32.29 9.14
C ARG F 191 -26.85 32.98 7.87
N TYR F 192 -26.37 32.51 6.73
CA TYR F 192 -26.77 33.06 5.44
C TYR F 192 -28.09 32.42 5.00
N ASN F 193 -28.90 33.17 4.27
CA ASN F 193 -30.18 32.64 3.82
C ASN F 193 -30.14 32.28 2.33
N THR F 194 -28.94 32.31 1.76
CA THR F 194 -28.70 31.97 0.36
C THR F 194 -27.23 31.62 0.16
N VAL F 195 -26.92 30.96 -0.96
CA VAL F 195 -25.53 30.60 -1.23
C VAL F 195 -24.93 31.62 -2.20
N GLU F 196 -25.79 32.43 -2.81
CA GLU F 196 -25.32 33.45 -3.74
C GLU F 196 -24.85 34.65 -2.93
N VAL F 197 -23.71 34.47 -2.25
CA VAL F 197 -23.13 35.52 -1.42
C VAL F 197 -21.67 35.76 -1.77
N ASP F 198 -21.24 37.01 -1.65
CA ASP F 198 -19.84 37.37 -1.89
C ASP F 198 -19.24 37.18 -0.51
N PHE F 199 -18.96 35.93 -0.17
CA PHE F 199 -18.44 35.57 1.13
C PHE F 199 -17.30 36.41 1.70
N ASP F 200 -16.27 36.69 0.90
CA ASP F 200 -15.17 37.50 1.42
C ASP F 200 -15.59 38.95 1.69
N ALA F 201 -16.40 39.51 0.80
CA ALA F 201 -16.85 40.89 0.97
C ALA F 201 -17.74 41.04 2.19
N VAL F 202 -18.65 40.09 2.39
CA VAL F 202 -19.54 40.16 3.53
C VAL F 202 -18.78 39.96 4.84
N TYR F 203 -17.84 39.02 4.87
CA TYR F 203 -17.07 38.79 6.09
C TYR F 203 -16.35 40.09 6.48
N ALA F 204 -15.75 40.75 5.50
CA ALA F 204 -15.03 42.00 5.76
C ALA F 204 -16.01 43.07 6.28
N SER F 205 -17.19 43.14 5.67
CA SER F 205 -18.20 44.10 6.09
C SER F 205 -18.68 43.84 7.51
N VAL F 206 -19.03 42.58 7.79
CA VAL F 206 -19.52 42.21 9.12
C VAL F 206 -18.49 42.54 10.19
N ARG F 207 -17.24 42.17 9.94
CA ARG F 207 -16.17 42.45 10.89
C ARG F 207 -16.12 43.93 11.23
N GLY F 208 -16.17 44.77 10.19
CA GLY F 208 -16.13 46.21 10.40
C GLY F 208 -17.32 46.74 11.17
N LEU F 209 -18.51 46.20 10.87
CA LEU F 209 -19.73 46.63 11.54
C LEU F 209 -19.72 46.29 13.02
N LEU F 210 -19.24 45.09 13.35
CA LEU F 210 -19.19 44.67 14.75
C LEU F 210 -18.24 45.56 15.54
N LEU F 211 -17.09 45.87 14.95
CA LEU F 211 -16.10 46.72 15.61
C LEU F 211 -16.62 48.14 15.75
N LYS F 212 -17.27 48.65 14.71
CA LYS F 212 -17.83 50.01 14.75
C LYS F 212 -18.86 50.15 15.86
N ALA F 213 -19.81 49.21 15.92
CA ALA F 213 -20.84 49.24 16.95
C ALA F 213 -20.27 49.06 18.36
N PHE F 214 -19.25 48.24 18.51
CA PHE F 214 -18.65 48.04 19.83
C PHE F 214 -18.02 49.35 20.29
N ALA F 215 -17.24 49.96 19.42
CA ALA F 215 -16.55 51.20 19.72
C ALA F 215 -17.44 52.43 19.89
N GLU F 216 -18.40 52.61 19.00
CA GLU F 216 -19.25 53.80 19.04
C GLU F 216 -20.48 53.78 19.92
N THR F 217 -20.87 52.61 20.40
CA THR F 217 -22.04 52.56 21.27
C THR F 217 -21.66 52.91 22.71
N HIS F 218 -22.32 53.90 23.29
CA HIS F 218 -22.05 54.25 24.67
C HIS F 218 -22.72 53.11 25.42
N SER F 219 -21.91 52.21 25.97
CA SER F 219 -22.46 51.04 26.63
C SER F 219 -23.02 51.20 28.03
N LEU F 220 -24.31 50.86 28.18
CA LEU F 220 -24.97 50.92 29.49
C LEU F 220 -25.00 49.49 30.01
N ALA F 221 -24.63 48.55 29.15
CA ALA F 221 -24.60 47.13 29.50
C ALA F 221 -23.97 46.35 28.35
N LEU F 222 -23.30 45.25 28.67
CA LEU F 222 -22.68 44.44 27.63
C LEU F 222 -23.79 43.93 26.70
N GLN F 223 -24.96 43.64 27.29
CA GLN F 223 -26.09 43.15 26.51
C GLN F 223 -26.51 44.15 25.46
N GLN F 224 -26.51 45.43 25.82
CA GLN F 224 -26.90 46.50 24.89
C GLN F 224 -25.89 46.64 23.75
N THR F 225 -24.61 46.62 24.10
CA THR F 225 -23.57 46.74 23.09
C THR F 225 -23.72 45.60 22.08
N MET F 226 -23.94 44.40 22.60
CA MET F 226 -24.10 43.22 21.75
C MET F 226 -25.31 43.36 20.82
N TYR F 227 -26.41 43.86 21.37
CA TYR F 227 -27.62 44.05 20.57
C TYR F 227 -27.37 45.01 19.40
N GLU F 228 -26.66 46.10 19.67
CA GLU F 228 -26.35 47.06 18.61
C GLU F 228 -25.43 46.47 17.55
N MET F 229 -24.48 45.64 17.98
CA MET F 229 -23.57 44.99 17.06
C MET F 229 -24.35 44.09 16.11
N GLY F 230 -25.26 43.30 16.68
CA GLY F 230 -26.06 42.39 15.87
C GLY F 230 -27.05 43.11 14.96
N ARG F 231 -27.65 44.17 15.48
CA ARG F 231 -28.62 44.94 14.70
C ARG F 231 -27.97 45.54 13.46
N ALA F 232 -26.75 46.05 13.61
CA ALA F 232 -26.02 46.65 12.49
C ALA F 232 -25.80 45.66 11.35
N VAL F 233 -25.45 44.43 11.72
CA VAL F 233 -25.21 43.38 10.75
C VAL F 233 -26.47 43.02 9.96
N ILE F 234 -27.56 42.71 10.67
CA ILE F 234 -28.81 42.34 10.04
C ILE F 234 -29.36 43.46 9.14
N GLU F 235 -29.32 44.69 9.64
CA GLU F 235 -29.83 45.83 8.87
C GLU F 235 -29.02 46.08 7.59
N THR F 236 -27.74 45.72 7.61
CA THR F 236 -26.86 45.95 6.48
C THR F 236 -26.84 44.85 5.40
N HIS F 237 -26.97 43.59 5.81
CA HIS F 237 -26.90 42.48 4.85
C HIS F 237 -28.16 41.64 4.70
N PRO F 238 -28.84 41.75 3.55
CA PRO F 238 -30.07 41.01 3.26
C PRO F 238 -29.87 39.49 3.24
N GLU F 239 -28.64 39.04 2.98
CA GLU F 239 -28.38 37.60 2.93
C GLU F 239 -28.18 36.95 4.30
N ILE F 240 -28.24 37.74 5.36
CA ILE F 240 -28.06 37.20 6.71
C ILE F 240 -29.39 37.21 7.45
N ASP F 241 -29.79 36.05 7.97
CA ASP F 241 -31.05 35.95 8.69
C ASP F 241 -30.91 36.07 10.21
N GLU F 242 -29.71 35.83 10.74
CA GLU F 242 -29.49 35.94 12.17
C GLU F 242 -28.01 35.89 12.51
N ILE F 243 -27.68 36.43 13.67
CA ILE F 243 -26.30 36.42 14.13
C ILE F 243 -26.29 36.14 15.63
N LYS F 244 -25.40 35.24 16.05
CA LYS F 244 -25.26 34.89 17.45
C LYS F 244 -23.91 35.39 17.92
N MET F 245 -23.84 35.87 19.16
CA MET F 245 -22.59 36.34 19.71
C MET F 245 -22.42 35.78 21.12
N SER F 246 -21.17 35.60 21.51
CA SER F 246 -20.84 35.09 22.84
C SER F 246 -19.68 35.99 23.25
N LEU F 247 -19.98 36.95 24.12
CA LEU F 247 -18.98 37.91 24.56
C LEU F 247 -18.67 37.83 26.04
N PRO F 248 -17.41 37.54 26.38
CA PRO F 248 -17.08 37.48 27.80
C PRO F 248 -16.81 38.90 28.30
N ASN F 249 -17.08 39.16 29.57
CA ASN F 249 -16.76 40.48 30.09
C ASN F 249 -15.46 40.23 30.83
N LYS F 250 -14.35 40.54 30.16
CA LYS F 250 -13.01 40.34 30.73
C LYS F 250 -12.73 41.46 31.70
N HIS F 251 -12.97 41.18 32.98
CA HIS F 251 -12.82 42.18 34.02
C HIS F 251 -11.44 42.78 34.19
N HIS F 252 -11.43 44.11 34.26
CA HIS F 252 -10.22 44.89 34.48
C HIS F 252 -10.57 45.65 35.76
N PHE F 253 -10.08 45.16 36.88
CA PHE F 253 -10.36 45.77 38.17
C PHE F 253 -9.48 46.97 38.49
N LEU F 254 -10.11 48.08 38.89
CA LEU F 254 -9.38 49.28 39.25
C LEU F 254 -8.69 48.97 40.58
N VAL F 255 -7.36 48.92 40.57
CA VAL F 255 -6.61 48.59 41.79
C VAL F 255 -6.72 49.66 42.88
N ASP F 256 -6.81 49.21 44.13
CA ASP F 256 -6.88 50.14 45.26
C ASP F 256 -5.46 50.47 45.66
N LEU F 257 -5.02 51.68 45.35
CA LEU F 257 -3.67 52.11 45.67
C LEU F 257 -3.59 52.96 46.94
N GLN F 258 -4.71 53.10 47.63
CA GLN F 258 -4.75 53.91 48.85
C GLN F 258 -3.76 53.43 49.92
N PRO F 259 -3.60 52.10 50.07
CA PRO F 259 -2.66 51.61 51.08
C PRO F 259 -1.23 52.06 50.81
N PHE F 260 -0.99 52.53 49.58
CA PHE F 260 0.33 52.96 49.16
C PHE F 260 0.39 54.48 49.06
N GLY F 261 -0.63 55.15 49.58
CA GLY F 261 -0.67 56.60 49.56
C GLY F 261 -0.96 57.19 48.19
N GLN F 262 -1.69 56.45 47.36
CA GLN F 262 -2.00 56.93 46.02
C GLN F 262 -3.48 56.84 45.69
N ASP F 263 -3.91 57.65 44.73
CA ASP F 263 -5.29 57.58 44.27
C ASP F 263 -5.21 56.89 42.91
N ASN F 264 -6.34 56.45 42.38
CA ASN F 264 -6.33 55.76 41.09
C ASN F 264 -7.49 56.26 40.24
N PRO F 265 -7.30 57.37 39.54
CA PRO F 265 -8.36 57.95 38.70
C PRO F 265 -8.57 57.18 37.40
N ASN F 266 -9.04 55.93 37.52
CA ASN F 266 -9.32 55.06 36.38
C ASN F 266 -8.09 54.86 35.49
N GLU F 267 -6.93 54.69 36.13
CA GLU F 267 -5.68 54.52 35.38
C GLU F 267 -4.96 53.18 35.50
N VAL F 268 -4.92 52.61 36.70
CA VAL F 268 -4.23 51.35 36.92
C VAL F 268 -5.17 50.16 37.13
N PHE F 269 -5.06 49.16 36.26
CA PHE F 269 -5.91 47.98 36.33
C PHE F 269 -5.24 46.63 36.38
N TYR F 270 -5.95 45.69 37.01
CA TYR F 270 -5.54 44.30 37.11
C TYR F 270 -6.46 43.57 36.13
N ALA F 271 -5.89 42.89 35.14
CA ALA F 271 -6.70 42.17 34.17
C ALA F 271 -6.84 40.73 34.63
N ALA F 272 -7.96 40.41 35.26
CA ALA F 272 -8.21 39.07 35.79
C ALA F 272 -8.54 38.05 34.70
N ASP F 273 -8.03 36.83 34.87
CA ASP F 273 -8.27 35.75 33.91
C ASP F 273 -9.67 35.16 34.07
N ARG F 274 -9.92 34.63 35.27
CA ARG F 274 -11.21 34.03 35.60
C ARG F 274 -11.56 34.44 37.03
N PRO F 275 -12.85 34.52 37.35
CA PRO F 275 -13.96 34.24 36.42
C PRO F 275 -14.22 35.43 35.51
N TYR F 276 -15.18 35.30 34.61
CA TYR F 276 -15.52 36.38 33.69
C TYR F 276 -17.01 36.31 33.37
N GLY F 277 -17.61 37.46 33.14
CA GLY F 277 -19.02 37.46 32.77
C GLY F 277 -19.08 36.87 31.37
N LEU F 278 -20.22 36.27 31.03
CA LEU F 278 -20.38 35.68 29.71
C LEU F 278 -21.80 36.03 29.27
N ILE F 279 -21.90 36.94 28.31
CA ILE F 279 -23.18 37.40 27.80
C ILE F 279 -23.36 36.87 26.38
N GLU F 280 -24.50 36.22 26.13
CA GLU F 280 -24.74 35.63 24.83
C GLU F 280 -26.16 35.93 24.33
N ALA F 281 -26.30 36.13 23.02
CA ALA F 281 -27.61 36.41 22.48
C ALA F 281 -27.70 36.18 20.99
N THR F 282 -28.93 36.11 20.50
CA THR F 282 -29.19 35.93 19.09
C THR F 282 -30.02 37.12 18.63
N ILE F 283 -29.60 37.74 17.54
CA ILE F 283 -30.33 38.86 16.98
C ILE F 283 -30.80 38.32 15.64
N GLN F 284 -32.11 38.35 15.42
CA GLN F 284 -32.69 37.80 14.19
C GLN F 284 -33.50 38.77 13.35
N ARG F 285 -33.56 38.46 12.06
CA ARG F 285 -34.36 39.23 11.12
C ARG F 285 -35.78 38.82 11.51
N GLU F 286 -36.69 39.77 11.65
CA GLU F 286 -38.04 39.44 12.05
C GLU F 286 -38.71 38.40 11.14
N GLY F 287 -39.33 37.40 11.76
CA GLY F 287 -40.02 36.38 11.01
C GLY F 287 -39.18 35.23 10.50
N SER F 288 -37.85 35.32 10.65
CA SER F 288 -36.96 34.26 10.18
C SER F 288 -37.09 33.01 11.05
N ARG F 289 -36.45 31.93 10.63
CA ARG F 289 -36.50 30.67 11.36
C ARG F 289 -36.04 30.79 12.82
N ALA F 290 -36.86 30.27 13.73
CA ALA F 290 -36.58 30.34 15.15
C ALA F 290 -35.37 29.55 15.64
N ASP F 291 -35.31 28.26 15.30
CA ASP F 291 -34.20 27.41 15.74
C ASP F 291 -33.66 26.48 14.65
N HIS F 292 -32.85 27.02 13.75
CA HIS F 292 -32.27 26.23 12.67
C HIS F 292 -31.39 25.12 13.24
N PRO F 293 -31.51 23.90 12.70
CA PRO F 293 -30.73 22.75 13.15
C PRO F 293 -29.21 22.93 13.15
N ILE F 294 -28.70 23.74 12.23
CA ILE F 294 -27.25 23.94 12.14
C ILE F 294 -26.60 24.40 13.44
N TRP F 295 -27.38 25.03 14.31
CA TRP F 295 -26.83 25.52 15.57
C TRP F 295 -26.58 24.42 16.61
N SER F 296 -27.25 23.29 16.45
CA SER F 296 -27.08 22.17 17.39
C SER F 296 -25.69 21.54 17.35
N ASN F 297 -25.14 21.40 16.15
CA ASN F 297 -23.81 20.82 15.97
C ASN F 297 -23.77 19.35 16.42
N THR G 11 -35.39 44.98 7.49
CA THR G 11 -35.31 46.29 8.18
C THR G 11 -35.63 46.17 9.66
N LYS G 12 -36.45 45.16 10.00
CA LYS G 12 -36.84 44.94 11.39
C LYS G 12 -36.03 43.81 12.03
N VAL G 13 -35.51 44.05 13.23
CA VAL G 13 -34.72 43.05 13.92
C VAL G 13 -35.35 42.68 15.26
N VAL G 14 -35.12 41.45 15.71
CA VAL G 14 -35.67 40.97 16.96
C VAL G 14 -34.66 40.22 17.83
N LEU G 15 -34.79 40.37 19.15
CA LEU G 15 -33.91 39.69 20.10
C LEU G 15 -34.40 38.25 20.23
N GLY G 16 -33.53 37.29 19.97
CA GLY G 16 -33.90 35.89 20.07
C GLY G 16 -33.45 35.27 21.38
N GLN G 17 -32.98 34.03 21.34
CA GLN G 17 -32.52 33.36 22.55
C GLN G 17 -31.33 34.14 23.12
N ASN G 18 -31.26 34.19 24.44
CA ASN G 18 -30.17 34.90 25.11
C ASN G 18 -30.01 34.37 26.52
N GLN G 19 -28.82 34.55 27.08
CA GLN G 19 -28.51 34.11 28.44
C GLN G 19 -27.22 34.80 28.85
N TYR G 20 -27.02 34.98 30.15
CA TYR G 20 -25.82 35.63 30.63
C TYR G 20 -25.56 35.25 32.09
N GLY G 21 -24.31 35.39 32.52
CA GLY G 21 -23.98 35.06 33.88
C GLY G 21 -22.48 35.09 34.07
N LYS G 22 -22.01 34.44 35.13
CA LYS G 22 -20.59 34.41 35.41
C LYS G 22 -20.05 33.03 35.06
N ALA G 23 -18.98 33.01 34.26
CA ALA G 23 -18.36 31.75 33.85
C ALA G 23 -17.05 31.47 34.56
N GLU G 24 -16.79 30.19 34.76
CA GLU G 24 -15.59 29.67 35.38
C GLU G 24 -15.21 30.21 36.76
N VAL G 25 -16.11 30.05 37.71
CA VAL G 25 -15.87 30.47 39.08
C VAL G 25 -15.14 29.29 39.71
N ARG G 26 -13.86 29.49 40.07
CA ARG G 26 -13.08 28.41 40.64
C ARG G 26 -13.25 28.34 42.16
N LEU G 27 -13.87 27.25 42.59
CA LEU G 27 -14.17 27.02 44.00
C LEU G 27 -13.50 25.78 44.58
N VAL G 28 -12.98 25.93 45.78
CA VAL G 28 -12.38 24.83 46.50
C VAL G 28 -13.04 24.88 47.87
N LYS G 29 -13.73 23.81 48.22
CA LYS G 29 -14.42 23.72 49.50
C LYS G 29 -13.71 22.66 50.33
N VAL G 30 -13.20 23.06 51.48
CA VAL G 30 -12.51 22.13 52.36
C VAL G 30 -13.43 21.77 53.52
N THR G 31 -13.57 20.47 53.77
CA THR G 31 -14.40 19.98 54.86
C THR G 31 -13.40 19.62 55.96
N ARG G 32 -13.49 20.30 57.09
CA ARG G 32 -12.58 20.03 58.19
C ARG G 32 -13.25 19.96 59.55
N ASN G 33 -14.31 19.16 59.63
CA ASN G 33 -15.03 18.98 60.89
C ASN G 33 -14.13 18.15 61.79
N THR G 34 -13.41 17.22 61.18
CA THR G 34 -12.48 16.34 61.88
C THR G 34 -11.07 16.66 61.38
N ALA G 35 -10.09 15.91 61.87
CA ALA G 35 -8.71 16.11 61.45
C ALA G 35 -8.56 15.58 60.02
N ARG G 36 -9.50 14.73 59.63
CA ARG G 36 -9.51 14.12 58.32
C ARG G 36 -10.19 15.06 57.32
N HIS G 37 -9.40 15.94 56.69
CA HIS G 37 -9.94 16.91 55.74
C HIS G 37 -10.38 16.28 54.43
N GLU G 38 -11.38 16.89 53.81
CA GLU G 38 -11.92 16.45 52.52
C GLU G 38 -11.86 17.67 51.59
N ILE G 39 -11.63 17.44 50.30
CA ILE G 39 -11.55 18.53 49.33
C ILE G 39 -12.54 18.35 48.19
N GLN G 40 -13.23 19.43 47.83
CA GLN G 40 -14.15 19.42 46.70
C GLN G 40 -13.67 20.59 45.85
N ASP G 41 -13.34 20.30 44.60
CA ASP G 41 -12.77 21.30 43.69
C ASP G 41 -13.64 21.45 42.45
N LEU G 42 -14.18 22.65 42.24
CA LEU G 42 -15.07 22.90 41.10
C LEU G 42 -14.76 24.14 40.25
N ASN G 43 -15.24 24.11 39.01
CA ASN G 43 -15.14 25.23 38.07
C ASN G 43 -16.60 25.38 37.69
N VAL G 44 -17.26 26.39 38.27
CA VAL G 44 -18.69 26.63 38.10
C VAL G 44 -19.08 27.77 37.17
N THR G 45 -20.10 27.51 36.35
CA THR G 45 -20.61 28.53 35.43
C THR G 45 -22.12 28.67 35.65
N SER G 46 -22.55 29.92 35.80
CA SER G 46 -23.95 30.24 36.03
C SER G 46 -24.48 31.22 34.99
N GLN G 47 -25.57 30.85 34.32
CA GLN G 47 -26.19 31.70 33.32
C GLN G 47 -27.71 31.68 33.45
N LEU G 48 -28.30 32.87 33.41
CA LEU G 48 -29.74 33.01 33.57
C LEU G 48 -30.47 33.24 32.26
N ARG G 49 -31.74 32.87 32.26
CA ARG G 49 -32.62 33.04 31.11
C ARG G 49 -33.93 33.64 31.64
N GLY G 50 -34.57 34.48 30.84
CA GLY G 50 -35.82 35.09 31.25
C GLY G 50 -36.09 36.33 30.42
N ASP G 51 -36.76 37.31 31.02
CA ASP G 51 -37.08 38.54 30.31
C ASP G 51 -35.97 39.58 30.45
N PHE G 52 -35.10 39.64 29.45
CA PHE G 52 -33.99 40.59 29.46
C PHE G 52 -34.05 41.47 28.22
N GLU G 53 -35.27 41.67 27.70
CA GLU G 53 -35.50 42.47 26.51
C GLU G 53 -34.96 43.90 26.64
N ALA G 54 -35.36 44.59 27.71
CA ALA G 54 -34.92 45.96 27.95
C ALA G 54 -33.42 46.09 28.14
N ALA G 55 -32.81 45.10 28.77
CA ALA G 55 -31.36 45.13 28.99
C ALA G 55 -30.64 45.23 27.64
N HIS G 56 -31.15 44.51 26.64
CA HIS G 56 -30.54 44.51 25.33
C HIS G 56 -30.92 45.70 24.46
N THR G 57 -32.21 46.04 24.44
CA THR G 57 -32.68 47.13 23.61
C THR G 57 -32.45 48.55 24.15
N ALA G 58 -32.39 48.69 25.47
CA ALA G 58 -32.22 50.00 26.07
C ALA G 58 -31.10 50.11 27.10
N GLY G 59 -30.50 48.99 27.47
CA GLY G 59 -29.46 49.04 28.46
C GLY G 59 -30.05 49.27 29.84
N ASP G 60 -31.29 48.85 30.02
CA ASP G 60 -31.99 48.98 31.30
C ASP G 60 -31.66 47.73 32.10
N ASN G 61 -30.88 47.90 33.17
CA ASN G 61 -30.45 46.76 33.98
C ASN G 61 -31.32 46.37 35.17
N ALA G 62 -32.55 46.87 35.22
CA ALA G 62 -33.46 46.53 36.32
C ALA G 62 -33.59 45.01 36.51
N HIS G 63 -33.54 44.26 35.42
CA HIS G 63 -33.67 42.80 35.47
C HIS G 63 -32.33 42.06 35.50
N VAL G 64 -31.24 42.79 35.33
CA VAL G 64 -29.93 42.16 35.28
C VAL G 64 -29.24 41.87 36.60
N VAL G 65 -29.45 40.67 37.14
CA VAL G 65 -28.77 40.28 38.38
C VAL G 65 -27.30 40.23 37.94
N ALA G 66 -26.46 41.05 38.57
CA ALA G 66 -25.05 41.14 38.21
C ALA G 66 -24.33 39.80 38.20
N THR G 67 -23.46 39.60 37.22
CA THR G 67 -22.72 38.35 37.17
C THR G 67 -21.85 38.30 38.42
N ASP G 68 -21.45 39.46 38.93
CA ASP G 68 -20.63 39.50 40.15
C ASP G 68 -21.46 38.93 41.30
N THR G 69 -22.75 39.25 41.30
CA THR G 69 -23.66 38.76 42.34
C THR G 69 -23.83 37.25 42.23
N GLN G 70 -23.90 36.76 40.99
CA GLN G 70 -24.05 35.33 40.76
C GLN G 70 -22.82 34.61 41.30
N LYS G 71 -21.66 35.23 41.12
CA LYS G 71 -20.41 34.66 41.62
C LYS G 71 -20.45 34.59 43.15
N ASN G 72 -20.86 35.70 43.78
CA ASN G 72 -20.93 35.74 45.23
C ASN G 72 -21.83 34.65 45.80
N THR G 73 -22.94 34.39 45.10
CA THR G 73 -23.90 33.38 45.54
C THR G 73 -23.27 31.98 45.53
N VAL G 74 -22.45 31.71 44.53
CA VAL G 74 -21.78 30.42 44.43
C VAL G 74 -20.94 30.20 45.69
N TYR G 75 -20.13 31.19 46.06
CA TYR G 75 -19.29 31.09 47.24
C TYR G 75 -20.09 31.04 48.53
N ALA G 76 -21.11 31.88 48.64
CA ALA G 76 -21.95 31.90 49.83
C ALA G 76 -22.63 30.54 50.03
N PHE G 77 -23.13 29.96 48.93
CA PHE G 77 -23.79 28.66 49.02
C PHE G 77 -22.82 27.55 49.35
N ALA G 78 -21.57 27.68 48.89
CA ALA G 78 -20.56 26.66 49.15
C ALA G 78 -20.28 26.52 50.65
N ARG G 79 -20.49 27.60 51.40
CA ARG G 79 -20.25 27.58 52.84
C ARG G 79 -21.07 26.53 53.58
N ASP G 80 -22.28 26.27 53.10
CA ASP G 80 -23.15 25.28 53.75
C ASP G 80 -22.79 23.86 53.39
N GLY G 81 -21.90 23.71 52.40
CA GLY G 81 -21.49 22.38 51.99
C GLY G 81 -22.51 21.77 51.06
N PHE G 82 -22.07 20.76 50.32
CA PHE G 82 -22.93 20.06 49.36
C PHE G 82 -22.45 18.62 49.23
N ALA G 83 -23.40 17.69 49.09
CA ALA G 83 -23.06 16.28 48.98
C ALA G 83 -22.42 15.93 47.63
N THR G 84 -22.98 16.48 46.56
CA THR G 84 -22.46 16.22 45.22
C THR G 84 -22.46 17.51 44.41
N THR G 85 -21.80 17.49 43.26
CA THR G 85 -21.75 18.66 42.40
C THR G 85 -23.15 18.95 41.88
N GLU G 86 -23.88 17.89 41.52
CA GLU G 86 -25.24 18.04 41.01
C GLU G 86 -26.16 18.70 42.03
N GLU G 87 -26.05 18.30 43.30
CA GLU G 87 -26.89 18.88 44.34
C GLU G 87 -26.61 20.38 44.45
N PHE G 88 -25.33 20.73 44.37
CA PHE G 88 -24.93 22.13 44.45
C PHE G 88 -25.58 22.93 43.33
N LEU G 89 -25.51 22.41 42.10
CA LEU G 89 -26.11 23.10 40.96
C LEU G 89 -27.63 23.23 41.10
N LEU G 90 -28.27 22.18 41.64
CA LEU G 90 -29.71 22.21 41.83
C LEU G 90 -30.11 23.35 42.77
N ARG G 91 -29.34 23.54 43.83
CA ARG G 91 -29.62 24.61 44.77
C ARG G 91 -29.47 25.98 44.10
N LEU G 92 -28.41 26.14 43.31
CA LEU G 92 -28.19 27.40 42.61
C LEU G 92 -29.32 27.69 41.63
N GLY G 93 -29.68 26.71 40.82
CA GLY G 93 -30.74 26.89 39.85
C GLY G 93 -32.07 27.28 40.49
N LYS G 94 -32.43 26.59 41.56
CA LYS G 94 -33.69 26.88 42.24
C LYS G 94 -33.67 28.27 42.85
N HIS G 95 -32.52 28.67 43.39
CA HIS G 95 -32.38 30.00 43.99
C HIS G 95 -32.65 31.13 43.00
N PHE G 96 -32.00 31.08 41.84
CA PHE G 96 -32.16 32.14 40.84
C PHE G 96 -33.51 32.14 40.13
N THR G 97 -34.04 30.97 39.81
CA THR G 97 -35.32 30.92 39.13
C THR G 97 -36.47 31.35 40.05
N GLU G 98 -36.45 30.91 41.31
CA GLU G 98 -37.50 31.27 42.25
C GLU G 98 -37.29 32.64 42.88
N GLY G 99 -36.04 33.06 43.02
CA GLY G 99 -35.75 34.34 43.63
C GLY G 99 -36.07 35.58 42.80
N PHE G 100 -36.22 35.40 41.50
CA PHE G 100 -36.51 36.52 40.61
C PHE G 100 -37.62 36.17 39.63
N ASP G 101 -38.70 36.94 39.68
CA ASP G 101 -39.86 36.71 38.81
C ASP G 101 -39.53 36.73 37.32
N TRP G 102 -38.64 37.62 36.92
CA TRP G 102 -38.28 37.73 35.51
C TRP G 102 -37.29 36.66 35.05
N VAL G 103 -36.76 35.88 35.99
CA VAL G 103 -35.82 34.81 35.64
C VAL G 103 -36.63 33.51 35.58
N THR G 104 -36.85 33.02 34.37
CA THR G 104 -37.65 31.81 34.17
C THR G 104 -36.85 30.52 34.04
N GLY G 105 -35.52 30.64 33.98
CA GLY G 105 -34.71 29.46 33.86
C GLY G 105 -33.23 29.79 33.75
N GLY G 106 -32.47 28.86 33.20
CA GLY G 106 -31.05 29.08 33.05
C GLY G 106 -30.29 27.79 32.86
N ARG G 107 -28.96 27.91 32.90
CA ARG G 107 -28.09 26.77 32.73
C ARG G 107 -26.93 26.95 33.70
N TRP G 108 -26.72 25.95 34.54
CA TRP G 108 -25.64 25.97 35.51
C TRP G 108 -24.79 24.74 35.25
N ALA G 109 -23.48 24.96 35.12
CA ALA G 109 -22.60 23.86 34.81
C ALA G 109 -21.36 23.88 35.68
N ALA G 110 -20.72 22.71 35.79
CA ALA G 110 -19.51 22.63 36.58
C ALA G 110 -18.62 21.50 36.14
N GLN G 111 -17.34 21.68 36.37
CA GLN G 111 -16.34 20.67 36.10
C GLN G 111 -15.87 20.34 37.52
N GLN G 112 -15.68 19.08 37.81
CA GLN G 112 -15.22 18.66 39.12
C GLN G 112 -13.85 18.03 38.92
N PHE G 113 -12.87 18.47 39.69
CA PHE G 113 -11.51 17.95 39.60
C PHE G 113 -11.22 17.03 40.78
N PHE G 114 -10.55 15.92 40.51
CA PHE G 114 -10.26 14.94 41.56
C PHE G 114 -8.90 15.07 42.23
N TRP G 115 -8.88 14.75 43.52
CA TRP G 115 -7.66 14.80 44.32
C TRP G 115 -7.49 13.47 45.06
N ASP G 116 -6.26 13.04 45.25
CA ASP G 116 -5.98 11.82 45.98
C ASP G 116 -5.12 12.23 47.17
N ARG G 117 -5.23 11.53 48.28
CA ARG G 117 -4.41 11.86 49.45
C ARG G 117 -2.99 11.40 49.17
N ILE G 118 -2.02 12.09 49.77
CA ILE G 118 -0.63 11.70 49.63
C ILE G 118 -0.38 10.72 50.77
N ASN G 119 -0.22 9.44 50.43
CA ASN G 119 0.00 8.39 51.43
C ASN G 119 -1.01 8.45 52.55
N ASP G 120 -2.28 8.55 52.17
CA ASP G 120 -3.39 8.61 53.11
C ASP G 120 -3.28 9.70 54.16
N HIS G 121 -2.57 10.78 53.83
CA HIS G 121 -2.39 11.89 54.76
C HIS G 121 -3.74 12.57 55.05
N ASP G 122 -3.91 13.06 56.28
CA ASP G 122 -5.14 13.74 56.68
C ASP G 122 -5.44 15.04 55.94
N HIS G 123 -4.42 15.83 55.60
CA HIS G 123 -4.66 17.09 54.91
C HIS G 123 -3.67 17.46 53.82
N ALA G 124 -3.15 16.46 53.12
CA ALA G 124 -2.20 16.69 52.04
C ALA G 124 -2.67 15.87 50.86
N PHE G 125 -2.82 16.51 49.69
CA PHE G 125 -3.32 15.82 48.51
C PHE G 125 -2.57 16.11 47.22
N SER G 126 -2.78 15.26 46.22
CA SER G 126 -2.18 15.47 44.90
C SER G 126 -3.31 15.32 43.89
N ARG G 127 -3.29 16.17 42.86
CA ARG G 127 -4.32 16.13 41.82
C ARG G 127 -4.31 14.87 40.98
N ASN G 128 -5.50 14.33 40.72
CA ASN G 128 -5.63 13.19 39.84
C ASN G 128 -6.15 13.83 38.56
N LYS G 129 -5.26 14.06 37.60
CA LYS G 129 -5.62 14.73 36.35
C LYS G 129 -6.06 13.83 35.20
N SER G 130 -6.24 12.54 35.46
CA SER G 130 -6.60 11.58 34.41
C SER G 130 -8.01 11.65 33.82
N GLU G 131 -8.86 12.46 34.42
CA GLU G 131 -10.22 12.62 33.92
C GLU G 131 -10.86 13.79 34.64
N VAL G 132 -11.87 14.39 34.01
CA VAL G 132 -12.59 15.51 34.59
C VAL G 132 -14.07 15.15 34.54
N ARG G 133 -14.75 15.36 35.66
CA ARG G 133 -16.17 15.06 35.76
C ARG G 133 -16.95 16.34 35.46
N THR G 134 -18.08 16.20 34.78
CA THR G 134 -18.89 17.36 34.45
C THR G 134 -20.35 17.15 34.81
N ALA G 135 -21.05 18.26 35.01
CA ALA G 135 -22.47 18.23 35.34
C ALA G 135 -23.10 19.49 34.79
N VAL G 136 -24.28 19.36 34.21
CA VAL G 136 -24.98 20.52 33.67
C VAL G 136 -26.44 20.42 34.06
N LEU G 137 -26.98 21.54 34.54
CA LEU G 137 -28.38 21.61 34.94
C LEU G 137 -29.07 22.69 34.14
N GLU G 138 -30.17 22.34 33.50
CA GLU G 138 -30.93 23.34 32.75
C GLU G 138 -32.34 23.37 33.33
N ILE G 139 -32.84 24.57 33.56
CA ILE G 139 -34.19 24.75 34.08
C ILE G 139 -34.95 25.58 33.08
N SER G 140 -36.18 25.16 32.79
CA SER G 140 -37.04 25.87 31.88
C SER G 140 -38.42 25.87 32.50
N GLY G 141 -38.78 26.99 33.11
CA GLY G 141 -40.06 27.09 33.77
C GLY G 141 -40.12 26.13 34.94
N SER G 142 -41.07 25.22 34.92
CA SER G 142 -41.23 24.25 35.99
C SER G 142 -40.49 22.93 35.73
N GLU G 143 -39.85 22.84 34.58
CA GLU G 143 -39.11 21.63 34.22
C GLU G 143 -37.61 21.81 34.32
N GLN G 144 -36.91 20.74 34.69
CA GLN G 144 -35.46 20.80 34.80
C GLN G 144 -34.87 19.46 34.39
N ALA G 145 -33.62 19.47 33.97
CA ALA G 145 -32.94 18.25 33.53
C ALA G 145 -31.46 18.35 33.86
N ILE G 146 -30.85 17.20 34.13
CA ILE G 146 -29.44 17.14 34.45
C ILE G 146 -28.66 16.21 33.54
N VAL G 147 -27.51 16.66 33.08
CA VAL G 147 -26.64 15.85 32.24
C VAL G 147 -25.31 15.76 32.95
N ALA G 148 -24.83 14.54 33.14
CA ALA G 148 -23.54 14.33 33.80
C ALA G 148 -22.58 13.85 32.73
N GLY G 149 -21.28 13.96 32.99
CA GLY G 149 -20.35 13.49 31.98
C GLY G 149 -18.94 13.29 32.47
N ILE G 150 -18.08 12.87 31.55
CA ILE G 150 -16.68 12.64 31.84
C ILE G 150 -15.91 13.08 30.59
N GLU G 151 -14.71 13.59 30.79
CA GLU G 151 -13.89 14.05 29.67
C GLU G 151 -12.41 13.96 30.06
N GLY G 152 -11.53 14.01 29.06
CA GLY G 152 -10.11 13.95 29.32
C GLY G 152 -9.53 12.61 29.72
N LEU G 153 -10.33 11.55 29.59
CA LEU G 153 -9.88 10.20 29.93
C LEU G 153 -9.35 9.53 28.68
N THR G 154 -8.03 9.50 28.54
CA THR G 154 -7.39 8.92 27.36
C THR G 154 -7.17 7.42 27.54
N VAL G 155 -7.58 6.64 26.55
CA VAL G 155 -7.45 5.19 26.58
C VAL G 155 -6.80 4.66 25.30
N LEU G 156 -6.28 3.45 25.37
CA LEU G 156 -5.61 2.86 24.23
C LEU G 156 -5.56 1.33 24.31
N LYS G 157 -5.76 0.69 23.16
CA LYS G 157 -5.68 -0.76 23.05
C LYS G 157 -4.54 -0.99 22.08
N SER G 158 -3.55 -1.78 22.49
CA SER G 158 -2.39 -2.04 21.64
C SER G 158 -2.68 -3.10 20.59
N THR G 159 -3.84 -3.76 20.72
CA THR G 159 -4.27 -4.77 19.78
C THR G 159 -5.75 -5.02 20.04
N GLY G 160 -6.36 -5.93 19.29
CA GLY G 160 -7.77 -6.18 19.48
C GLY G 160 -8.61 -5.13 18.77
N SER G 161 -8.07 -4.62 17.67
CA SER G 161 -8.75 -3.62 16.84
C SER G 161 -8.41 -3.88 15.38
N GLU G 162 -9.43 -3.80 14.54
CA GLU G 162 -9.28 -4.03 13.10
C GLU G 162 -10.09 -2.96 12.38
N PHE G 163 -9.82 -2.80 11.09
CA PHE G 163 -10.58 -1.88 10.26
C PHE G 163 -10.40 -2.33 8.82
N HIS G 164 -11.43 -2.96 8.29
CA HIS G 164 -11.42 -3.47 6.92
C HIS G 164 -12.84 -3.56 6.40
N GLY G 165 -12.98 -3.79 5.10
CA GLY G 165 -14.30 -3.90 4.51
C GLY G 165 -14.94 -2.56 4.17
N PHE G 166 -14.17 -1.48 4.24
CA PHE G 166 -14.70 -0.17 3.88
C PHE G 166 -14.62 0.00 2.36
N PRO G 167 -15.50 0.83 1.78
CA PRO G 167 -15.49 1.05 0.34
C PRO G 167 -14.21 1.73 -0.14
N ARG G 168 -13.73 1.34 -1.31
CA ARG G 168 -12.51 1.94 -1.86
C ARG G 168 -12.86 2.80 -3.06
N ASP G 169 -13.09 4.09 -2.82
CA ASP G 169 -13.44 5.00 -3.91
C ASP G 169 -12.18 5.53 -4.58
N LYS G 170 -12.33 6.42 -5.55
CA LYS G 170 -11.17 6.93 -6.29
C LYS G 170 -10.11 7.70 -5.50
N TYR G 171 -10.43 8.10 -4.27
CA TYR G 171 -9.47 8.83 -3.45
C TYR G 171 -9.01 8.00 -2.24
N THR G 172 -9.36 6.72 -2.23
CA THR G 172 -9.00 5.86 -1.11
C THR G 172 -7.64 5.20 -1.25
N THR G 173 -6.81 5.36 -0.23
CA THR G 173 -5.48 4.79 -0.21
C THR G 173 -5.23 3.96 1.06
N LEU G 174 -6.11 4.10 2.04
CA LEU G 174 -5.97 3.35 3.30
C LEU G 174 -6.04 1.86 3.04
N GLN G 175 -5.12 1.10 3.63
CA GLN G 175 -5.11 -0.34 3.45
C GLN G 175 -5.87 -1.02 4.59
N GLU G 176 -6.53 -2.13 4.28
CA GLU G 176 -7.28 -2.88 5.29
C GLU G 176 -6.28 -3.43 6.32
N THR G 177 -6.73 -3.61 7.56
CA THR G 177 -5.84 -4.14 8.59
C THR G 177 -6.63 -4.96 9.61
N THR G 178 -6.01 -6.01 10.15
CA THR G 178 -6.67 -6.82 11.16
C THR G 178 -6.01 -6.66 12.53
N ASP G 179 -5.08 -5.71 12.63
CA ASP G 179 -4.39 -5.44 13.89
C ASP G 179 -3.83 -4.02 13.89
N ARG G 180 -4.42 -3.16 14.71
CA ARG G 180 -3.96 -1.78 14.79
C ARG G 180 -4.20 -1.30 16.21
N ILE G 181 -3.63 -0.15 16.54
CA ILE G 181 -3.83 0.45 17.84
C ILE G 181 -5.11 1.26 17.74
N LEU G 182 -5.88 1.29 18.82
CA LEU G 182 -7.11 2.07 18.87
C LEU G 182 -6.96 2.94 20.11
N ALA G 183 -6.75 4.23 19.89
CA ALA G 183 -6.59 5.16 20.99
C ALA G 183 -7.55 6.34 20.85
N THR G 184 -8.16 6.72 21.96
CA THR G 184 -9.10 7.82 21.94
C THR G 184 -9.14 8.56 23.26
N ASP G 185 -9.87 9.66 23.30
CA ASP G 185 -10.06 10.46 24.51
C ASP G 185 -11.54 10.28 24.79
N VAL G 186 -11.87 9.64 25.90
CA VAL G 186 -13.27 9.42 26.22
C VAL G 186 -14.00 10.68 26.66
N SER G 187 -14.95 11.11 25.84
CA SER G 187 -15.79 12.26 26.13
C SER G 187 -17.21 11.70 26.06
N ALA G 188 -17.89 11.65 27.20
CA ALA G 188 -19.24 11.12 27.24
C ALA G 188 -20.14 11.95 28.15
N ARG G 189 -21.39 12.12 27.74
CA ARG G 189 -22.37 12.88 28.50
C ARG G 189 -23.71 12.16 28.45
N TRP G 190 -24.32 11.97 29.61
CA TRP G 190 -25.59 11.26 29.68
C TRP G 190 -26.66 12.04 30.42
N ARG G 191 -27.90 11.95 29.94
CA ARG G 191 -29.02 12.66 30.52
C ARG G 191 -29.86 11.77 31.44
N TYR G 192 -30.10 12.26 32.65
CA TYR G 192 -30.91 11.53 33.63
C TYR G 192 -32.38 11.84 33.37
N ASN G 193 -33.24 10.84 33.59
CA ASN G 193 -34.67 11.02 33.39
C ASN G 193 -35.37 11.37 34.70
N THR G 194 -34.56 11.60 35.74
CA THR G 194 -35.04 11.96 37.06
C THR G 194 -33.94 12.67 37.86
N VAL G 195 -34.34 13.52 38.79
CA VAL G 195 -33.36 14.25 39.61
C VAL G 195 -32.96 13.43 40.83
N GLU G 196 -33.73 12.41 41.17
CA GLU G 196 -33.41 11.57 42.32
C GLU G 196 -32.47 10.46 41.89
N VAL G 197 -31.17 10.72 42.02
CA VAL G 197 -30.14 9.77 41.62
C VAL G 197 -28.94 9.84 42.55
N ASP G 198 -28.27 8.70 42.75
CA ASP G 198 -27.07 8.66 43.57
C ASP G 198 -25.98 9.08 42.58
N PHE G 199 -25.88 10.39 42.35
CA PHE G 199 -24.94 10.93 41.39
C PHE G 199 -23.51 10.39 41.43
N ASP G 200 -22.92 10.30 42.62
CA ASP G 200 -21.56 9.78 42.74
C ASP G 200 -21.46 8.32 42.35
N ALA G 201 -22.40 7.51 42.83
CA ALA G 201 -22.40 6.09 42.52
C ALA G 201 -22.62 5.83 41.03
N VAL G 202 -23.53 6.56 40.42
CA VAL G 202 -23.80 6.37 38.99
C VAL G 202 -22.59 6.79 38.15
N TYR G 203 -21.98 7.91 38.51
CA TYR G 203 -20.81 8.37 37.78
C TYR G 203 -19.71 7.30 37.80
N ALA G 204 -19.44 6.77 38.99
CA ALA G 204 -18.41 5.74 39.13
C ALA G 204 -18.75 4.51 38.30
N SER G 205 -20.03 4.14 38.29
CA SER G 205 -20.49 2.97 37.54
C SER G 205 -20.37 3.19 36.03
N VAL G 206 -20.81 4.36 35.57
CA VAL G 206 -20.75 4.68 34.15
C VAL G 206 -19.30 4.67 33.66
N ARG G 207 -18.42 5.32 34.43
CA ARG G 207 -17.01 5.36 34.06
C ARG G 207 -16.48 3.94 33.88
N GLY G 208 -16.78 3.07 34.83
CA GLY G 208 -16.33 1.70 34.76
C GLY G 208 -16.88 0.94 33.57
N LEU G 209 -18.16 1.14 33.27
CA LEU G 209 -18.79 0.45 32.14
C LEU G 209 -18.18 0.90 30.82
N LEU G 210 -17.90 2.20 30.70
CA LEU G 210 -17.31 2.74 29.47
C LEU G 210 -15.92 2.12 29.26
N LEU G 211 -15.11 2.11 30.31
CA LEU G 211 -13.77 1.55 30.23
C LEU G 211 -13.80 0.05 29.92
N LYS G 212 -14.75 -0.66 30.52
CA LYS G 212 -14.89 -2.10 30.31
C LYS G 212 -15.29 -2.41 28.88
N ALA G 213 -16.27 -1.67 28.36
CA ALA G 213 -16.72 -1.88 26.98
C ALA G 213 -15.60 -1.57 25.99
N PHE G 214 -14.86 -0.51 26.26
CA PHE G 214 -13.75 -0.13 25.39
C PHE G 214 -12.67 -1.22 25.37
N ALA G 215 -12.27 -1.67 26.55
CA ALA G 215 -11.22 -2.67 26.66
C ALA G 215 -11.57 -4.07 26.19
N GLU G 216 -12.78 -4.52 26.50
CA GLU G 216 -13.18 -5.88 26.16
C GLU G 216 -13.86 -6.12 24.80
N THR G 217 -14.29 -5.06 24.13
CA THR G 217 -14.92 -5.23 22.83
C THR G 217 -13.86 -5.42 21.75
N HIS G 218 -13.95 -6.50 20.98
CA HIS G 218 -13.00 -6.70 19.88
C HIS G 218 -13.53 -5.74 18.84
N SER G 219 -12.82 -4.63 18.65
CA SER G 219 -13.26 -3.58 17.74
C SER G 219 -13.03 -3.78 16.24
N LEU G 220 -14.12 -3.70 15.48
CA LEU G 220 -14.06 -3.82 14.04
C LEU G 220 -14.24 -2.42 13.45
N ALA G 221 -14.51 -1.46 14.34
CA ALA G 221 -14.72 -0.06 13.97
C ALA G 221 -14.89 0.74 15.26
N LEU G 222 -14.43 1.99 15.26
CA LEU G 222 -14.57 2.83 16.44
C LEU G 222 -16.07 3.00 16.72
N GLN G 223 -16.85 3.04 15.64
CA GLN G 223 -18.31 3.19 15.76
C GLN G 223 -18.90 2.05 16.59
N GLN G 224 -18.43 0.83 16.34
CA GLN G 224 -18.90 -0.35 17.05
C GLN G 224 -18.49 -0.30 18.52
N THR G 225 -17.24 0.09 18.78
CA THR G 225 -16.76 0.19 20.16
C THR G 225 -17.62 1.18 20.93
N MET G 226 -17.89 2.32 20.30
CA MET G 226 -18.68 3.37 20.93
C MET G 226 -20.11 2.87 21.21
N TYR G 227 -20.68 2.14 20.27
CA TYR G 227 -22.02 1.61 20.44
C TYR G 227 -22.08 0.70 21.66
N GLU G 228 -21.13 -0.22 21.76
CA GLU G 228 -21.10 -1.15 22.90
C GLU G 228 -20.92 -0.40 24.21
N MET G 229 -20.12 0.66 24.19
CA MET G 229 -19.90 1.46 25.40
C MET G 229 -21.22 2.09 25.85
N GLY G 230 -21.94 2.68 24.91
CA GLY G 230 -23.21 3.30 25.24
C GLY G 230 -24.26 2.29 25.65
N ARG G 231 -24.33 1.18 24.91
CA ARG G 231 -25.29 0.12 25.21
C ARG G 231 -25.15 -0.36 26.64
N ALA G 232 -23.91 -0.54 27.08
CA ALA G 232 -23.63 -1.01 28.42
C ALA G 232 -24.18 -0.06 29.48
N VAL G 233 -24.09 1.24 29.23
CA VAL G 233 -24.59 2.23 30.16
C VAL G 233 -26.12 2.23 30.24
N ILE G 234 -26.77 2.28 29.08
CA ILE G 234 -28.23 2.31 29.04
C ILE G 234 -28.83 1.05 29.65
N GLU G 235 -28.26 -0.10 29.33
CA GLU G 235 -28.75 -1.37 29.86
C GLU G 235 -28.58 -1.49 31.37
N THR G 236 -27.55 -0.84 31.91
CA THR G 236 -27.28 -0.91 33.34
C THR G 236 -28.01 0.12 34.20
N HIS G 237 -28.26 1.31 33.64
CA HIS G 237 -28.91 2.36 34.41
C HIS G 237 -30.26 2.85 33.91
N PRO G 238 -31.33 2.48 34.62
CA PRO G 238 -32.71 2.87 34.29
C PRO G 238 -32.90 4.38 34.36
N GLU G 239 -32.12 5.04 35.21
CA GLU G 239 -32.23 6.49 35.38
C GLU G 239 -31.62 7.29 34.22
N ILE G 240 -30.99 6.61 33.27
CA ILE G 240 -30.38 7.29 32.13
C ILE G 240 -31.18 7.02 30.85
N ASP G 241 -31.59 8.08 30.17
CA ASP G 241 -32.36 7.94 28.93
C ASP G 241 -31.49 7.89 27.68
N GLU G 242 -30.34 8.55 27.73
CA GLU G 242 -29.45 8.59 26.57
C GLU G 242 -28.04 9.00 26.92
N ILE G 243 -27.08 8.57 26.11
CA ILE G 243 -25.69 8.94 26.33
C ILE G 243 -25.08 9.33 24.99
N LYS G 244 -24.39 10.47 25.00
CA LYS G 244 -23.72 10.98 23.80
C LYS G 244 -22.23 10.87 23.99
N MET G 245 -21.54 10.45 22.93
CA MET G 245 -20.09 10.31 22.99
C MET G 245 -19.43 10.94 21.78
N SER G 246 -18.24 11.47 22.00
CA SER G 246 -17.45 12.09 20.95
C SER G 246 -16.06 11.47 21.14
N LEU G 247 -15.69 10.58 20.23
CA LEU G 247 -14.42 9.89 20.34
C LEU G 247 -13.46 10.12 19.18
N PRO G 248 -12.32 10.77 19.44
CA PRO G 248 -11.38 11.00 18.35
C PRO G 248 -10.60 9.71 18.13
N ASN G 249 -10.22 9.43 16.90
CA ASN G 249 -9.41 8.25 16.65
C ASN G 249 -8.00 8.83 16.54
N LYS G 250 -7.26 8.80 17.64
CA LYS G 250 -5.91 9.34 17.72
C LYS G 250 -4.96 8.34 17.06
N HIS G 251 -4.66 8.59 15.81
CA HIS G 251 -3.83 7.71 15.01
C HIS G 251 -2.41 7.47 15.50
N HIS G 252 -2.08 6.19 15.60
CA HIS G 252 -0.74 5.77 15.99
C HIS G 252 -0.30 5.00 14.75
N PHE G 253 0.51 5.64 13.92
CA PHE G 253 0.97 5.03 12.69
C PHE G 253 2.15 4.08 12.86
N LEU G 254 1.98 2.86 12.36
CA LEU G 254 3.03 1.87 12.43
C LEU G 254 4.13 2.38 11.50
N VAL G 255 5.29 2.69 12.06
CA VAL G 255 6.38 3.23 11.26
C VAL G 255 6.96 2.20 10.31
N ASP G 256 7.25 2.64 9.09
CA ASP G 256 7.84 1.75 8.08
C ASP G 256 9.34 1.79 8.26
N LEU G 257 9.91 0.69 8.75
CA LEU G 257 11.35 0.60 8.98
C LEU G 257 12.04 -0.24 7.92
N GLN G 258 11.31 -0.68 6.90
CA GLN G 258 11.92 -1.50 5.85
C GLN G 258 13.06 -0.80 5.12
N PRO G 259 12.96 0.53 4.92
CA PRO G 259 14.05 1.23 4.23
C PRO G 259 15.35 1.16 5.04
N PHE G 260 15.23 0.82 6.32
CA PHE G 260 16.38 0.72 7.22
C PHE G 260 16.74 -0.75 7.44
N GLY G 261 16.09 -1.64 6.68
CA GLY G 261 16.37 -3.05 6.79
C GLY G 261 15.78 -3.76 8.00
N GLN G 262 14.66 -3.25 8.52
CA GLN G 262 14.04 -3.87 9.68
C GLN G 262 12.56 -4.09 9.46
N ASP G 263 11.99 -5.02 10.23
CA ASP G 263 10.56 -5.27 10.18
C ASP G 263 10.03 -4.49 11.39
N ASN G 264 8.71 -4.41 11.51
CA ASN G 264 8.09 -3.70 12.63
C ASN G 264 6.80 -4.44 12.95
N PRO G 265 6.90 -5.49 13.79
CA PRO G 265 5.75 -6.30 14.17
C PRO G 265 4.80 -5.66 15.18
N ASN G 266 4.16 -4.57 14.76
CA ASN G 266 3.21 -3.85 15.59
C ASN G 266 3.83 -3.37 16.89
N GLU G 267 5.06 -2.87 16.80
CA GLU G 267 5.78 -2.40 17.98
C GLU G 267 6.13 -0.92 18.02
N VAL G 268 6.58 -0.36 16.89
CA VAL G 268 6.99 1.04 16.86
C VAL G 268 5.99 1.96 16.16
N PHE G 269 5.46 2.92 16.90
CA PHE G 269 4.45 3.83 16.35
C PHE G 269 4.74 5.32 16.47
N TYR G 270 4.17 6.08 15.53
CA TYR G 270 4.26 7.52 15.49
C TYR G 270 2.89 8.00 15.94
N ALA G 271 2.83 8.74 17.04
CA ALA G 271 1.56 9.24 17.55
C ALA G 271 1.32 10.63 16.96
N ALA G 272 0.51 10.68 15.91
CA ALA G 272 0.20 11.92 15.22
C ALA G 272 -0.79 12.81 15.97
N ASP G 273 -0.60 14.13 15.88
CA ASP G 273 -1.48 15.07 16.57
C ASP G 273 -2.75 15.33 15.76
N ARG G 274 -2.57 15.80 14.53
CA ARG G 274 -3.69 16.11 13.64
C ARG G 274 -3.27 15.72 12.22
N PRO G 275 -4.23 15.36 11.37
CA PRO G 275 -5.65 15.30 11.70
C PRO G 275 -5.98 14.04 12.48
N TYR G 276 -7.23 13.90 12.88
CA TYR G 276 -7.67 12.73 13.62
C TYR G 276 -9.10 12.38 13.26
N GLY G 277 -9.45 11.11 13.36
CA GLY G 277 -10.81 10.70 13.07
C GLY G 277 -11.63 11.21 14.24
N LEU G 278 -12.91 11.51 14.00
CA LEU G 278 -13.80 11.98 15.05
C LEU G 278 -15.12 11.28 14.82
N ILE G 279 -15.43 10.33 15.71
CA ILE G 279 -16.65 9.54 15.63
C ILE G 279 -17.56 9.94 16.78
N GLU G 280 -18.80 10.29 16.46
CA GLU G 280 -19.74 10.72 17.49
C GLU G 280 -21.11 10.08 17.30
N ALA G 281 -21.77 9.77 18.41
CA ALA G 281 -23.08 9.17 18.33
C ALA G 281 -23.86 9.27 19.63
N THR G 282 -25.17 9.12 19.51
CA THR G 282 -26.07 9.13 20.64
C THR G 282 -26.66 7.74 20.74
N ILE G 283 -26.56 7.13 21.91
CA ILE G 283 -27.11 5.81 22.14
C ILE G 283 -28.24 6.08 23.13
N GLN G 284 -29.47 5.71 22.77
CA GLN G 284 -30.57 5.98 23.66
C GLN G 284 -31.50 4.81 23.95
N ARG G 285 -32.33 5.01 24.97
CA ARG G 285 -33.31 4.03 25.41
C ARG G 285 -34.46 4.14 24.42
N GLU G 286 -34.94 3.00 23.94
CA GLU G 286 -36.04 2.98 22.98
C GLU G 286 -37.23 3.80 23.48
N GLY G 287 -37.70 4.71 22.64
CA GLY G 287 -38.84 5.54 23.01
C GLY G 287 -38.54 6.82 23.75
N SER G 288 -37.26 7.10 24.01
CA SER G 288 -36.89 8.33 24.70
C SER G 288 -36.84 9.50 23.74
N ARG G 289 -36.96 10.72 24.27
CA ARG G 289 -36.92 11.93 23.47
C ARG G 289 -35.69 11.95 22.58
N ALA G 290 -35.78 12.61 21.43
CA ALA G 290 -34.66 12.66 20.49
C ALA G 290 -33.91 13.99 20.43
N ASP G 291 -34.55 15.09 20.82
CA ASP G 291 -33.89 16.39 20.77
C ASP G 291 -34.17 17.24 22.00
N HIS G 292 -33.73 16.76 23.16
CA HIS G 292 -33.93 17.49 24.42
C HIS G 292 -33.19 18.82 24.37
N PRO G 293 -33.84 19.90 24.83
CA PRO G 293 -33.27 21.25 24.83
C PRO G 293 -31.90 21.38 25.51
N ILE G 294 -31.63 20.53 26.50
CA ILE G 294 -30.37 20.63 27.22
C ILE G 294 -29.13 20.43 26.35
N TRP G 295 -29.29 19.84 25.17
CA TRP G 295 -28.16 19.63 24.26
C TRP G 295 -27.90 20.83 23.36
N SER G 296 -28.67 21.91 23.53
CA SER G 296 -28.50 23.09 22.69
C SER G 296 -27.77 24.27 23.32
N ASN G 297 -27.09 24.05 24.45
CA ASN G 297 -26.32 25.09 25.13
C ASN G 297 -27.10 26.38 25.44
N THR H 11 31.02 46.24 13.61
CA THR H 11 32.22 45.36 13.67
C THR H 11 31.96 44.03 12.99
N LYS H 12 32.75 43.02 13.31
CA LYS H 12 32.60 41.70 12.73
C LYS H 12 31.55 40.88 13.47
N VAL H 13 30.90 39.98 12.76
CA VAL H 13 29.88 39.12 13.34
C VAL H 13 30.43 37.70 13.48
N VAL H 14 30.23 37.11 14.65
CA VAL H 14 30.72 35.76 14.90
C VAL H 14 29.61 34.80 15.33
N LEU H 15 29.69 33.56 14.85
CA LEU H 15 28.72 32.53 15.18
C LEU H 15 29.11 32.00 16.56
N GLY H 16 28.18 32.04 17.51
CA GLY H 16 28.45 31.55 18.85
C GLY H 16 27.92 30.15 19.06
N GLN H 17 27.44 29.87 20.26
CA GLN H 17 26.89 28.55 20.57
C GLN H 17 25.70 28.28 19.64
N ASN H 18 25.56 27.04 19.20
CA ASN H 18 24.47 26.67 18.31
C ASN H 18 24.21 25.18 18.37
N GLN H 19 23.01 24.77 17.95
CA GLN H 19 22.62 23.37 17.94
C GLN H 19 21.36 23.27 17.10
N TYR H 20 21.11 22.09 16.56
CA TYR H 20 19.93 21.89 15.73
C TYR H 20 19.56 20.41 15.70
N GLY H 21 18.31 20.13 15.33
CA GLY H 21 17.86 18.76 15.27
C GLY H 21 16.35 18.68 15.13
N LYS H 22 15.79 17.52 15.46
CA LYS H 22 14.34 17.36 15.37
C LYS H 22 13.74 17.36 16.77
N ALA H 23 12.71 18.17 16.95
CA ALA H 23 12.04 18.28 18.23
C ALA H 23 10.67 17.64 18.26
N GLU H 24 10.33 17.12 19.43
CA GLU H 24 9.04 16.50 19.71
C GLU H 24 8.62 15.36 18.78
N VAL H 25 9.46 14.33 18.72
CA VAL H 25 9.16 13.14 17.93
C VAL H 25 8.35 12.25 18.87
N ARG H 26 7.05 12.08 18.57
CA ARG H 26 6.16 11.28 19.40
C ARG H 26 6.29 9.81 19.07
N LEU H 27 6.79 9.06 20.05
CA LEU H 27 7.03 7.64 19.90
C LEU H 27 6.28 6.79 20.92
N VAL H 28 5.69 5.71 20.44
CA VAL H 28 5.01 4.77 21.31
C VAL H 28 5.60 3.42 20.96
N LYS H 29 6.22 2.78 21.95
CA LYS H 29 6.83 1.47 21.75
C LYS H 29 6.04 0.44 22.52
N VAL H 30 5.49 -0.53 21.80
CA VAL H 30 4.72 -1.59 22.43
C VAL H 30 5.58 -2.84 22.55
N THR H 31 5.59 -3.45 23.72
CA THR H 31 6.34 -4.68 23.93
C THR H 31 5.27 -5.77 23.90
N ARG H 32 5.36 -6.67 22.92
CA ARG H 32 4.37 -7.72 22.83
C ARG H 32 4.97 -9.10 22.57
N ASN H 33 6.01 -9.44 23.33
CA ASN H 33 6.66 -10.74 23.22
C ASN H 33 5.61 -11.76 23.63
N THR H 34 4.93 -11.46 24.73
CA THR H 34 3.88 -12.32 25.26
C THR H 34 2.54 -11.59 25.08
N ALA H 35 1.48 -12.19 25.58
CA ALA H 35 0.15 -11.60 25.49
C ALA H 35 0.03 -10.42 26.45
N ARG H 36 1.00 -10.31 27.36
CA ARG H 36 1.01 -9.23 28.35
C ARG H 36 1.77 -8.05 27.76
N HIS H 37 1.04 -7.17 27.07
CA HIS H 37 1.65 -6.01 26.44
C HIS H 37 2.13 -4.94 27.41
N GLU H 38 3.20 -4.25 27.03
CA GLU H 38 3.76 -3.16 27.80
C GLU H 38 3.80 -1.93 26.89
N ILE H 39 3.63 -0.75 27.46
CA ILE H 39 3.65 0.47 26.68
C ILE H 39 4.70 1.46 27.19
N GLN H 40 5.42 2.06 26.27
CA GLN H 40 6.41 3.10 26.57
C GLN H 40 6.03 4.23 25.62
N ASP H 41 5.71 5.39 26.18
CA ASP H 41 5.26 6.54 25.40
C ASP H 41 6.21 7.73 25.65
N LEU H 42 6.87 8.18 24.58
CA LEU H 42 7.83 9.29 24.68
C LEU H 42 7.66 10.42 23.67
N ASN H 43 8.12 11.60 24.06
CA ASN H 43 8.11 12.78 23.21
C ASN H 43 9.61 13.11 23.19
N VAL H 44 10.29 12.72 22.11
CA VAL H 44 11.74 12.89 21.99
C VAL H 44 12.26 14.06 21.17
N THR H 45 13.34 14.67 21.65
CA THR H 45 13.98 15.78 20.95
C THR H 45 15.48 15.49 20.84
N SER H 46 16.02 15.64 19.63
CA SER H 46 17.43 15.40 19.35
C SER H 46 18.07 16.62 18.72
N GLN H 47 19.17 17.08 19.31
CA GLN H 47 19.87 18.23 18.75
C GLN H 47 21.38 17.97 18.79
N LEU H 48 22.04 18.28 17.69
CA LEU H 48 23.47 18.07 17.55
C LEU H 48 24.30 19.34 17.73
N ARG H 49 25.54 19.15 18.17
CA ARG H 49 26.47 20.25 18.38
C ARG H 49 27.80 19.84 17.77
N GLY H 50 28.53 20.80 17.23
CA GLY H 50 29.81 20.51 16.62
C GLY H 50 30.22 21.61 15.69
N ASP H 51 30.85 21.25 14.58
CA ASP H 51 31.30 22.23 13.60
C ASP H 51 30.26 22.45 12.51
N PHE H 52 29.48 23.51 12.66
CA PHE H 52 28.44 23.85 11.70
C PHE H 52 28.61 25.29 11.21
N GLU H 53 29.86 25.75 11.22
CA GLU H 53 30.19 27.11 10.79
C GLU H 53 29.72 27.40 9.36
N ALA H 54 30.08 26.51 8.44
CA ALA H 54 29.72 26.68 7.03
C ALA H 54 28.22 26.61 6.77
N ALA H 55 27.51 25.80 7.55
CA ALA H 55 26.07 25.68 7.38
C ALA H 55 25.43 27.06 7.59
N HIS H 56 25.92 27.78 8.59
CA HIS H 56 25.38 29.11 8.89
C HIS H 56 25.91 30.23 7.99
N THR H 57 27.21 30.26 7.77
CA THR H 57 27.83 31.31 6.97
C THR H 57 27.74 31.17 5.45
N ALA H 58 27.58 29.95 4.94
CA ALA H 58 27.50 29.78 3.49
C ALA H 58 26.31 28.92 3.06
N GLY H 59 25.65 28.30 4.02
CA GLY H 59 24.52 27.45 3.66
C GLY H 59 25.02 26.12 3.12
N ASP H 60 26.25 25.75 3.50
CA ASP H 60 26.87 24.50 3.08
C ASP H 60 26.38 23.42 4.04
N ASN H 61 25.60 22.48 3.51
CA ASN H 61 25.02 21.41 4.34
C ASN H 61 25.78 20.10 4.42
N ALA H 62 27.05 20.10 4.01
CA ALA H 62 27.84 18.88 4.06
C ALA H 62 27.89 18.26 5.46
N HIS H 63 27.85 19.10 6.49
CA HIS H 63 27.90 18.62 7.87
C HIS H 63 26.53 18.49 8.53
N VAL H 64 25.49 18.91 7.83
CA VAL H 64 24.15 18.89 8.39
C VAL H 64 23.37 17.60 8.27
N VAL H 65 23.45 16.75 9.30
CA VAL H 65 22.69 15.50 9.31
C VAL H 65 21.24 16.01 9.35
N ALA H 66 20.45 15.68 8.34
CA ALA H 66 19.06 16.14 8.26
C ALA H 66 18.26 15.86 9.53
N THR H 67 17.44 16.82 9.94
CA THR H 67 16.63 16.60 11.14
C THR H 67 15.70 15.43 10.84
N ASP H 68 15.33 15.27 9.58
CA ASP H 68 14.47 14.15 9.18
C ASP H 68 15.22 12.84 9.44
N THR H 69 16.52 12.85 9.19
CA THR H 69 17.34 11.67 9.42
C THR H 69 17.42 11.36 10.92
N GLN H 70 17.53 12.40 11.74
CA GLN H 70 17.59 12.22 13.17
C GLN H 70 16.29 11.58 13.66
N LYS H 71 15.17 12.01 13.06
CA LYS H 71 13.86 11.46 13.41
C LYS H 71 13.78 9.98 13.05
N ASN H 72 14.23 9.63 11.84
CA ASN H 72 14.19 8.24 11.41
C ASN H 72 15.00 7.35 12.36
N THR H 73 16.15 7.85 12.79
CA THR H 73 17.02 7.10 13.68
C THR H 73 16.31 6.80 15.01
N VAL H 74 15.53 7.75 15.50
CA VAL H 74 14.79 7.56 16.75
C VAL H 74 13.88 6.34 16.61
N TYR H 75 13.08 6.31 15.54
CA TYR H 75 12.18 5.17 15.33
C TYR H 75 12.94 3.87 15.06
N ALA H 76 14.03 3.94 14.30
CA ALA H 76 14.81 2.73 14.01
C ALA H 76 15.36 2.13 15.31
N PHE H 77 15.89 2.98 16.18
CA PHE H 77 16.45 2.51 17.45
C PHE H 77 15.39 1.96 18.40
N ALA H 78 14.19 2.53 18.34
CA ALA H 78 13.09 2.08 19.19
C ALA H 78 12.72 0.62 18.94
N ARG H 79 12.89 0.16 17.71
CA ARG H 79 12.58 -1.22 17.34
C ARG H 79 13.30 -2.24 18.21
N ASP H 80 14.53 -1.92 18.64
CA ASP H 80 15.29 -2.86 19.46
C ASP H 80 14.83 -2.82 20.90
N GLY H 81 14.03 -1.81 21.22
CA GLY H 81 13.55 -1.68 22.58
C GLY H 81 14.57 -1.00 23.45
N PHE H 82 14.15 -0.59 24.64
CA PHE H 82 15.04 0.06 25.58
C PHE H 82 14.52 -0.16 26.99
N ALA H 83 15.44 -0.32 27.94
CA ALA H 83 15.08 -0.56 29.33
C ALA H 83 14.47 0.66 30.01
N THR H 84 15.04 1.83 29.72
CA THR H 84 14.56 3.07 30.32
C THR H 84 14.73 4.22 29.33
N THR H 85 14.06 5.33 29.63
CA THR H 85 14.12 6.50 28.78
C THR H 85 15.55 7.01 28.69
N GLU H 86 16.24 7.04 29.83
CA GLU H 86 17.62 7.52 29.86
C GLU H 86 18.55 6.65 29.01
N GLU H 87 18.34 5.33 29.06
CA GLU H 87 19.16 4.41 28.28
C GLU H 87 18.94 4.64 26.79
N PHE H 88 17.70 4.94 26.43
CA PHE H 88 17.36 5.20 25.04
C PHE H 88 18.10 6.44 24.56
N LEU H 89 18.08 7.50 25.37
CA LEU H 89 18.76 8.74 25.00
C LEU H 89 20.28 8.53 24.88
N LEU H 90 20.84 7.72 25.77
CA LEU H 90 22.27 7.45 25.75
C LEU H 90 22.67 6.77 24.44
N ARG H 91 21.86 5.81 24.00
CA ARG H 91 22.15 5.12 22.75
C ARG H 91 22.14 6.12 21.59
N LEU H 92 21.13 7.00 21.57
CA LEU H 92 21.04 8.00 20.51
C LEU H 92 22.24 8.95 20.52
N GLY H 93 22.53 9.51 21.69
CA GLY H 93 23.65 10.44 21.81
C GLY H 93 24.97 9.86 21.33
N LYS H 94 25.25 8.62 21.73
CA LYS H 94 26.51 7.97 21.33
C LYS H 94 26.55 7.73 19.83
N HIS H 95 25.41 7.38 19.25
CA HIS H 95 25.32 7.12 17.81
C HIS H 95 25.71 8.36 17.00
N PHE H 96 25.11 9.50 17.32
CA PHE H 96 25.39 10.72 16.58
C PHE H 96 26.79 11.30 16.81
N THR H 97 27.28 11.24 18.04
CA THR H 97 28.60 11.79 18.32
C THR H 97 29.70 10.89 17.75
N GLU H 98 29.55 9.59 17.92
CA GLU H 98 30.55 8.65 17.43
C GLU H 98 30.44 8.37 15.93
N GLY H 99 29.24 8.56 15.38
CA GLY H 99 29.04 8.30 13.97
C GLY H 99 29.43 9.40 13.00
N PHE H 100 29.59 10.62 13.50
CA PHE H 100 29.96 11.76 12.67
C PHE H 100 31.10 12.52 13.34
N ASP H 101 32.24 12.63 12.64
CA ASP H 101 33.42 13.29 13.18
C ASP H 101 33.26 14.77 13.54
N TRP H 102 32.42 15.49 12.81
CA TRP H 102 32.21 16.91 13.08
C TRP H 102 31.17 17.14 14.17
N VAL H 103 30.50 16.07 14.60
CA VAL H 103 29.52 16.18 15.67
C VAL H 103 30.25 15.79 16.94
N THR H 104 30.48 16.76 17.82
CA THR H 104 31.23 16.53 19.05
C THR H 104 30.38 16.37 20.31
N GLY H 105 29.07 16.58 20.19
CA GLY H 105 28.21 16.45 21.34
C GLY H 105 26.78 16.78 20.98
N GLY H 106 25.96 17.07 21.98
CA GLY H 106 24.57 17.40 21.69
C GLY H 106 23.68 17.31 22.91
N ARG H 107 22.39 17.47 22.68
CA ARG H 107 21.41 17.41 23.75
C ARG H 107 20.24 16.56 23.25
N TRP H 108 19.91 15.53 24.02
CA TRP H 108 18.80 14.64 23.69
C TRP H 108 17.87 14.64 24.90
N ALA H 109 16.60 14.96 24.67
CA ALA H 109 15.64 15.03 25.75
C ALA H 109 14.37 14.26 25.46
N ALA H 110 13.62 13.95 26.51
CA ALA H 110 12.37 13.24 26.34
C ALA H 110 11.44 13.42 27.51
N GLN H 111 10.15 13.42 27.20
CA GLN H 111 9.10 13.48 28.20
C GLN H 111 8.56 12.06 28.12
N GLN H 112 8.29 11.46 29.28
CA GLN H 112 7.77 10.10 29.32
C GLN H 112 6.37 10.20 29.91
N PHE H 113 5.40 9.58 29.25
CA PHE H 113 4.02 9.61 29.69
C PHE H 113 3.60 8.26 30.25
N PHE H 114 2.93 8.28 31.38
CA PHE H 114 2.51 7.04 32.03
C PHE H 114 1.10 6.54 31.69
N TRP H 115 0.99 5.21 31.63
CA TRP H 115 -0.26 4.53 31.35
C TRP H 115 -0.51 3.48 32.42
N ASP H 116 -1.78 3.19 32.69
CA ASP H 116 -2.17 2.18 33.66
C ASP H 116 -3.07 1.18 32.93
N ARG H 117 -3.00 -0.09 33.29
CA ARG H 117 -3.86 -1.07 32.65
C ARG H 117 -5.29 -0.81 33.08
N ILE H 118 -6.24 -1.10 32.21
CA ILE H 118 -7.64 -0.94 32.55
C ILE H 118 -8.01 -2.28 33.20
N ASN H 119 -8.28 -2.24 34.51
CA ASN H 119 -8.63 -3.45 35.25
C ASN H 119 -7.71 -4.63 34.93
N ASP H 120 -6.40 -4.38 35.00
CA ASP H 120 -5.36 -5.39 34.77
C ASP H 120 -5.42 -6.07 33.40
N HIS H 121 -6.02 -5.40 32.42
CA HIS H 121 -6.13 -5.97 31.08
C HIS H 121 -4.75 -6.14 30.43
N ASP H 122 -4.59 -7.20 29.65
CA ASP H 122 -3.32 -7.49 28.97
C ASP H 122 -2.92 -6.46 27.92
N HIS H 123 -3.90 -5.85 27.23
CA HIS H 123 -3.55 -4.88 26.21
C HIS H 123 -4.46 -3.66 26.08
N ALA H 124 -5.04 -3.24 27.20
CA ALA H 124 -5.93 -2.06 27.21
C ALA H 124 -5.45 -1.17 28.36
N PHE H 125 -5.20 0.10 28.06
CA PHE H 125 -4.68 1.02 29.03
C PHE H 125 -5.36 2.38 29.08
N SER H 126 -5.10 3.13 30.15
CA SER H 126 -5.64 4.46 30.30
C SER H 126 -4.48 5.36 30.75
N ARG H 127 -4.47 6.60 30.29
CA ARG H 127 -3.41 7.54 30.62
C ARG H 127 -3.45 8.04 32.06
N ASN H 128 -2.28 8.07 32.69
CA ASN H 128 -2.15 8.61 34.04
C ASN H 128 -1.55 9.97 33.74
N LYS H 129 -2.40 11.00 33.71
CA LYS H 129 -1.95 12.35 33.40
C LYS H 129 -1.51 13.17 34.61
N SER H 130 -1.44 12.53 35.77
CA SER H 130 -1.09 13.23 37.00
C SER H 130 0.36 13.71 37.14
N GLU H 131 1.24 13.25 36.26
CA GLU H 131 2.62 13.69 36.29
C GLU H 131 3.29 13.33 34.97
N VAL H 132 4.36 14.05 34.64
CA VAL H 132 5.12 13.77 33.44
C VAL H 132 6.59 13.67 33.84
N ARG H 133 7.24 12.60 33.40
CA ARG H 133 8.66 12.37 33.71
C ARG H 133 9.50 12.94 32.57
N THR H 134 10.64 13.52 32.93
CA THR H 134 11.54 14.08 31.93
C THR H 134 12.96 13.56 32.08
N ALA H 135 13.72 13.62 30.99
CA ALA H 135 15.11 13.19 31.00
C ALA H 135 15.86 13.99 29.95
N VAL H 136 17.04 14.45 30.32
CA VAL H 136 17.86 15.22 29.38
C VAL H 136 19.28 14.71 29.44
N LEU H 137 19.84 14.42 28.28
CA LEU H 137 21.21 13.97 28.18
C LEU H 137 22.02 14.97 27.38
N GLU H 138 23.17 15.35 27.89
CA GLU H 138 24.06 16.24 27.16
C GLU H 138 25.42 15.57 27.08
N ILE H 139 25.97 15.52 25.88
CA ILE H 139 27.28 14.93 25.68
C ILE H 139 28.23 16.01 25.19
N SER H 140 29.42 16.03 25.77
CA SER H 140 30.45 16.99 25.39
C SER H 140 31.73 16.17 25.38
N GLY H 141 32.12 15.71 24.21
CA GLY H 141 33.32 14.89 24.14
C GLY H 141 33.01 13.57 24.79
N SER H 142 33.79 13.20 25.80
CA SER H 142 33.58 11.93 26.49
C SER H 142 32.68 12.06 27.72
N GLU H 143 32.30 13.29 28.07
CA GLU H 143 31.43 13.47 29.22
C GLU H 143 29.95 13.28 28.86
N GLN H 144 29.23 12.60 29.73
CA GLN H 144 27.81 12.33 29.56
C GLN H 144 27.09 12.79 30.82
N ALA H 145 26.30 13.86 30.70
CA ALA H 145 25.56 14.39 31.84
C ALA H 145 24.07 14.14 31.66
N ILE H 146 23.43 13.63 32.71
CA ILE H 146 22.00 13.34 32.67
C ILE H 146 21.24 14.03 33.79
N VAL H 147 20.11 14.62 33.42
CA VAL H 147 19.24 15.30 34.37
C VAL H 147 17.86 14.69 34.19
N ALA H 148 17.31 14.15 35.28
CA ALA H 148 15.98 13.56 35.24
C ALA H 148 15.05 14.51 35.99
N GLY H 149 13.76 14.42 35.72
CA GLY H 149 12.86 15.33 36.41
C GLY H 149 11.42 14.91 36.41
N ILE H 150 10.61 15.71 37.07
CA ILE H 150 9.19 15.45 37.15
C ILE H 150 8.50 16.79 37.02
N GLU H 151 7.35 16.81 36.38
CA GLU H 151 6.61 18.05 36.22
C GLU H 151 5.12 17.76 36.12
N GLY H 152 4.31 18.78 36.33
CA GLY H 152 2.86 18.64 36.24
C GLY H 152 2.21 17.93 37.41
N LEU H 153 2.93 17.77 38.51
CA LEU H 153 2.38 17.10 39.69
C LEU H 153 1.88 18.14 40.68
N THR H 154 0.58 18.38 40.64
CA THR H 154 -0.05 19.38 41.51
C THR H 154 -0.37 18.82 42.90
N VAL H 155 0.07 19.54 43.92
CA VAL H 155 -0.18 19.11 45.30
C VAL H 155 -0.80 20.25 46.10
N LEU H 156 -1.41 19.91 47.22
CA LEU H 156 -2.05 20.90 48.07
C LEU H 156 -2.21 20.40 49.50
N LYS H 157 -2.00 21.30 50.45
CA LYS H 157 -2.17 21.00 51.87
C LYS H 157 -3.27 21.96 52.32
N SER H 158 -4.32 21.43 52.94
CA SER H 158 -5.43 22.27 53.38
C SER H 158 -5.13 23.02 54.67
N THR H 159 -4.11 22.57 55.38
CA THR H 159 -3.67 23.21 56.62
C THR H 159 -2.23 22.79 56.85
N GLY H 160 -1.62 23.25 57.94
CA GLY H 160 -0.24 22.89 58.20
C GLY H 160 0.71 23.80 57.44
N SER H 161 0.26 25.03 57.19
CA SER H 161 1.06 26.02 56.49
C SER H 161 0.86 27.39 57.11
N GLU H 162 1.95 28.08 57.39
CA GLU H 162 1.91 29.40 58.00
C GLU H 162 2.77 30.36 57.20
N PHE H 163 2.56 31.66 57.43
CA PHE H 163 3.36 32.68 56.78
C PHE H 163 3.25 33.99 57.56
N HIS H 164 4.24 34.22 58.40
CA HIS H 164 4.30 35.42 59.22
C HIS H 164 5.74 35.80 59.48
N GLY H 165 5.95 37.01 59.98
CA GLY H 165 7.30 37.46 60.27
C GLY H 165 7.99 38.17 59.12
N PHE H 166 7.30 38.32 57.99
CA PHE H 166 7.90 39.00 56.86
C PHE H 166 7.92 40.51 57.11
N PRO H 167 8.86 41.23 56.48
CA PRO H 167 8.97 42.67 56.66
C PRO H 167 7.79 43.42 56.08
N ARG H 168 7.41 44.52 56.71
CA ARG H 168 6.27 45.30 56.24
C ARG H 168 6.66 46.70 55.84
N ASP H 169 6.76 46.95 54.53
CA ASP H 169 7.10 48.28 54.04
C ASP H 169 5.79 48.96 53.65
N LYS H 170 5.88 50.13 53.02
CA LYS H 170 4.68 50.86 52.62
C LYS H 170 3.84 50.17 51.56
N TYR H 171 4.40 49.14 50.93
CA TYR H 171 3.68 48.42 49.88
C TYR H 171 3.15 47.07 50.36
N THR H 172 3.26 46.83 51.67
CA THR H 172 2.81 45.56 52.23
C THR H 172 1.40 45.69 52.82
N THR H 173 0.54 44.76 52.43
CA THR H 173 -0.85 44.73 52.90
C THR H 173 -1.22 43.32 53.36
N LEU H 174 -0.41 42.33 52.98
CA LEU H 174 -0.67 40.95 53.34
C LEU H 174 -0.73 40.76 54.85
N GLN H 175 -1.77 40.07 55.30
CA GLN H 175 -1.92 39.81 56.74
C GLN H 175 -1.20 38.52 57.09
N GLU H 176 -0.56 38.49 58.24
CA GLU H 176 0.16 37.31 58.68
C GLU H 176 -0.87 36.22 58.95
N THR H 177 -0.45 34.97 58.87
CA THR H 177 -1.36 33.86 59.10
C THR H 177 -0.64 32.63 59.65
N THR H 178 -1.38 31.81 60.38
CA THR H 178 -0.82 30.58 60.94
C THR H 178 -1.59 29.38 60.39
N ASP H 179 -2.50 29.63 59.45
CA ASP H 179 -3.30 28.56 58.87
C ASP H 179 -3.78 28.96 57.47
N ARG H 180 -3.14 28.41 56.45
CA ARG H 180 -3.50 28.73 55.07
C ARG H 180 -3.31 27.51 54.18
N ILE H 181 -3.86 27.59 52.97
CA ILE H 181 -3.71 26.50 52.02
C ILE H 181 -2.37 26.71 51.33
N LEU H 182 -1.66 25.63 51.06
CA LEU H 182 -0.39 25.69 50.36
C LEU H 182 -0.53 24.74 49.17
N ALA H 183 -0.64 25.30 47.98
CA ALA H 183 -0.80 24.52 46.76
C ALA H 183 0.26 24.91 45.74
N THR H 184 0.83 23.91 45.07
CA THR H 184 1.87 24.18 44.08
C THR H 184 1.91 23.09 43.02
N ASP H 185 2.69 23.33 41.98
CA ASP H 185 2.88 22.36 40.89
C ASP H 185 4.35 21.97 41.04
N VAL H 186 4.60 20.72 41.39
CA VAL H 186 5.97 20.26 41.59
C VAL H 186 6.77 20.07 40.30
N SER H 187 7.67 21.01 40.04
CA SER H 187 8.57 20.93 38.89
C SER H 187 9.95 20.75 39.49
N ALA H 188 10.53 19.57 39.35
CA ALA H 188 11.85 19.30 39.91
C ALA H 188 12.73 18.57 38.92
N ARG H 189 14.01 18.93 38.92
CA ARG H 189 14.99 18.32 38.03
C ARG H 189 16.25 18.10 38.82
N TRP H 190 16.85 16.92 38.66
CA TRP H 190 18.06 16.60 39.38
C TRP H 190 19.14 16.05 38.45
N ARG H 191 20.39 16.41 38.75
CA ARG H 191 21.52 15.99 37.93
C ARG H 191 22.29 14.85 38.57
N TYR H 192 22.48 13.77 37.82
CA TYR H 192 23.21 12.62 38.31
C TYR H 192 24.71 12.87 38.13
N ASN H 193 25.53 12.39 39.05
CA ASN H 193 26.97 12.59 38.93
C ASN H 193 27.64 11.36 38.31
N THR H 194 26.81 10.44 37.83
CA THR H 194 27.27 9.22 37.18
C THR H 194 26.15 8.69 36.29
N VAL H 195 26.50 7.91 35.28
CA VAL H 195 25.49 7.34 34.39
C VAL H 195 25.07 5.95 34.88
N GLU H 196 25.81 5.40 35.84
CA GLU H 196 25.45 4.09 36.36
C GLU H 196 24.44 4.25 37.48
N VAL H 197 23.18 4.41 37.06
CA VAL H 197 22.05 4.62 37.97
C VAL H 197 20.87 3.72 37.58
N ASP H 198 20.09 3.30 38.57
CA ASP H 198 18.89 2.49 38.33
C ASP H 198 17.85 3.58 38.10
N PHE H 199 17.83 4.13 36.89
CA PHE H 199 16.94 5.23 36.55
C PHE H 199 15.48 5.16 36.97
N ASP H 200 14.81 4.03 36.76
CA ASP H 200 13.41 3.95 37.15
C ASP H 200 13.23 3.91 38.67
N ALA H 201 14.10 3.17 39.35
CA ALA H 201 14.02 3.06 40.80
C ALA H 201 14.25 4.43 41.46
N VAL H 202 15.27 5.14 41.01
CA VAL H 202 15.56 6.45 41.59
C VAL H 202 14.45 7.45 41.31
N TYR H 203 13.89 7.43 40.10
CA TYR H 203 12.80 8.36 39.81
C TYR H 203 11.65 8.12 40.78
N ALA H 204 11.28 6.86 40.98
CA ALA H 204 10.20 6.52 41.89
C ALA H 204 10.54 6.96 43.31
N SER H 205 11.79 6.77 43.70
CA SER H 205 12.23 7.16 45.04
C SER H 205 12.14 8.67 45.22
N VAL H 206 12.71 9.40 44.27
CA VAL H 206 12.70 10.86 44.34
C VAL H 206 11.28 11.39 44.42
N ARG H 207 10.41 10.85 43.58
CA ARG H 207 9.01 11.28 43.58
C ARG H 207 8.42 11.13 44.98
N GLY H 208 8.63 9.96 45.58
CA GLY H 208 8.12 9.70 46.92
C GLY H 208 8.68 10.63 47.97
N LEU H 209 9.98 10.91 47.90
CA LEU H 209 10.62 11.80 48.86
C LEU H 209 10.08 13.23 48.75
N LEU H 210 9.86 13.69 47.51
CA LEU H 210 9.35 15.04 47.30
C LEU H 210 7.95 15.17 47.90
N LEU H 211 7.10 14.20 47.60
CA LEU H 211 5.72 14.19 48.10
C LEU H 211 5.67 14.12 49.63
N LYS H 212 6.51 13.26 50.20
CA LYS H 212 6.55 13.07 51.64
C LYS H 212 7.00 14.34 52.37
N ALA H 213 8.06 14.96 51.86
CA ALA H 213 8.58 16.19 52.44
C ALA H 213 7.54 17.29 52.35
N PHE H 214 6.87 17.38 51.21
CA PHE H 214 5.85 18.41 51.03
C PHE H 214 4.70 18.21 52.01
N ALA H 215 4.24 16.98 52.12
CA ALA H 215 3.11 16.65 52.99
C ALA H 215 3.40 16.73 54.48
N GLU H 216 4.53 16.19 54.91
CA GLU H 216 4.86 16.15 56.32
C GLU H 216 5.59 17.36 56.93
N THR H 217 6.12 18.25 56.11
CA THR H 217 6.80 19.42 56.65
C THR H 217 5.81 20.49 57.09
N HIS H 218 5.91 20.94 58.34
CA HIS H 218 5.03 22.00 58.81
C HIS H 218 5.61 23.25 58.18
N SER H 219 4.96 23.74 57.15
CA SER H 219 5.47 24.89 56.39
C SER H 219 5.34 26.27 57.00
N LEU H 220 6.48 26.91 57.23
CA LEU H 220 6.52 28.27 57.76
C LEU H 220 6.77 29.19 56.56
N ALA H 221 7.08 28.56 55.42
CA ALA H 221 7.35 29.27 54.16
C ALA H 221 7.50 28.25 53.05
N LEU H 222 7.15 28.64 51.82
CA LEU H 222 7.29 27.73 50.70
C LEU H 222 8.78 27.42 50.52
N GLN H 223 9.62 28.42 50.76
CA GLN H 223 11.07 28.24 50.65
C GLN H 223 11.57 27.13 51.56
N GLN H 224 10.98 27.03 52.75
CA GLN H 224 11.35 26.01 53.73
C GLN H 224 10.89 24.62 53.28
N THR H 225 9.67 24.56 52.78
CA THR H 225 9.12 23.30 52.30
C THR H 225 9.99 22.79 51.15
N MET H 226 10.36 23.70 50.25
CA MET H 226 11.18 23.31 49.11
C MET H 226 12.55 22.81 49.56
N TYR H 227 13.14 23.50 50.54
CA TYR H 227 14.44 23.11 51.04
C TYR H 227 14.41 21.70 51.61
N GLU H 228 13.37 21.38 52.37
CA GLU H 228 13.26 20.05 52.96
C GLU H 228 13.03 19.00 51.88
N MET H 229 12.36 19.39 50.81
CA MET H 229 12.12 18.48 49.70
C MET H 229 13.45 18.14 49.05
N GLY H 230 14.22 19.17 48.72
CA GLY H 230 15.51 18.96 48.10
C GLY H 230 16.48 18.24 49.01
N ARG H 231 16.47 18.60 50.30
CA ARG H 231 17.36 17.99 51.27
C ARG H 231 17.17 16.49 51.38
N ALA H 232 15.91 16.05 51.39
CA ALA H 232 15.61 14.63 51.51
C ALA H 232 16.16 13.84 50.33
N VAL H 233 16.10 14.44 49.14
CA VAL H 233 16.59 13.78 47.93
C VAL H 233 18.11 13.62 47.96
N ILE H 234 18.81 14.72 48.25
CA ILE H 234 20.27 14.70 48.30
C ILE H 234 20.81 13.74 49.35
N GLU H 235 20.19 13.74 50.53
CA GLU H 235 20.62 12.87 51.61
C GLU H 235 20.40 11.40 51.29
N THR H 236 19.37 11.11 50.50
CA THR H 236 19.06 9.74 50.17
C THR H 236 19.78 9.14 48.97
N HIS H 237 20.12 9.98 47.98
CA HIS H 237 20.77 9.48 46.77
C HIS H 237 22.17 10.02 46.46
N PRO H 238 23.21 9.23 46.75
CA PRO H 238 24.60 9.61 46.50
C PRO H 238 24.88 9.95 45.03
N GLU H 239 24.10 9.37 44.12
CA GLU H 239 24.31 9.62 42.70
C GLU H 239 23.76 10.97 42.22
N ILE H 240 23.07 11.68 43.11
CA ILE H 240 22.54 12.99 42.74
C ILE H 240 23.38 14.10 43.35
N ASP H 241 23.86 15.02 42.51
CA ASP H 241 24.69 16.13 42.96
C ASP H 241 23.87 17.38 43.31
N GLU H 242 22.73 17.54 42.66
CA GLU H 242 21.89 18.70 42.91
C GLU H 242 20.49 18.51 42.35
N ILE H 243 19.55 19.23 42.95
CA ILE H 243 18.17 19.18 42.51
C ILE H 243 17.66 20.62 42.49
N LYS H 244 17.02 20.98 41.39
CA LYS H 244 16.47 22.32 41.24
C LYS H 244 14.95 22.22 41.20
N MET H 245 14.29 23.14 41.89
CA MET H 245 12.84 23.13 41.90
C MET H 245 12.28 24.51 41.61
N SER H 246 11.13 24.53 40.95
CA SER H 246 10.45 25.76 40.61
C SER H 246 9.04 25.48 41.09
N LEU H 247 8.68 26.09 42.21
CA LEU H 247 7.37 25.87 42.80
C LEU H 247 6.50 27.11 42.84
N PRO H 248 5.36 27.09 42.11
CA PRO H 248 4.51 28.27 42.16
C PRO H 248 3.65 28.19 43.42
N ASN H 249 3.28 29.33 43.98
CA ASN H 249 2.42 29.30 45.16
C ASN H 249 1.07 29.65 44.54
N LYS H 250 0.27 28.62 44.27
CA LYS H 250 -1.05 28.79 43.66
C LYS H 250 -2.02 29.23 44.72
N HIS H 251 -2.25 30.54 44.77
CA HIS H 251 -3.10 31.14 45.77
C HIS H 251 -4.56 30.69 45.82
N HIS H 252 -4.97 30.29 47.02
CA HIS H 252 -6.34 29.89 47.27
C HIS H 252 -6.78 30.88 48.33
N PHE H 253 -7.45 31.95 47.89
CA PHE H 253 -7.90 33.00 48.79
C PHE H 253 -9.15 32.62 49.57
N LEU H 254 -9.09 32.85 50.89
CA LEU H 254 -10.20 32.57 51.78
C LEU H 254 -11.24 33.66 51.48
N VAL H 255 -12.37 33.27 50.91
CA VAL H 255 -13.40 34.23 50.55
C VAL H 255 -14.04 34.93 51.74
N ASP H 256 -14.24 36.24 51.61
CA ASP H 256 -14.88 37.00 52.67
C ASP H 256 -16.39 36.81 52.51
N LEU H 257 -16.98 36.07 53.44
CA LEU H 257 -18.41 35.82 53.37
C LEU H 257 -19.21 36.66 54.36
N GLN H 258 -18.53 37.50 55.12
CA GLN H 258 -19.21 38.32 56.10
C GLN H 258 -20.25 39.25 55.50
N PRO H 259 -20.00 39.76 54.27
CA PRO H 259 -21.00 40.65 53.65
C PRO H 259 -22.33 39.93 53.43
N PHE H 260 -22.30 38.60 53.44
CA PHE H 260 -23.49 37.77 53.23
C PHE H 260 -24.00 37.25 54.57
N GLY H 261 -23.40 37.72 55.66
CA GLY H 261 -23.81 37.30 56.99
C GLY H 261 -23.27 35.95 57.44
N GLN H 262 -22.20 35.49 56.81
CA GLN H 262 -21.61 34.20 57.15
C GLN H 262 -20.14 34.30 57.54
N ASP H 263 -19.68 33.31 58.29
CA ASP H 263 -18.26 33.27 58.67
C ASP H 263 -17.64 32.25 57.71
N ASN H 264 -16.32 32.17 57.68
CA ASN H 264 -15.62 31.23 56.80
C ASN H 264 -14.44 30.66 57.56
N PRO H 265 -14.66 29.59 58.32
CA PRO H 265 -13.63 28.90 59.11
C PRO H 265 -12.66 28.08 58.27
N ASN H 266 -12.00 28.75 57.34
CA ASN H 266 -11.02 28.11 56.46
C ASN H 266 -11.64 27.01 55.62
N GLU H 267 -12.82 27.27 55.04
CA GLU H 267 -13.49 26.24 54.24
C GLU H 267 -13.76 26.60 52.79
N VAL H 268 -14.09 27.87 52.53
CA VAL H 268 -14.41 28.29 51.15
C VAL H 268 -13.30 29.14 50.55
N PHE H 269 -12.73 28.66 49.44
CA PHE H 269 -11.64 29.35 48.78
C PHE H 269 -11.83 29.61 47.29
N TYR H 270 -11.21 30.70 46.84
CA TYR H 270 -11.23 31.09 45.43
C TYR H 270 -9.82 30.73 44.93
N ALA H 271 -9.73 29.84 43.94
CA ALA H 271 -8.44 29.45 43.42
C ALA H 271 -8.09 30.35 42.22
N ALA H 272 -7.25 31.33 42.46
CA ALA H 272 -6.84 32.28 41.41
C ALA H 272 -5.85 31.69 40.41
N ASP H 273 -5.95 32.14 39.16
CA ASP H 273 -5.06 31.68 38.10
C ASP H 273 -3.73 32.43 38.16
N ARG H 274 -3.81 33.75 38.06
CA ARG H 274 -2.64 34.62 38.10
C ARG H 274 -3.02 35.89 38.86
N PRO H 275 -2.04 36.54 39.51
CA PRO H 275 -0.62 36.14 39.54
C PRO H 275 -0.40 35.03 40.55
N TYR H 276 0.83 34.56 40.65
CA TYR H 276 1.16 33.51 41.59
C TYR H 276 2.59 33.70 42.08
N GLY H 277 2.86 33.25 43.30
CA GLY H 277 4.20 33.36 43.82
C GLY H 277 5.01 32.31 43.07
N LEU H 278 6.30 32.55 42.88
CA LEU H 278 7.16 31.60 42.21
C LEU H 278 8.46 31.52 42.98
N ILE H 279 8.64 30.41 43.68
CA ILE H 279 9.82 30.18 44.50
C ILE H 279 10.69 29.14 43.81
N GLU H 280 11.95 29.48 43.60
CA GLU H 280 12.87 28.58 42.92
C GLU H 280 14.19 28.49 43.65
N ALA H 281 14.79 27.31 43.66
CA ALA H 281 16.07 27.14 44.33
C ALA H 281 16.77 25.85 43.95
N THR H 282 18.07 25.86 44.19
CA THR H 282 18.91 24.72 43.91
C THR H 282 19.45 24.22 45.24
N ILE H 283 19.25 22.94 45.52
CA ILE H 283 19.74 22.32 46.74
C ILE H 283 20.86 21.44 46.23
N GLN H 284 22.08 21.64 46.73
CA GLN H 284 23.21 20.85 46.24
C GLN H 284 24.02 20.14 47.31
N ARG H 285 24.82 19.18 46.85
CA ARG H 285 25.71 18.43 47.71
C ARG H 285 26.85 19.42 47.90
N GLU H 286 27.25 19.68 49.14
CA GLU H 286 28.32 20.65 49.36
C GLU H 286 29.58 20.36 48.56
N GLY H 287 30.09 21.38 47.89
CA GLY H 287 31.30 21.21 47.11
C GLY H 287 31.10 20.82 45.66
N SER H 288 29.86 20.53 45.27
CA SER H 288 29.59 20.12 43.90
C SER H 288 29.60 21.31 42.94
N ARG H 289 29.76 21.02 41.66
CA ARG H 289 29.79 22.05 40.62
C ARG H 289 28.51 22.88 40.69
N ALA H 290 28.62 24.19 40.54
CA ALA H 290 27.45 25.05 40.61
C ALA H 290 26.96 25.59 39.28
N ASP H 291 27.72 25.38 38.21
CA ASP H 291 27.32 25.88 36.91
C ASP H 291 27.48 24.88 35.79
N HIS H 292 27.03 23.65 35.98
CA HIS H 292 27.16 22.66 34.92
C HIS H 292 26.45 23.18 33.68
N PRO H 293 27.07 23.05 32.50
CA PRO H 293 26.49 23.53 31.24
C PRO H 293 25.10 22.96 30.87
N ILE H 294 24.78 21.78 31.37
CA ILE H 294 23.50 21.17 31.05
C ILE H 294 22.29 22.00 31.48
N TRP H 295 22.47 22.90 32.43
CA TRP H 295 21.38 23.74 32.90
C TRP H 295 21.11 24.93 32.00
N SER H 296 22.04 25.23 31.09
CA SER H 296 21.88 26.36 30.18
C SER H 296 20.93 26.00 29.05
N ASN H 297 20.94 24.74 28.65
CA ASN H 297 20.07 24.23 27.59
C ASN H 297 20.39 24.87 26.23
#